data_5M1U
#
_entry.id   5M1U
#
_entity_poly.entity_id   1
_entity_poly.type   'polypeptide(L)'
_entity_poly.pdbx_seq_one_letter_code
;MAGTMTFQFRNPNFGGNPNNGAFLLNSAQAQNSYKDPSYNDDFGIETPSALDNFTQAIQSQILGGLLSNINTGKPGRMVT
NDYIVDIANRDGQLQLNVTDRKTGQTSTIQVSGLQNNSTDFHHHHHH
;
_entity_poly.pdbx_strand_id   A
#
# COMPACT_ATOMS: atom_id res chain seq x y z
N MET A 1 40.70 -16.22 -41.23
CA MET A 1 41.11 -14.89 -41.73
C MET A 1 40.40 -13.79 -40.96
N ALA A 2 39.07 -13.78 -41.03
CA ALA A 2 38.28 -12.76 -40.37
C ALA A 2 38.25 -12.98 -38.86
N GLY A 3 37.87 -11.94 -38.13
CA GLY A 3 37.81 -12.03 -36.69
C GLY A 3 36.44 -12.44 -36.20
N THR A 4 36.11 -13.72 -36.38
CA THR A 4 34.84 -14.24 -35.93
C THR A 4 34.80 -14.40 -34.41
N MET A 5 33.86 -13.70 -33.78
CA MET A 5 33.69 -13.70 -32.32
C MET A 5 34.89 -13.03 -31.63
N THR A 6 36.03 -13.73 -31.64
CA THR A 6 37.29 -13.32 -30.97
C THR A 6 37.11 -12.94 -29.49
N PHE A 7 36.39 -11.86 -29.21
CA PHE A 7 36.09 -11.49 -27.82
C PHE A 7 34.80 -12.16 -27.38
N GLN A 8 33.71 -11.84 -28.08
CA GLN A 8 32.40 -12.46 -27.82
C GLN A 8 31.94 -12.21 -26.38
N PHE A 9 32.39 -11.10 -25.80
CA PHE A 9 32.01 -10.77 -24.44
C PHE A 9 31.06 -9.59 -24.45
N ARG A 10 29.77 -9.88 -24.35
CA ARG A 10 28.74 -8.85 -24.29
C ARG A 10 27.88 -9.07 -23.06
N ASN A 11 26.83 -8.26 -22.91
CA ASN A 11 25.95 -8.31 -21.75
C ASN A 11 26.72 -7.97 -20.47
N PRO A 12 26.84 -6.67 -20.17
CA PRO A 12 27.55 -6.20 -18.99
C PRO A 12 26.69 -6.28 -17.73
N ASN A 13 27.26 -6.85 -16.67
CA ASN A 13 26.63 -6.93 -15.35
C ASN A 13 25.45 -7.90 -15.31
N PHE A 14 25.70 -9.06 -14.72
CA PHE A 14 24.64 -9.98 -14.34
C PHE A 14 24.20 -9.67 -12.92
N GLY A 15 22.92 -9.84 -12.64
CA GLY A 15 22.42 -9.58 -11.30
C GLY A 15 22.66 -10.74 -10.36
N GLY A 16 22.03 -11.87 -10.65
CA GLY A 16 22.17 -13.04 -9.81
C GLY A 16 20.86 -13.77 -9.65
N ASN A 17 20.87 -14.85 -8.88
CA ASN A 17 19.68 -15.65 -8.67
C ASN A 17 19.32 -15.72 -7.19
N PRO A 18 18.02 -15.70 -6.85
CA PRO A 18 17.56 -15.76 -5.48
C PRO A 18 17.30 -17.18 -5.00
N ASN A 19 17.44 -17.40 -3.71
CA ASN A 19 17.15 -18.70 -3.10
C ASN A 19 15.76 -18.66 -2.48
N ASN A 20 15.12 -19.81 -2.37
CA ASN A 20 13.77 -19.88 -1.82
C ASN A 20 13.69 -20.92 -0.72
N GLY A 21 12.70 -20.77 0.15
CA GLY A 21 12.52 -21.72 1.24
C GLY A 21 11.34 -22.64 0.99
N ALA A 22 10.74 -22.51 -0.20
CA ALA A 22 9.58 -23.30 -0.63
C ALA A 22 8.31 -22.85 0.11
N PHE A 23 8.36 -22.87 1.44
CA PHE A 23 7.24 -22.47 2.28
C PHE A 23 5.98 -23.27 1.95
N LEU A 24 6.14 -24.58 1.83
CA LEU A 24 5.01 -25.46 1.54
C LEU A 24 4.16 -25.71 2.78
N LEU A 25 4.64 -25.20 3.92
CA LEU A 25 3.92 -25.22 5.19
C LEU A 25 3.66 -26.64 5.70
N ASN A 26 3.11 -26.73 6.89
CA ASN A 26 2.72 -28.01 7.47
C ASN A 26 1.27 -27.94 7.91
N SER A 27 1.07 -27.40 9.10
CA SER A 27 -0.25 -27.23 9.69
C SER A 27 -0.14 -26.40 10.96
N ALA A 28 -1.03 -25.44 11.12
CA ALA A 28 -0.96 -24.55 12.28
C ALA A 28 -2.34 -24.29 12.86
N GLN A 29 -2.55 -24.71 14.09
CA GLN A 29 -3.82 -24.51 14.77
C GLN A 29 -3.64 -23.44 15.86
N ALA A 30 -2.48 -23.46 16.51
CA ALA A 30 -2.07 -22.44 17.49
C ALA A 30 -2.78 -22.60 18.83
N GLN A 31 -4.05 -22.97 18.79
CA GLN A 31 -4.92 -23.19 19.97
C GLN A 31 -4.80 -22.10 21.04
N ASN A 32 -3.81 -22.22 21.92
CA ASN A 32 -3.71 -21.34 23.09
C ASN A 32 -2.50 -20.43 22.96
N SER A 33 -2.69 -19.15 23.24
CA SER A 33 -1.60 -18.19 23.28
C SER A 33 -0.63 -18.56 24.40
N TYR A 34 -1.19 -18.75 25.61
CA TYR A 34 -0.45 -19.24 26.78
C TYR A 34 0.52 -18.20 27.34
N LYS A 35 0.96 -17.28 26.49
CA LYS A 35 1.91 -16.25 26.89
C LYS A 35 1.53 -14.93 26.25
N ASP A 36 0.23 -14.73 26.04
CA ASP A 36 -0.26 -13.50 25.41
C ASP A 36 0.10 -12.27 26.23
N PRO A 37 0.14 -11.09 25.58
CA PRO A 37 0.51 -9.82 26.22
C PRO A 37 -0.26 -9.53 27.51
N SER A 38 0.44 -8.94 28.47
CA SER A 38 -0.15 -8.56 29.74
C SER A 38 0.38 -7.20 30.14
N TYR A 39 -0.51 -6.33 30.61
CA TYR A 39 -0.15 -4.98 31.06
C TYR A 39 0.56 -4.23 29.94
N ASN A 40 -0.20 -3.90 28.90
CA ASN A 40 0.31 -3.16 27.73
C ASN A 40 1.39 -3.97 27.01
N ASP A 41 1.33 -5.28 27.19
CA ASP A 41 2.34 -6.22 26.66
C ASP A 41 3.70 -5.98 27.28
N ASP A 42 4.10 -6.87 28.17
CA ASP A 42 5.42 -6.81 28.76
C ASP A 42 6.42 -7.57 27.91
N PHE A 43 5.99 -8.73 27.42
CA PHE A 43 6.84 -9.57 26.58
C PHE A 43 6.01 -10.69 25.95
N GLY A 44 4.70 -10.51 25.93
CA GLY A 44 3.82 -11.57 25.50
C GLY A 44 3.88 -11.82 24.02
N ILE A 45 3.98 -10.74 23.27
CA ILE A 45 4.01 -10.82 21.82
C ILE A 45 5.39 -11.28 21.35
N GLU A 46 6.36 -11.16 22.23
CA GLU A 46 7.72 -11.53 21.92
C GLU A 46 8.05 -12.94 22.37
N THR A 47 7.02 -13.67 22.81
CA THR A 47 7.19 -15.07 23.19
C THR A 47 6.39 -15.97 22.26
N PRO A 48 6.98 -16.37 21.12
CA PRO A 48 6.30 -17.24 20.16
C PRO A 48 6.30 -18.69 20.62
N SER A 49 5.32 -19.04 21.45
CA SER A 49 5.19 -20.39 21.96
C SER A 49 4.40 -21.27 20.98
N ALA A 50 3.07 -21.16 21.03
CA ALA A 50 2.23 -21.98 20.18
C ALA A 50 1.89 -21.27 18.88
N LEU A 51 1.66 -19.96 18.96
CA LEU A 51 1.30 -19.14 17.80
C LEU A 51 2.46 -19.06 16.81
N ASP A 52 3.63 -19.47 17.25
CA ASP A 52 4.87 -19.37 16.48
C ASP A 52 4.71 -19.91 15.06
N ASN A 53 4.24 -21.15 14.95
CA ASN A 53 4.08 -21.78 13.64
C ASN A 53 2.94 -21.15 12.85
N PHE A 54 1.92 -20.66 13.56
CA PHE A 54 0.76 -20.06 12.92
C PHE A 54 1.15 -18.75 12.24
N THR A 55 1.94 -17.94 12.93
CA THR A 55 2.43 -16.68 12.39
C THR A 55 3.16 -16.87 11.06
N GLN A 56 3.90 -17.97 10.97
CA GLN A 56 4.74 -18.24 9.81
C GLN A 56 3.91 -18.78 8.65
N ALA A 57 2.86 -19.51 8.99
CA ALA A 57 1.92 -20.02 7.98
C ALA A 57 1.23 -18.86 7.28
N ILE A 58 1.15 -17.73 7.97
CA ILE A 58 0.52 -16.56 7.40
C ILE A 58 1.51 -15.74 6.58
N GLN A 59 2.71 -15.54 7.12
CA GLN A 59 3.73 -14.78 6.40
C GLN A 59 4.07 -15.43 5.07
N SER A 60 3.94 -16.75 5.00
CA SER A 60 4.20 -17.48 3.77
C SER A 60 3.16 -17.14 2.70
N GLN A 61 1.91 -16.97 3.11
CA GLN A 61 0.84 -16.67 2.15
C GLN A 61 0.80 -15.18 1.82
N ILE A 62 1.37 -14.37 2.70
CA ILE A 62 1.45 -12.92 2.47
C ILE A 62 2.36 -12.64 1.29
N LEU A 63 3.36 -13.50 1.10
CA LEU A 63 4.30 -13.38 -0.01
C LEU A 63 3.56 -13.40 -1.35
N GLY A 64 2.47 -14.13 -1.40
CA GLY A 64 1.65 -14.18 -2.60
C GLY A 64 0.85 -12.90 -2.78
N GLY A 65 0.31 -12.41 -1.66
CA GLY A 65 -0.45 -11.16 -1.70
C GLY A 65 0.40 -9.98 -2.10
N LEU A 66 1.70 -10.08 -1.86
CA LEU A 66 2.64 -9.03 -2.23
C LEU A 66 2.74 -8.90 -3.75
N LEU A 67 2.30 -9.93 -4.47
CA LEU A 67 2.31 -9.91 -5.93
C LEU A 67 1.06 -9.25 -6.47
N SER A 68 0.25 -8.70 -5.56
CA SER A 68 -0.98 -8.01 -5.93
C SER A 68 -1.02 -6.61 -5.33
N ASN A 69 -0.59 -6.50 -4.08
CA ASN A 69 -0.69 -5.23 -3.34
C ASN A 69 0.36 -4.22 -3.77
N ILE A 70 1.13 -4.53 -4.79
CA ILE A 70 2.11 -3.59 -5.32
C ILE A 70 1.54 -2.93 -6.58
N ASN A 71 0.46 -3.49 -7.09
CA ASN A 71 -0.18 -2.98 -8.29
C ASN A 71 -1.39 -2.11 -7.93
N THR A 72 -1.52 -1.83 -6.63
CA THR A 72 -2.60 -0.98 -6.13
C THR A 72 -2.17 0.50 -6.19
N GLY A 73 -2.90 1.35 -5.48
CA GLY A 73 -2.60 2.77 -5.50
C GLY A 73 -3.79 3.59 -5.96
N LYS A 74 -4.93 2.94 -6.11
CA LYS A 74 -6.16 3.62 -6.51
C LYS A 74 -6.51 4.74 -5.53
N PRO A 75 -7.15 5.81 -6.04
CA PRO A 75 -7.55 6.95 -5.20
C PRO A 75 -8.75 6.64 -4.31
N GLY A 76 -9.39 5.49 -4.56
CA GLY A 76 -10.55 5.11 -3.78
C GLY A 76 -10.17 4.42 -2.48
N ARG A 77 -9.37 5.10 -1.68
CA ARG A 77 -8.92 4.58 -0.40
C ARG A 77 -9.64 5.30 0.73
N MET A 78 -9.28 4.97 1.96
CA MET A 78 -9.87 5.62 3.12
C MET A 78 -8.79 6.28 3.97
N VAL A 79 -8.85 7.60 4.06
CA VAL A 79 -7.87 8.35 4.84
C VAL A 79 -8.26 8.41 6.30
N THR A 80 -7.67 7.53 7.08
CA THR A 80 -7.90 7.48 8.51
C THR A 80 -6.61 7.84 9.24
N ASN A 81 -6.72 8.46 10.40
CA ASN A 81 -5.56 9.04 11.08
C ASN A 81 -4.66 7.96 11.69
N ASP A 82 -5.22 7.17 12.60
CA ASP A 82 -4.42 6.18 13.33
C ASP A 82 -4.24 4.90 12.52
N TYR A 83 -5.03 4.76 11.47
CA TYR A 83 -4.99 3.56 10.64
C TYR A 83 -4.97 3.94 9.17
N ILE A 84 -3.94 3.51 8.45
CA ILE A 84 -3.87 3.72 7.02
C ILE A 84 -4.69 2.65 6.32
N VAL A 85 -5.89 3.02 5.89
CA VAL A 85 -6.80 2.08 5.27
C VAL A 85 -6.69 2.15 3.74
N ASP A 86 -5.87 1.27 3.18
CA ASP A 86 -5.70 1.22 1.75
C ASP A 86 -6.57 0.10 1.17
N ILE A 87 -7.54 0.48 0.36
CA ILE A 87 -8.49 -0.47 -0.17
C ILE A 87 -7.91 -1.17 -1.40
N ALA A 88 -7.32 -2.34 -1.16
CA ALA A 88 -6.68 -3.10 -2.22
C ALA A 88 -7.66 -4.03 -2.90
N ASN A 89 -8.53 -3.47 -3.73
CA ASN A 89 -9.42 -4.27 -4.54
C ASN A 89 -8.73 -4.58 -5.86
N ARG A 90 -8.06 -5.72 -5.90
CA ARG A 90 -7.33 -6.14 -7.08
C ARG A 90 -7.65 -7.60 -7.39
N ASP A 91 -7.50 -7.96 -8.67
CA ASP A 91 -7.73 -9.32 -9.15
C ASP A 91 -9.21 -9.68 -9.10
N GLY A 92 -9.76 -9.80 -7.90
CA GLY A 92 -11.17 -10.11 -7.75
C GLY A 92 -11.60 -10.26 -6.32
N GLN A 93 -10.86 -9.66 -5.39
CA GLN A 93 -11.22 -9.73 -3.97
C GLN A 93 -11.02 -8.37 -3.33
N LEU A 94 -11.78 -8.10 -2.28
CA LEU A 94 -11.64 -6.87 -1.52
C LEU A 94 -10.63 -7.07 -0.40
N GLN A 95 -9.39 -6.72 -0.65
CA GLN A 95 -8.34 -6.89 0.34
C GLN A 95 -8.13 -5.58 1.08
N LEU A 96 -8.54 -5.54 2.34
CA LEU A 96 -8.45 -4.34 3.14
C LEU A 96 -7.11 -4.29 3.86
N ASN A 97 -6.16 -3.55 3.31
CA ASN A 97 -4.83 -3.45 3.91
C ASN A 97 -4.78 -2.27 4.88
N VAL A 98 -5.03 -2.57 6.15
CA VAL A 98 -4.98 -1.55 7.18
C VAL A 98 -3.60 -1.52 7.82
N THR A 99 -2.92 -0.42 7.63
CA THR A 99 -1.61 -0.22 8.22
C THR A 99 -1.70 0.70 9.42
N ASP A 100 -1.53 0.15 10.62
CA ASP A 100 -1.60 0.95 11.84
C ASP A 100 -0.50 2.01 11.86
N ARG A 101 -0.84 3.20 12.35
CA ARG A 101 0.09 4.32 12.38
C ARG A 101 0.87 4.33 13.70
N LYS A 102 0.27 3.77 14.74
CA LYS A 102 0.85 3.82 16.08
C LYS A 102 2.09 2.94 16.17
N THR A 103 1.90 1.63 16.12
CA THR A 103 2.99 0.68 16.21
C THR A 103 3.39 0.22 14.81
N GLY A 104 2.42 0.25 13.90
CA GLY A 104 2.68 -0.10 12.53
C GLY A 104 2.62 -1.59 12.29
N GLN A 105 1.41 -2.10 12.16
CA GLN A 105 1.19 -3.50 11.82
C GLN A 105 0.30 -3.59 10.59
N THR A 106 0.57 -4.57 9.75
CA THR A 106 -0.18 -4.74 8.52
C THR A 106 -1.39 -5.63 8.76
N SER A 107 -2.53 -5.01 8.99
CA SER A 107 -3.77 -5.73 9.17
C SER A 107 -4.43 -5.96 7.82
N THR A 108 -3.96 -6.97 7.10
CA THR A 108 -4.49 -7.29 5.80
C THR A 108 -5.76 -8.14 5.92
N ILE A 109 -6.90 -7.49 5.74
CA ILE A 109 -8.18 -8.16 5.86
C ILE A 109 -8.73 -8.51 4.48
N GLN A 110 -8.42 -9.70 4.01
CA GLN A 110 -8.97 -10.18 2.75
C GLN A 110 -10.44 -10.51 2.93
N VAL A 111 -11.31 -9.68 2.38
CA VAL A 111 -12.74 -9.93 2.44
C VAL A 111 -13.13 -11.00 1.43
N SER A 112 -13.38 -12.19 1.94
CA SER A 112 -13.72 -13.33 1.09
C SER A 112 -14.68 -14.26 1.81
N GLY A 113 -15.81 -14.53 1.17
CA GLY A 113 -16.76 -15.47 1.72
C GLY A 113 -17.83 -14.82 2.56
N LEU A 114 -18.50 -13.82 2.02
CA LEU A 114 -19.61 -13.19 2.69
C LEU A 114 -20.92 -13.60 2.04
N GLN A 115 -21.20 -13.02 0.87
CA GLN A 115 -22.40 -13.32 0.08
C GLN A 115 -23.66 -12.87 0.80
N ASN A 116 -23.49 -12.03 1.82
CA ASN A 116 -24.61 -11.42 2.51
C ASN A 116 -24.80 -10.00 2.01
N ASN A 117 -25.67 -9.85 1.02
CA ASN A 117 -25.90 -8.55 0.40
C ASN A 117 -27.24 -7.98 0.86
N SER A 118 -27.18 -7.05 1.78
CA SER A 118 -28.38 -6.35 2.21
C SER A 118 -28.68 -5.22 1.24
N THR A 119 -29.64 -5.45 0.35
CA THR A 119 -29.99 -4.47 -0.67
C THR A 119 -30.40 -3.15 -0.03
N ASP A 120 -29.68 -2.10 -0.36
CA ASP A 120 -29.91 -0.79 0.21
C ASP A 120 -30.24 0.22 -0.89
N PHE A 121 -31.46 0.75 -0.86
CA PHE A 121 -31.88 1.75 -1.82
C PHE A 121 -32.72 2.82 -1.15
N HIS A 122 -32.07 3.92 -0.76
CA HIS A 122 -32.75 5.08 -0.18
C HIS A 122 -33.41 4.73 1.16
N HIS A 123 -34.24 5.64 1.66
CA HIS A 123 -35.00 5.43 2.89
C HIS A 123 -34.06 5.15 4.06
N HIS A 124 -33.02 5.97 4.18
CA HIS A 124 -32.01 5.79 5.23
C HIS A 124 -32.47 6.44 6.53
N HIS A 125 -33.72 6.83 6.59
CA HIS A 125 -34.29 7.39 7.80
C HIS A 125 -35.71 6.85 8.00
N HIS A 126 -35.86 6.00 9.00
CA HIS A 126 -37.16 5.47 9.37
C HIS A 126 -37.23 5.23 10.87
N HIS A 127 -38.36 5.57 11.46
CA HIS A 127 -38.53 5.47 12.90
C HIS A 127 -39.75 4.62 13.21
N MET A 1 -7.05 64.96 16.08
CA MET A 1 -5.91 64.02 16.02
C MET A 1 -6.18 62.94 14.97
N ALA A 2 -5.12 62.40 14.40
CA ALA A 2 -5.25 61.41 13.33
C ALA A 2 -5.05 60.00 13.86
N GLY A 3 -5.85 59.08 13.35
CA GLY A 3 -5.72 57.67 13.72
C GLY A 3 -5.82 56.79 12.50
N THR A 4 -4.72 56.64 11.80
CA THR A 4 -4.70 55.87 10.56
C THR A 4 -4.15 54.47 10.79
N MET A 5 -3.58 54.25 11.96
CA MET A 5 -2.94 52.98 12.31
C MET A 5 -1.82 52.66 11.32
N THR A 6 -1.34 51.42 11.36
CA THR A 6 -0.33 50.99 10.40
C THR A 6 -0.60 49.54 9.98
N PHE A 7 -0.23 48.60 10.85
CA PHE A 7 -0.38 47.16 10.59
C PHE A 7 0.51 46.71 9.42
N GLN A 8 1.49 45.87 9.74
CA GLN A 8 2.44 45.41 8.74
C GLN A 8 2.24 43.92 8.43
N PHE A 9 1.81 43.63 7.22
CA PHE A 9 1.58 42.25 6.82
C PHE A 9 2.48 41.89 5.64
N ARG A 10 3.59 41.21 5.93
CA ARG A 10 4.46 40.69 4.88
C ARG A 10 4.39 39.17 4.86
N ASN A 11 3.87 38.60 5.96
CA ASN A 11 3.74 37.14 6.12
C ASN A 11 5.10 36.49 6.36
N PRO A 12 5.12 35.30 7.00
CA PRO A 12 6.36 34.60 7.35
C PRO A 12 7.28 34.34 6.15
N ASN A 13 6.68 33.90 5.04
CA ASN A 13 7.41 33.58 3.81
C ASN A 13 8.22 32.28 3.98
N PHE A 14 8.49 31.61 2.87
CA PHE A 14 9.22 30.33 2.88
C PHE A 14 8.42 29.24 3.60
N GLY A 15 9.05 28.08 3.74
CA GLY A 15 8.45 26.97 4.46
C GLY A 15 9.46 25.90 4.77
N GLY A 16 10.67 26.33 5.13
CA GLY A 16 11.74 25.40 5.38
C GLY A 16 12.80 25.48 4.31
N ASN A 17 14.04 25.18 4.69
CA ASN A 17 15.15 25.22 3.75
C ASN A 17 15.40 23.83 3.17
N PRO A 18 15.93 23.75 1.94
CA PRO A 18 16.23 22.48 1.30
C PRO A 18 17.50 21.84 1.86
N ASN A 19 17.39 21.30 3.06
CA ASN A 19 18.53 20.70 3.75
C ASN A 19 18.57 19.20 3.53
N ASN A 20 19.33 18.51 4.39
CA ASN A 20 19.49 17.05 4.38
C ASN A 20 19.71 16.47 2.98
N GLY A 21 20.98 16.41 2.59
CA GLY A 21 21.34 15.75 1.35
C GLY A 21 21.09 14.26 1.43
N ALA A 22 21.19 13.74 2.66
CA ALA A 22 20.85 12.35 2.99
C ALA A 22 21.92 11.37 2.52
N PHE A 23 22.18 11.36 1.21
CA PHE A 23 23.14 10.43 0.60
C PHE A 23 22.63 8.99 0.68
N LEU A 24 22.02 8.54 -0.41
CA LEU A 24 21.43 7.20 -0.46
C LEU A 24 22.29 6.27 -1.33
N LEU A 25 21.78 5.05 -1.52
CA LEU A 25 22.45 4.03 -2.33
C LEU A 25 23.83 3.71 -1.81
N ASN A 26 23.87 3.02 -0.67
CA ASN A 26 25.13 2.54 -0.10
C ASN A 26 25.04 1.04 0.09
N SER A 27 25.44 0.29 -0.94
CA SER A 27 25.34 -1.15 -0.91
C SER A 27 26.37 -1.75 0.05
N ALA A 28 25.94 -1.97 1.28
CA ALA A 28 26.78 -2.58 2.29
C ALA A 28 26.63 -4.09 2.23
N GLN A 29 27.70 -4.80 2.58
CA GLN A 29 27.73 -6.25 2.45
C GLN A 29 27.09 -6.94 3.66
N ALA A 30 25.89 -6.53 3.99
CA ALA A 30 25.15 -7.13 5.09
C ALA A 30 24.41 -8.37 4.60
N GLN A 31 23.92 -8.31 3.36
CA GLN A 31 23.24 -9.42 2.71
C GLN A 31 21.95 -9.78 3.43
N ASN A 32 21.37 -10.93 3.08
CA ASN A 32 20.10 -11.40 3.62
C ASN A 32 18.93 -10.60 3.06
N SER A 33 17.72 -11.08 3.29
CA SER A 33 16.53 -10.50 2.67
C SER A 33 15.98 -9.32 3.48
N TYR A 34 16.29 -9.27 4.76
CA TYR A 34 15.71 -8.25 5.61
C TYR A 34 16.77 -7.57 6.47
N LYS A 35 17.12 -6.36 6.10
CA LYS A 35 18.02 -5.53 6.88
C LYS A 35 17.43 -4.14 7.04
N ASP A 36 16.97 -3.82 8.24
CA ASP A 36 16.26 -2.59 8.50
C ASP A 36 16.68 -2.01 9.84
N PRO A 37 16.34 -0.73 10.13
CA PRO A 37 16.63 -0.12 11.43
C PRO A 37 15.91 -0.85 12.57
N SER A 38 14.78 -1.48 12.21
CA SER A 38 13.94 -2.21 13.16
C SER A 38 13.26 -1.25 14.14
N TYR A 39 14.03 -0.74 15.08
CA TYR A 39 13.54 0.23 16.05
C TYR A 39 14.63 1.25 16.36
N ASN A 40 14.24 2.34 17.01
CA ASN A 40 15.17 3.40 17.43
C ASN A 40 15.68 4.16 16.21
N ASP A 41 14.95 5.22 15.87
CA ASP A 41 15.23 6.04 14.68
C ASP A 41 15.08 5.21 13.41
N ASP A 42 13.89 5.25 12.84
CA ASP A 42 13.52 4.41 11.71
C ASP A 42 13.97 5.04 10.39
N PHE A 43 15.05 5.80 10.43
CA PHE A 43 15.55 6.50 9.25
C PHE A 43 16.04 5.51 8.19
N GLY A 44 16.42 4.32 8.64
CA GLY A 44 17.03 3.33 7.77
C GLY A 44 16.07 2.82 6.70
N ILE A 45 14.78 3.06 6.89
CA ILE A 45 13.77 2.63 5.93
C ILE A 45 13.95 3.36 4.59
N GLU A 46 14.54 4.54 4.65
CA GLU A 46 14.71 5.37 3.47
C GLU A 46 16.18 5.48 3.08
N THR A 47 17.02 4.64 3.68
CA THR A 47 18.44 4.65 3.37
C THR A 47 18.91 3.26 2.95
N PRO A 48 18.80 2.94 1.65
CA PRO A 48 19.16 1.63 1.12
C PRO A 48 20.61 1.26 1.41
N SER A 49 20.81 0.45 2.44
CA SER A 49 22.13 -0.04 2.80
C SER A 49 22.28 -1.50 2.38
N ALA A 50 21.27 -2.31 2.71
CA ALA A 50 21.24 -3.70 2.28
C ALA A 50 19.88 -4.04 1.68
N LEU A 51 18.98 -3.06 1.71
CA LEU A 51 17.63 -3.25 1.20
C LEU A 51 17.54 -2.76 -0.24
N ASP A 52 18.65 -2.28 -0.77
CA ASP A 52 18.72 -1.81 -2.15
C ASP A 52 18.57 -2.99 -3.10
N ASN A 53 19.22 -4.10 -2.75
CA ASN A 53 19.13 -5.33 -3.52
C ASN A 53 17.69 -5.85 -3.50
N PHE A 54 16.99 -5.58 -2.41
CA PHE A 54 15.64 -6.07 -2.22
C PHE A 54 14.62 -5.17 -2.92
N THR A 55 14.69 -3.87 -2.65
CA THR A 55 13.67 -2.94 -3.16
C THR A 55 13.76 -2.76 -4.67
N GLN A 56 14.94 -2.97 -5.25
CA GLN A 56 15.10 -2.86 -6.70
C GLN A 56 14.55 -4.10 -7.38
N ALA A 57 14.42 -5.18 -6.62
CA ALA A 57 13.79 -6.40 -7.13
C ALA A 57 12.28 -6.26 -7.09
N ILE A 58 11.81 -5.31 -6.28
CA ILE A 58 10.39 -5.04 -6.19
C ILE A 58 9.92 -4.26 -7.40
N GLN A 59 10.80 -3.42 -7.94
CA GLN A 59 10.47 -2.62 -9.11
C GLN A 59 10.15 -3.51 -10.31
N SER A 60 10.73 -4.71 -10.32
CA SER A 60 10.52 -5.65 -11.39
C SER A 60 9.15 -6.31 -11.27
N GLN A 61 8.79 -6.68 -10.04
CA GLN A 61 7.55 -7.45 -9.81
C GLN A 61 6.31 -6.57 -9.93
N ILE A 62 6.51 -5.28 -10.14
CA ILE A 62 5.41 -4.36 -10.39
C ILE A 62 4.75 -4.70 -11.73
N LEU A 63 5.47 -5.44 -12.57
CA LEU A 63 4.98 -5.82 -13.89
C LEU A 63 3.73 -6.70 -13.79
N GLY A 64 3.53 -7.31 -12.62
CA GLY A 64 2.34 -8.10 -12.39
C GLY A 64 1.17 -7.22 -12.02
N GLY A 65 1.46 -6.10 -11.38
CA GLY A 65 0.43 -5.14 -11.06
C GLY A 65 -0.08 -4.46 -12.31
N LEU A 66 0.77 -4.41 -13.33
CA LEU A 66 0.39 -3.85 -14.61
C LEU A 66 -0.59 -4.77 -15.33
N LEU A 67 -0.84 -5.93 -14.73
CA LEU A 67 -1.78 -6.89 -15.29
C LEU A 67 -3.05 -6.97 -14.44
N SER A 68 -2.92 -7.47 -13.21
CA SER A 68 -4.08 -7.77 -12.38
C SER A 68 -4.39 -6.66 -11.37
N ASN A 69 -3.83 -5.48 -11.57
CA ASN A 69 -4.10 -4.37 -10.68
C ASN A 69 -4.49 -3.12 -11.47
N ILE A 70 -4.93 -3.36 -12.71
CA ILE A 70 -5.38 -2.27 -13.59
C ILE A 70 -6.88 -2.10 -13.44
N ASN A 71 -7.49 -3.03 -12.70
CA ASN A 71 -8.92 -3.00 -12.40
C ASN A 71 -9.31 -1.64 -11.83
N THR A 72 -8.72 -1.29 -10.68
CA THR A 72 -8.89 0.01 -10.03
C THR A 72 -10.36 0.40 -9.85
N GLY A 73 -11.24 -0.59 -9.80
CA GLY A 73 -12.66 -0.32 -9.66
C GLY A 73 -13.05 0.08 -8.26
N LYS A 74 -12.20 -0.25 -7.29
CA LYS A 74 -12.46 0.08 -5.89
C LYS A 74 -12.67 1.59 -5.69
N PRO A 75 -13.48 1.96 -4.68
CA PRO A 75 -13.81 3.37 -4.39
C PRO A 75 -12.64 4.14 -3.78
N GLY A 76 -11.55 3.45 -3.49
CA GLY A 76 -10.38 4.11 -2.94
C GLY A 76 -10.00 3.54 -1.59
N ARG A 77 -10.10 4.37 -0.56
CA ARG A 77 -9.73 3.95 0.79
C ARG A 77 -10.82 4.35 1.78
N MET A 78 -10.58 4.10 3.05
CA MET A 78 -11.46 4.57 4.11
C MET A 78 -10.71 5.55 4.99
N VAL A 79 -11.16 6.80 5.01
CA VAL A 79 -10.51 7.84 5.80
C VAL A 79 -10.66 7.58 7.30
N THR A 80 -9.59 7.09 7.91
CA THR A 80 -9.55 6.87 9.33
C THR A 80 -8.66 7.90 10.03
N ASN A 81 -8.75 7.97 11.36
CA ASN A 81 -8.04 8.98 12.14
C ASN A 81 -6.52 8.84 12.03
N ASP A 82 -5.97 7.82 12.68
CA ASP A 82 -4.52 7.61 12.67
C ASP A 82 -4.20 6.23 12.09
N TYR A 83 -5.04 5.81 11.16
CA TYR A 83 -4.86 4.54 10.47
C TYR A 83 -4.85 4.75 8.97
N ILE A 84 -4.02 3.98 8.28
CA ILE A 84 -3.99 4.01 6.83
C ILE A 84 -4.60 2.73 6.28
N VAL A 85 -5.85 2.82 5.86
CA VAL A 85 -6.56 1.66 5.36
C VAL A 85 -7.10 1.90 3.96
N ASP A 86 -6.53 1.21 2.99
CA ASP A 86 -6.93 1.35 1.60
C ASP A 86 -7.63 0.10 1.13
N ILE A 87 -8.64 0.26 0.28
CA ILE A 87 -9.38 -0.87 -0.24
C ILE A 87 -8.69 -1.42 -1.49
N ALA A 88 -7.92 -2.47 -1.30
CA ALA A 88 -7.16 -3.05 -2.39
C ALA A 88 -7.98 -4.08 -3.14
N ASN A 89 -8.70 -3.63 -4.17
CA ASN A 89 -9.38 -4.54 -5.05
C ASN A 89 -8.41 -5.00 -6.14
N ARG A 90 -7.54 -5.92 -5.75
CA ARG A 90 -6.53 -6.45 -6.64
C ARG A 90 -6.96 -7.82 -7.13
N ASP A 91 -6.63 -8.13 -8.39
CA ASP A 91 -7.02 -9.40 -9.01
C ASP A 91 -8.53 -9.44 -9.25
N GLY A 92 -9.29 -9.49 -8.16
CA GLY A 92 -10.73 -9.49 -8.24
C GLY A 92 -11.35 -9.74 -6.88
N GLN A 93 -10.67 -9.28 -5.85
CA GLN A 93 -11.12 -9.48 -4.47
C GLN A 93 -10.95 -8.20 -3.68
N LEU A 94 -11.81 -8.00 -2.69
CA LEU A 94 -11.72 -6.82 -1.83
C LEU A 94 -10.80 -7.10 -0.65
N GLN A 95 -9.58 -6.60 -0.73
CA GLN A 95 -8.62 -6.77 0.35
C GLN A 95 -8.47 -5.46 1.12
N LEU A 96 -8.74 -5.52 2.41
CA LEU A 96 -8.68 -4.35 3.25
C LEU A 96 -7.41 -4.36 4.10
N ASN A 97 -6.43 -3.57 3.70
CA ASN A 97 -5.15 -3.53 4.40
C ASN A 97 -5.10 -2.37 5.39
N VAL A 98 -5.01 -2.70 6.67
CA VAL A 98 -4.92 -1.70 7.72
C VAL A 98 -3.48 -1.51 8.17
N THR A 99 -2.93 -0.36 7.86
CA THR A 99 -1.58 -0.02 8.27
C THR A 99 -1.61 0.84 9.54
N ASP A 100 -1.16 0.26 10.64
CA ASP A 100 -1.11 0.96 11.92
C ASP A 100 -0.01 2.02 11.89
N ARG A 101 -0.36 3.26 12.18
CA ARG A 101 0.60 4.35 12.11
C ARG A 101 1.43 4.42 13.40
N LYS A 102 0.84 3.98 14.51
CA LYS A 102 1.49 4.10 15.80
C LYS A 102 2.42 2.93 16.05
N THR A 103 1.85 1.74 16.01
CA THR A 103 2.57 0.52 16.36
C THR A 103 3.28 -0.06 15.15
N GLY A 104 2.77 0.25 13.97
CA GLY A 104 3.38 -0.20 12.74
C GLY A 104 3.14 -1.68 12.46
N GLN A 105 1.91 -2.00 12.15
CA GLN A 105 1.51 -3.35 11.78
C GLN A 105 0.57 -3.29 10.58
N THR A 106 0.67 -4.25 9.69
CA THR A 106 -0.20 -4.28 8.52
C THR A 106 -1.20 -5.43 8.62
N SER A 107 -2.38 -5.13 9.14
CA SER A 107 -3.42 -6.12 9.29
C SER A 107 -4.24 -6.20 8.02
N THR A 108 -4.14 -7.33 7.33
CA THR A 108 -4.81 -7.49 6.06
C THR A 108 -6.06 -8.36 6.20
N ILE A 109 -7.21 -7.74 6.03
CA ILE A 109 -8.47 -8.46 6.09
C ILE A 109 -9.07 -8.58 4.70
N GLN A 110 -9.07 -9.78 4.15
CA GLN A 110 -9.61 -10.01 2.82
C GLN A 110 -11.07 -10.38 2.86
N VAL A 111 -11.76 -10.09 1.76
CA VAL A 111 -13.18 -10.36 1.63
C VAL A 111 -13.51 -11.83 1.90
N SER A 112 -14.19 -12.04 3.02
CA SER A 112 -14.63 -13.37 3.40
C SER A 112 -16.07 -13.29 3.88
N GLY A 113 -16.90 -14.23 3.47
CA GLY A 113 -18.30 -14.19 3.86
C GLY A 113 -19.13 -15.25 3.17
N LEU A 114 -19.96 -14.83 2.25
CA LEU A 114 -20.90 -15.76 1.61
C LEU A 114 -20.37 -16.24 0.27
N GLN A 115 -19.47 -17.21 0.33
CA GLN A 115 -18.91 -17.81 -0.89
C GLN A 115 -19.29 -19.28 -0.97
N ASN A 116 -19.84 -19.80 0.12
CA ASN A 116 -20.25 -21.20 0.17
C ASN A 116 -21.77 -21.32 0.26
N ASN A 117 -22.27 -22.53 0.17
CA ASN A 117 -23.71 -22.77 0.20
C ASN A 117 -24.13 -23.44 1.51
N SER A 118 -25.20 -22.92 2.10
CA SER A 118 -25.78 -23.52 3.29
C SER A 118 -26.79 -24.60 2.90
N THR A 119 -26.46 -25.86 3.20
CA THR A 119 -27.35 -26.97 2.92
C THR A 119 -28.09 -27.38 4.19
N ASP A 120 -29.40 -27.16 4.20
CA ASP A 120 -30.22 -27.47 5.38
C ASP A 120 -30.75 -28.89 5.29
N PHE A 121 -29.88 -29.86 5.52
CA PHE A 121 -30.27 -31.26 5.48
C PHE A 121 -29.43 -32.08 6.44
N HIS A 122 -30.09 -32.79 7.33
CA HIS A 122 -29.42 -33.66 8.28
C HIS A 122 -30.26 -34.90 8.52
N HIS A 123 -29.77 -36.06 8.11
CA HIS A 123 -30.45 -37.32 8.36
C HIS A 123 -30.44 -37.61 9.87
N HIS A 124 -31.56 -38.11 10.39
CA HIS A 124 -31.68 -38.35 11.82
C HIS A 124 -30.77 -39.47 12.29
N HIS A 125 -29.85 -39.12 13.17
CA HIS A 125 -28.97 -40.10 13.80
C HIS A 125 -29.16 -40.05 15.30
N HIS A 126 -29.38 -41.21 15.92
CA HIS A 126 -29.58 -41.28 17.36
C HIS A 126 -28.24 -41.06 18.07
N HIS A 127 -28.32 -40.62 19.33
CA HIS A 127 -27.14 -40.20 20.11
C HIS A 127 -26.66 -38.83 19.64
N MET A 1 -7.55 73.19 38.86
CA MET A 1 -7.76 74.35 37.95
C MET A 1 -7.70 73.92 36.48
N ALA A 2 -7.24 72.69 36.25
CA ALA A 2 -7.18 72.11 34.91
C ALA A 2 -6.18 72.84 34.02
N GLY A 3 -6.22 72.55 32.73
CA GLY A 3 -5.29 73.15 31.81
C GLY A 3 -4.45 72.11 31.09
N THR A 4 -4.45 70.89 31.62
CA THR A 4 -3.69 69.79 31.06
C THR A 4 -4.35 69.28 29.77
N MET A 5 -4.03 69.94 28.66
CA MET A 5 -4.47 69.50 27.35
C MET A 5 -3.27 69.42 26.43
N THR A 6 -2.67 68.24 26.34
CA THR A 6 -1.47 68.07 25.56
C THR A 6 -1.77 67.57 24.15
N PHE A 7 -2.99 67.06 23.97
CA PHE A 7 -3.43 66.46 22.71
C PHE A 7 -2.67 65.17 22.43
N GLN A 8 -1.34 65.26 22.36
CA GLN A 8 -0.44 64.12 22.26
C GLN A 8 -0.50 63.47 20.87
N PHE A 9 -1.66 62.93 20.51
CA PHE A 9 -1.85 62.18 19.26
C PHE A 9 -0.95 60.95 19.25
N ARG A 10 -0.90 60.28 18.11
CA ARG A 10 -0.01 59.14 17.94
C ARG A 10 0.46 59.04 16.50
N ASN A 11 -0.47 59.22 15.56
CA ASN A 11 -0.17 59.22 14.12
C ASN A 11 0.23 57.84 13.62
N PRO A 12 -0.12 57.50 12.36
CA PRO A 12 0.28 56.24 11.74
C PRO A 12 1.77 56.19 11.48
N ASN A 13 2.29 57.29 10.91
CA ASN A 13 3.72 57.44 10.60
C ASN A 13 4.19 56.50 9.50
N PHE A 14 4.69 57.09 8.42
CA PHE A 14 5.24 56.34 7.29
C PHE A 14 4.16 55.65 6.48
N GLY A 15 4.11 56.00 5.20
CA GLY A 15 3.21 55.36 4.26
C GLY A 15 3.89 55.16 2.93
N GLY A 16 3.11 54.86 1.90
CA GLY A 16 3.69 54.72 0.57
C GLY A 16 3.21 53.46 -0.12
N ASN A 17 3.60 53.32 -1.38
CA ASN A 17 3.20 52.16 -2.17
C ASN A 17 4.37 51.21 -2.36
N PRO A 18 4.09 49.90 -2.36
CA PRO A 18 5.14 48.88 -2.55
C PRO A 18 5.60 48.80 -4.00
N ASN A 19 6.90 48.90 -4.21
CA ASN A 19 7.48 48.75 -5.54
C ASN A 19 7.84 47.31 -5.79
N ASN A 20 6.98 46.62 -6.55
CA ASN A 20 7.16 45.20 -6.81
C ASN A 20 7.43 44.95 -8.29
N GLY A 21 8.59 44.41 -8.59
CA GLY A 21 8.96 44.14 -9.96
C GLY A 21 8.60 42.73 -10.37
N ALA A 22 8.45 42.52 -11.67
CA ALA A 22 8.11 41.20 -12.20
C ALA A 22 9.34 40.30 -12.22
N PHE A 23 9.13 39.03 -11.92
CA PHE A 23 10.19 38.05 -11.92
C PHE A 23 9.83 36.90 -12.86
N LEU A 24 10.59 36.75 -13.94
CA LEU A 24 10.29 35.74 -14.94
C LEU A 24 11.52 34.91 -15.28
N LEU A 25 11.33 33.59 -15.31
CA LEU A 25 12.33 32.61 -15.74
C LEU A 25 13.68 32.72 -15.01
N ASN A 26 14.61 31.84 -15.38
CA ASN A 26 15.96 31.81 -14.81
C ASN A 26 16.79 30.78 -15.58
N SER A 27 17.89 31.23 -16.16
CA SER A 27 18.77 30.36 -16.92
C SER A 27 19.46 29.37 -15.99
N ALA A 28 19.18 28.09 -16.17
CA ALA A 28 19.73 27.06 -15.29
C ALA A 28 20.06 25.79 -16.06
N GLN A 29 21.34 25.46 -16.12
CA GLN A 29 21.79 24.23 -16.75
C GLN A 29 22.13 23.20 -15.67
N ALA A 30 21.10 22.59 -15.10
CA ALA A 30 21.28 21.64 -14.02
C ALA A 30 20.22 20.54 -14.07
N GLN A 31 20.68 19.30 -14.27
CA GLN A 31 19.81 18.10 -14.36
C GLN A 31 18.58 18.35 -15.21
N ASN A 32 18.77 19.09 -16.29
CA ASN A 32 17.71 19.39 -17.24
C ASN A 32 18.10 18.88 -18.63
N SER A 33 17.21 19.08 -19.61
CA SER A 33 17.43 18.67 -21.00
C SER A 33 17.36 17.14 -21.15
N TYR A 34 18.05 16.42 -20.27
CA TYR A 34 18.01 14.96 -20.30
C TYR A 34 17.67 14.39 -18.94
N LYS A 35 16.45 13.89 -18.84
CA LYS A 35 16.00 13.20 -17.64
C LYS A 35 15.54 11.80 -18.06
N ASP A 36 15.15 10.97 -17.09
CA ASP A 36 14.76 9.59 -17.39
C ASP A 36 13.48 9.56 -18.23
N PRO A 37 13.40 8.58 -19.15
CA PRO A 37 12.27 8.43 -20.10
C PRO A 37 10.90 8.48 -19.44
N SER A 38 9.92 8.99 -20.19
CA SER A 38 8.56 9.13 -19.69
C SER A 38 7.53 8.64 -20.72
N TYR A 39 7.90 8.63 -22.00
CA TYR A 39 6.96 8.27 -23.07
C TYR A 39 7.34 6.96 -23.73
N ASN A 40 7.48 5.92 -22.92
CA ASN A 40 7.84 4.58 -23.38
C ASN A 40 9.14 4.61 -24.20
N ASP A 41 10.27 4.66 -23.49
CA ASP A 41 11.60 4.68 -24.11
C ASP A 41 11.85 6.04 -24.78
N ASP A 42 12.63 6.88 -24.12
CA ASP A 42 12.83 8.26 -24.56
C ASP A 42 14.21 8.47 -25.18
N PHE A 43 14.91 7.39 -25.48
CA PHE A 43 16.29 7.45 -25.98
C PHE A 43 17.25 8.15 -24.99
N GLY A 44 16.71 8.57 -23.85
CA GLY A 44 17.52 9.30 -22.87
C GLY A 44 18.16 8.40 -21.84
N ILE A 45 18.53 7.19 -22.27
CA ILE A 45 19.22 6.26 -21.39
C ILE A 45 20.72 6.36 -21.60
N GLU A 46 21.15 6.07 -22.83
CA GLU A 46 22.56 6.13 -23.25
C GLU A 46 23.40 5.01 -22.61
N THR A 47 23.33 4.90 -21.29
CA THR A 47 24.12 3.93 -20.54
C THR A 47 23.26 3.24 -19.47
N PRO A 48 22.59 2.14 -19.84
CA PRO A 48 21.77 1.38 -18.90
C PRO A 48 22.62 0.62 -17.90
N SER A 49 23.01 1.31 -16.84
CA SER A 49 23.84 0.73 -15.81
C SER A 49 23.21 0.92 -14.43
N ALA A 50 23.26 2.15 -13.94
CA ALA A 50 22.74 2.48 -12.61
C ALA A 50 21.23 2.34 -12.54
N LEU A 51 20.59 2.27 -13.69
CA LEU A 51 19.14 2.13 -13.75
C LEU A 51 18.73 0.79 -14.35
N ASP A 52 19.71 -0.03 -14.70
CA ASP A 52 19.46 -1.29 -15.41
C ASP A 52 18.72 -2.28 -14.53
N ASN A 53 19.05 -2.30 -13.24
CA ASN A 53 18.42 -3.22 -12.31
C ASN A 53 17.10 -2.65 -11.79
N PHE A 54 17.09 -1.35 -11.56
CA PHE A 54 15.92 -0.67 -11.02
C PHE A 54 14.71 -0.80 -11.94
N THR A 55 14.86 -0.34 -13.19
CA THR A 55 13.75 -0.34 -14.13
C THR A 55 13.40 -1.77 -14.55
N GLN A 56 14.31 -2.70 -14.31
CA GLN A 56 14.12 -4.09 -14.69
C GLN A 56 13.14 -4.75 -13.74
N ALA A 57 13.13 -4.27 -12.50
CA ALA A 57 12.19 -4.76 -11.50
C ALA A 57 10.82 -4.14 -11.72
N ILE A 58 10.82 -2.88 -12.15
CA ILE A 58 9.59 -2.13 -12.38
C ILE A 58 8.75 -2.79 -13.46
N GLN A 59 9.41 -3.25 -14.52
CA GLN A 59 8.72 -3.93 -15.61
C GLN A 59 7.87 -5.09 -15.11
N SER A 60 8.33 -5.74 -14.05
CA SER A 60 7.64 -6.91 -13.53
C SER A 60 6.46 -6.52 -12.64
N GLN A 61 6.45 -5.28 -12.16
CA GLN A 61 5.38 -4.83 -11.27
C GLN A 61 4.30 -4.09 -12.06
N ILE A 62 4.65 -3.67 -13.27
CA ILE A 62 3.70 -2.95 -14.13
C ILE A 62 2.55 -3.87 -14.52
N LEU A 63 2.89 -5.11 -14.83
CA LEU A 63 1.89 -6.10 -15.23
C LEU A 63 0.89 -6.35 -14.10
N GLY A 64 1.35 -6.23 -12.87
CA GLY A 64 0.48 -6.41 -11.72
C GLY A 64 -0.48 -5.24 -11.56
N GLY A 65 0.04 -4.03 -11.75
CA GLY A 65 -0.77 -2.83 -11.61
C GLY A 65 -1.77 -2.67 -12.74
N LEU A 66 -1.52 -3.34 -13.86
CA LEU A 66 -2.43 -3.29 -15.01
C LEU A 66 -3.83 -3.74 -14.62
N LEU A 67 -3.91 -4.69 -13.69
CA LEU A 67 -5.19 -5.20 -13.24
C LEU A 67 -5.99 -4.12 -12.50
N SER A 68 -5.28 -3.28 -11.75
CA SER A 68 -5.93 -2.18 -11.05
C SER A 68 -6.36 -1.10 -12.04
N ASN A 69 -5.65 -1.02 -13.16
CA ASN A 69 -6.01 -0.09 -14.22
C ASN A 69 -7.27 -0.57 -14.95
N ILE A 70 -7.46 -1.89 -14.94
CA ILE A 70 -8.67 -2.50 -15.50
C ILE A 70 -9.87 -2.18 -14.61
N ASN A 71 -9.59 -1.89 -13.34
CA ASN A 71 -10.63 -1.53 -12.38
C ASN A 71 -11.05 -0.08 -12.57
N THR A 72 -10.53 0.53 -13.64
CA THR A 72 -10.92 1.87 -14.10
C THR A 72 -10.86 2.93 -12.98
N GLY A 73 -9.94 2.75 -12.05
CA GLY A 73 -9.71 3.75 -11.02
C GLY A 73 -10.84 3.85 -10.02
N LYS A 74 -11.50 2.73 -9.75
CA LYS A 74 -12.53 2.69 -8.71
C LYS A 74 -11.94 3.12 -7.37
N PRO A 75 -12.73 3.80 -6.54
CA PRO A 75 -12.31 4.24 -5.19
C PRO A 75 -11.93 3.04 -4.32
N GLY A 76 -10.78 3.15 -3.66
CA GLY A 76 -10.29 2.04 -2.85
C GLY A 76 -9.82 2.47 -1.48
N ARG A 77 -8.57 2.89 -1.39
CA ARG A 77 -7.95 3.21 -0.11
C ARG A 77 -8.36 4.60 0.38
N MET A 78 -8.46 4.73 1.69
CA MET A 78 -8.85 5.99 2.33
C MET A 78 -7.73 6.47 3.24
N VAL A 79 -7.38 7.75 3.11
CA VAL A 79 -6.38 8.34 3.98
C VAL A 79 -6.97 8.55 5.37
N THR A 80 -6.31 8.01 6.39
CA THR A 80 -6.82 8.07 7.74
C THR A 80 -5.75 8.64 8.69
N ASN A 81 -6.18 9.09 9.86
CA ASN A 81 -5.27 9.67 10.85
C ASN A 81 -4.41 8.60 11.50
N ASP A 82 -5.00 7.83 12.41
CA ASP A 82 -4.25 6.85 13.20
C ASP A 82 -4.19 5.50 12.51
N TYR A 83 -4.70 5.44 11.29
CA TYR A 83 -4.69 4.20 10.51
C TYR A 83 -4.45 4.47 9.06
N ILE A 84 -4.18 3.42 8.31
CA ILE A 84 -4.16 3.47 6.86
C ILE A 84 -5.16 2.45 6.32
N VAL A 85 -6.34 2.93 5.95
CA VAL A 85 -7.37 2.05 5.44
C VAL A 85 -7.17 1.83 3.94
N ASP A 86 -6.28 0.91 3.61
CA ASP A 86 -5.95 0.63 2.21
C ASP A 86 -6.77 -0.53 1.67
N ILE A 87 -7.83 -0.21 0.95
CA ILE A 87 -8.63 -1.23 0.31
C ILE A 87 -8.04 -1.56 -1.06
N ALA A 88 -7.22 -2.59 -1.11
CA ALA A 88 -6.59 -3.01 -2.34
C ALA A 88 -7.48 -3.99 -3.09
N ASN A 89 -7.96 -3.57 -4.25
CA ASN A 89 -8.79 -4.42 -5.08
C ASN A 89 -8.03 -4.84 -6.33
N ARG A 90 -7.71 -6.12 -6.40
CA ARG A 90 -7.06 -6.66 -7.58
C ARG A 90 -7.83 -7.87 -8.07
N ASP A 91 -8.07 -7.92 -9.39
CA ASP A 91 -8.88 -8.98 -10.01
C ASP A 91 -10.32 -8.92 -9.53
N GLY A 92 -10.57 -9.56 -8.39
CA GLY A 92 -11.87 -9.54 -7.79
C GLY A 92 -11.77 -9.65 -6.28
N GLN A 93 -10.57 -9.41 -5.78
CA GLN A 93 -10.30 -9.52 -4.35
C GLN A 93 -10.35 -8.15 -3.69
N LEU A 94 -11.18 -8.03 -2.67
CA LEU A 94 -11.19 -6.84 -1.84
C LEU A 94 -10.33 -7.10 -0.61
N GLN A 95 -9.12 -6.59 -0.62
CA GLN A 95 -8.17 -6.88 0.44
C GLN A 95 -7.78 -5.59 1.17
N LEU A 96 -8.22 -5.48 2.41
CA LEU A 96 -7.99 -4.29 3.21
C LEU A 96 -6.67 -4.39 3.98
N ASN A 97 -5.70 -3.60 3.57
CA ASN A 97 -4.40 -3.58 4.24
C ASN A 97 -4.35 -2.42 5.22
N VAL A 98 -4.79 -2.65 6.44
CA VAL A 98 -4.76 -1.62 7.45
C VAL A 98 -3.37 -1.48 8.03
N THR A 99 -2.67 -0.46 7.58
CA THR A 99 -1.35 -0.16 8.10
C THR A 99 -1.47 0.79 9.28
N ASP A 100 -1.27 0.27 10.49
CA ASP A 100 -1.40 1.08 11.69
C ASP A 100 -0.39 2.21 11.70
N ARG A 101 -0.84 3.37 12.16
CA ARG A 101 -0.01 4.56 12.12
C ARG A 101 1.04 4.57 13.23
N LYS A 102 0.70 4.02 14.39
CA LYS A 102 1.54 4.17 15.58
C LYS A 102 2.35 2.91 15.86
N THR A 103 1.70 1.76 15.82
CA THR A 103 2.36 0.50 16.09
C THR A 103 2.92 -0.11 14.81
N GLY A 104 2.29 0.25 13.69
CA GLY A 104 2.75 -0.23 12.40
C GLY A 104 2.28 -1.63 12.09
N GLN A 105 1.24 -2.08 12.80
CA GLN A 105 0.63 -3.37 12.51
C GLN A 105 0.00 -3.36 11.13
N THR A 106 0.39 -4.30 10.29
CA THR A 106 -0.22 -4.44 8.99
C THR A 106 -1.36 -5.44 9.06
N SER A 107 -2.56 -4.94 9.32
CA SER A 107 -3.73 -5.78 9.44
C SER A 107 -4.36 -5.96 8.07
N THR A 108 -3.92 -6.99 7.37
CA THR A 108 -4.44 -7.30 6.05
C THR A 108 -5.68 -8.18 6.17
N ILE A 109 -6.84 -7.57 5.99
CA ILE A 109 -8.10 -8.27 6.14
C ILE A 109 -8.80 -8.40 4.78
N GLN A 110 -8.85 -9.62 4.27
CA GLN A 110 -9.60 -9.89 3.05
C GLN A 110 -11.08 -9.94 3.34
N VAL A 111 -11.87 -9.52 2.36
CA VAL A 111 -13.32 -9.61 2.45
C VAL A 111 -13.73 -11.06 2.71
N SER A 112 -14.56 -11.26 3.72
CA SER A 112 -15.00 -12.59 4.10
C SER A 112 -16.38 -12.88 3.52
N GLY A 113 -17.19 -11.84 3.42
CA GLY A 113 -18.52 -11.99 2.86
C GLY A 113 -19.57 -11.36 3.75
N LEU A 114 -20.70 -12.03 3.89
CA LEU A 114 -21.77 -11.53 4.74
C LEU A 114 -21.73 -12.24 6.09
N GLN A 115 -22.24 -13.47 6.11
CA GLN A 115 -22.32 -14.27 7.33
C GLN A 115 -23.21 -13.58 8.36
N ASN A 116 -24.50 -13.71 8.17
CA ASN A 116 -25.47 -13.15 9.10
C ASN A 116 -26.22 -14.26 9.82
N ASN A 117 -26.31 -14.14 11.13
CA ASN A 117 -26.97 -15.14 11.94
C ASN A 117 -28.42 -14.75 12.17
N SER A 118 -28.60 -13.50 12.61
CA SER A 118 -29.92 -12.92 12.83
C SER A 118 -30.67 -13.61 13.98
N THR A 119 -31.74 -12.96 14.43
CA THR A 119 -32.56 -13.50 15.50
C THR A 119 -33.44 -14.65 14.99
N ASP A 120 -33.44 -15.74 15.74
CA ASP A 120 -34.24 -16.91 15.37
C ASP A 120 -35.62 -16.83 16.01
N PHE A 121 -35.67 -16.18 17.17
CA PHE A 121 -36.91 -15.96 17.93
C PHE A 121 -37.40 -17.26 18.57
N HIS A 122 -37.99 -17.13 19.74
CA HIS A 122 -38.66 -18.24 20.39
C HIS A 122 -39.87 -17.71 21.14
N HIS A 123 -40.97 -18.45 21.09
CA HIS A 123 -42.19 -18.02 21.77
C HIS A 123 -42.11 -18.36 23.24
N HIS A 124 -42.34 -17.37 24.08
CA HIS A 124 -42.17 -17.52 25.51
C HIS A 124 -43.23 -18.43 26.10
N HIS A 125 -42.82 -19.28 27.02
CA HIS A 125 -43.75 -20.09 27.77
C HIS A 125 -44.22 -19.30 28.99
N HIS A 126 -45.40 -19.61 29.48
CA HIS A 126 -45.88 -18.98 30.69
C HIS A 126 -45.44 -19.81 31.88
N HIS A 127 -44.81 -19.15 32.85
CA HIS A 127 -44.18 -19.82 33.99
C HIS A 127 -42.93 -20.55 33.52
N MET A 1 81.56 18.55 18.31
CA MET A 1 80.83 17.86 19.40
C MET A 1 79.33 18.09 19.28
N ALA A 2 78.57 17.01 19.30
CA ALA A 2 77.12 17.11 19.15
C ALA A 2 76.44 15.84 19.68
N GLY A 3 77.03 14.70 19.39
CA GLY A 3 76.43 13.44 19.77
C GLY A 3 76.07 12.62 18.56
N THR A 4 77.07 12.29 17.75
CA THR A 4 76.86 11.57 16.51
C THR A 4 76.44 10.12 16.80
N MET A 5 75.55 9.60 15.95
CA MET A 5 75.00 8.24 16.07
C MET A 5 74.01 8.14 17.24
N THR A 6 74.46 8.51 18.44
CA THR A 6 73.67 8.43 19.68
C THR A 6 72.88 7.12 19.79
N PHE A 7 73.53 6.12 20.37
CA PHE A 7 72.92 4.81 20.54
C PHE A 7 72.04 4.79 21.77
N GLN A 8 70.75 4.63 21.55
CA GLN A 8 69.77 4.65 22.63
C GLN A 8 69.17 3.27 22.84
N PHE A 9 68.70 2.65 21.76
CA PHE A 9 68.05 1.35 21.81
C PHE A 9 66.81 1.43 22.69
N ARG A 10 66.10 2.55 22.55
CA ARG A 10 64.96 2.86 23.38
C ARG A 10 63.68 2.17 22.89
N ASN A 11 63.64 0.87 23.06
CA ASN A 11 62.45 0.08 22.72
C ASN A 11 62.26 -1.08 23.71
N PRO A 12 61.62 -0.80 24.85
CA PRO A 12 61.36 -1.81 25.88
C PRO A 12 60.39 -2.88 25.40
N ASN A 13 59.47 -2.48 24.53
CA ASN A 13 58.46 -3.39 23.97
C ASN A 13 57.71 -4.14 25.05
N PHE A 14 57.06 -3.39 25.93
CA PHE A 14 56.32 -3.98 27.03
C PHE A 14 55.13 -3.09 27.39
N GLY A 15 53.95 -3.71 27.46
CA GLY A 15 52.75 -2.98 27.83
C GLY A 15 51.65 -3.93 28.26
N GLY A 16 50.57 -3.97 27.49
CA GLY A 16 49.50 -4.90 27.76
C GLY A 16 48.18 -4.21 28.03
N ASN A 17 47.10 -4.99 27.99
CA ASN A 17 45.77 -4.48 28.27
C ASN A 17 45.20 -5.18 29.50
N PRO A 18 44.42 -4.47 30.33
CA PRO A 18 43.89 -5.03 31.56
C PRO A 18 42.86 -6.14 31.32
N ASN A 19 41.80 -5.84 30.57
CA ASN A 19 40.74 -6.80 30.30
C ASN A 19 39.72 -6.18 29.36
N ASN A 20 38.60 -6.85 29.17
CA ASN A 20 37.53 -6.34 28.30
C ASN A 20 36.22 -6.31 29.08
N GLY A 21 35.32 -5.44 28.67
CA GLY A 21 34.04 -5.33 29.32
C GLY A 21 32.92 -5.17 28.33
N ALA A 22 31.86 -5.95 28.50
CA ALA A 22 30.70 -5.90 27.63
C ALA A 22 29.52 -6.61 28.29
N PHE A 23 28.46 -5.86 28.57
CA PHE A 23 27.30 -6.43 29.24
C PHE A 23 26.04 -5.63 28.93
N LEU A 24 25.04 -6.31 28.39
CA LEU A 24 23.76 -5.69 28.11
C LEU A 24 22.66 -6.75 28.02
N LEU A 25 21.56 -6.49 28.72
CA LEU A 25 20.40 -7.37 28.71
C LEU A 25 19.12 -6.56 28.57
N ASN A 26 19.14 -5.32 29.04
CA ASN A 26 17.98 -4.45 28.99
C ASN A 26 17.60 -4.14 27.55
N SER A 27 16.31 -4.16 27.28
CA SER A 27 15.80 -3.94 25.94
C SER A 27 16.02 -2.50 25.48
N ALA A 28 16.78 -2.34 24.40
CA ALA A 28 17.04 -1.03 23.84
C ALA A 28 16.56 -0.97 22.40
N GLN A 29 16.47 0.23 21.85
CA GLN A 29 15.98 0.41 20.50
C GLN A 29 17.14 0.59 19.54
N ALA A 30 17.15 -0.19 18.46
CA ALA A 30 18.19 -0.11 17.46
C ALA A 30 17.90 1.02 16.47
N GLN A 31 18.82 1.21 15.51
CA GLN A 31 18.68 2.24 14.48
C GLN A 31 18.73 3.64 15.08
N ASN A 32 18.67 4.64 14.19
CA ASN A 32 18.56 6.06 14.58
C ASN A 32 19.77 6.55 15.38
N SER A 33 20.77 5.71 15.56
CA SER A 33 21.89 6.05 16.43
C SER A 33 23.23 5.82 15.74
N TYR A 34 23.19 5.60 14.42
CA TYR A 34 24.40 5.29 13.65
C TYR A 34 25.06 4.02 14.20
N LYS A 35 24.53 2.88 13.78
CA LYS A 35 24.96 1.58 14.27
C LYS A 35 24.24 0.52 13.46
N ASP A 36 24.55 -0.75 13.67
CA ASP A 36 23.86 -1.81 12.92
C ASP A 36 22.39 -1.84 13.30
N PRO A 37 21.52 -2.12 12.32
CA PRO A 37 20.08 -2.12 12.50
C PRO A 37 19.54 -3.49 12.91
N SER A 38 18.25 -3.53 13.25
CA SER A 38 17.60 -4.71 13.85
C SER A 38 16.17 -4.41 14.25
N TYR A 39 15.54 -3.42 13.62
CA TYR A 39 14.24 -2.94 14.10
C TYR A 39 13.38 -2.39 12.96
N ASN A 40 12.06 -2.37 13.19
CA ASN A 40 11.09 -1.81 12.24
C ASN A 40 11.21 -2.50 10.87
N ASP A 41 11.02 -3.81 10.88
CA ASP A 41 11.12 -4.65 9.69
C ASP A 41 12.43 -4.38 8.95
N ASP A 42 13.52 -4.88 9.51
CA ASP A 42 14.85 -4.66 8.99
C ASP A 42 15.80 -5.74 9.49
N PHE A 43 15.81 -5.93 10.81
CA PHE A 43 16.58 -7.01 11.46
C PHE A 43 18.08 -6.94 11.18
N GLY A 44 18.52 -5.96 10.40
CA GLY A 44 19.93 -5.85 10.10
C GLY A 44 20.21 -5.89 8.62
N ILE A 45 19.57 -5.01 7.86
CA ILE A 45 19.84 -4.88 6.43
C ILE A 45 21.31 -4.55 6.17
N GLU A 46 21.96 -3.93 7.15
CA GLU A 46 23.37 -3.57 7.03
C GLU A 46 24.29 -4.75 7.37
N THR A 47 23.70 -5.91 7.62
CA THR A 47 24.46 -7.13 7.81
C THR A 47 23.76 -8.28 7.08
N PRO A 48 23.87 -8.30 5.74
CA PRO A 48 23.20 -9.27 4.91
C PRO A 48 24.02 -10.53 4.67
N SER A 49 23.72 -11.56 5.43
CA SER A 49 24.33 -12.87 5.23
C SER A 49 23.26 -13.94 5.14
N ALA A 50 22.51 -14.11 6.23
CA ALA A 50 21.42 -15.08 6.25
C ALA A 50 20.16 -14.46 5.68
N LEU A 51 19.88 -13.22 6.07
CA LEU A 51 18.72 -12.51 5.57
C LEU A 51 18.93 -12.03 4.13
N ASP A 52 20.18 -12.13 3.68
CA ASP A 52 20.54 -11.74 2.32
C ASP A 52 19.81 -12.60 1.31
N ASN A 53 19.89 -13.91 1.50
CA ASN A 53 19.22 -14.86 0.62
C ASN A 53 17.70 -14.68 0.70
N PHE A 54 17.22 -14.30 1.88
CA PHE A 54 15.80 -14.10 2.09
C PHE A 54 15.31 -12.89 1.30
N THR A 55 15.95 -11.72 1.52
CA THR A 55 15.58 -10.49 0.82
C THR A 55 15.91 -10.61 -0.68
N GLN A 56 16.79 -11.54 -1.01
CA GLN A 56 17.18 -11.80 -2.38
C GLN A 56 15.98 -12.37 -3.14
N ALA A 57 15.27 -13.28 -2.48
CA ALA A 57 14.10 -13.91 -3.07
C ALA A 57 12.92 -12.94 -3.12
N ILE A 58 12.90 -12.00 -2.18
CA ILE A 58 11.84 -10.99 -2.12
C ILE A 58 11.90 -10.09 -3.36
N GLN A 59 13.11 -9.82 -3.83
CA GLN A 59 13.30 -9.00 -5.00
C GLN A 59 12.77 -9.68 -6.26
N SER A 60 12.65 -10.99 -6.21
CA SER A 60 12.16 -11.79 -7.33
C SER A 60 10.63 -11.87 -7.31
N GLN A 61 10.04 -11.82 -6.13
CA GLN A 61 8.59 -11.96 -5.99
C GLN A 61 7.88 -10.64 -6.25
N ILE A 62 8.65 -9.58 -6.48
CA ILE A 62 8.10 -8.27 -6.76
C ILE A 62 7.54 -8.22 -8.18
N LEU A 63 8.25 -8.87 -9.10
CA LEU A 63 7.88 -8.82 -10.51
C LEU A 63 6.53 -9.51 -10.74
N GLY A 64 6.32 -10.63 -10.08
CA GLY A 64 5.06 -11.35 -10.22
C GLY A 64 3.94 -10.72 -9.42
N GLY A 65 4.31 -9.96 -8.39
CA GLY A 65 3.32 -9.33 -7.53
C GLY A 65 2.70 -8.10 -8.17
N LEU A 66 3.23 -7.71 -9.32
CA LEU A 66 2.72 -6.54 -10.03
C LEU A 66 1.33 -6.81 -10.61
N LEU A 67 1.07 -8.07 -10.95
CA LEU A 67 -0.18 -8.47 -11.60
C LEU A 67 -1.40 -8.00 -10.82
N SER A 68 -1.40 -8.23 -9.53
CA SER A 68 -2.52 -7.88 -8.67
C SER A 68 -2.63 -6.36 -8.50
N ASN A 69 -1.52 -5.66 -8.73
CA ASN A 69 -1.49 -4.21 -8.58
C ASN A 69 -1.76 -3.52 -9.90
N ILE A 70 -1.81 -4.30 -10.97
CA ILE A 70 -2.12 -3.75 -12.29
C ILE A 70 -3.63 -3.58 -12.46
N ASN A 71 -4.39 -4.38 -11.72
CA ASN A 71 -5.85 -4.37 -11.82
C ASN A 71 -6.42 -2.97 -11.61
N THR A 72 -6.22 -2.44 -10.39
CA THR A 72 -6.65 -1.07 -10.02
C THR A 72 -8.12 -0.83 -10.33
N GLY A 73 -8.54 0.43 -10.24
CA GLY A 73 -9.89 0.80 -10.62
C GLY A 73 -10.78 1.05 -9.42
N LYS A 74 -10.22 0.96 -8.22
CA LYS A 74 -10.98 1.19 -6.99
C LYS A 74 -11.62 2.58 -6.99
N PRO A 75 -12.83 2.69 -6.41
CA PRO A 75 -13.57 3.96 -6.35
C PRO A 75 -12.93 4.95 -5.37
N GLY A 76 -12.30 4.42 -4.33
CA GLY A 76 -11.68 5.25 -3.33
C GLY A 76 -11.27 4.46 -2.12
N ARG A 77 -11.03 5.16 -1.01
CA ARG A 77 -10.60 4.54 0.23
C ARG A 77 -11.07 5.35 1.42
N MET A 78 -10.89 4.81 2.62
CA MET A 78 -11.36 5.47 3.83
C MET A 78 -10.22 6.17 4.56
N VAL A 79 -10.33 7.48 4.69
CA VAL A 79 -9.32 8.27 5.38
C VAL A 79 -9.52 8.19 6.89
N THR A 80 -8.64 7.46 7.56
CA THR A 80 -8.75 7.30 9.00
C THR A 80 -7.65 8.09 9.72
N ASN A 81 -7.75 8.23 11.02
CA ASN A 81 -6.83 9.05 11.79
C ASN A 81 -5.60 8.25 12.27
N ASP A 82 -5.82 7.27 13.14
CA ASP A 82 -4.72 6.49 13.72
C ASP A 82 -4.47 5.21 12.92
N TYR A 83 -5.31 5.00 11.92
CA TYR A 83 -5.17 3.85 11.04
C TYR A 83 -5.23 4.32 9.60
N ILE A 84 -4.56 3.61 8.73
CA ILE A 84 -4.68 3.87 7.30
C ILE A 84 -5.25 2.65 6.61
N VAL A 85 -6.57 2.63 6.45
CA VAL A 85 -7.23 1.52 5.79
C VAL A 85 -7.36 1.81 4.30
N ASP A 86 -6.47 1.21 3.52
CA ASP A 86 -6.45 1.42 2.09
C ASP A 86 -7.27 0.34 1.39
N ILE A 87 -8.21 0.77 0.56
CA ILE A 87 -9.08 -0.15 -0.16
C ILE A 87 -8.49 -0.49 -1.52
N ALA A 88 -8.03 -1.72 -1.67
CA ALA A 88 -7.48 -2.18 -2.92
C ALA A 88 -8.26 -3.38 -3.44
N ASN A 89 -7.90 -3.86 -4.63
CA ASN A 89 -8.52 -5.05 -5.18
C ASN A 89 -7.46 -5.92 -5.84
N ARG A 90 -7.39 -7.16 -5.40
CA ARG A 90 -6.44 -8.12 -5.94
C ARG A 90 -7.16 -9.12 -6.83
N ASP A 91 -7.10 -8.90 -8.14
CA ASP A 91 -7.71 -9.79 -9.14
C ASP A 91 -9.24 -9.65 -9.16
N GLY A 92 -9.87 -9.89 -8.02
CA GLY A 92 -11.31 -9.78 -7.90
C GLY A 92 -11.75 -9.93 -6.46
N GLN A 93 -10.90 -9.47 -5.56
CA GLN A 93 -11.16 -9.54 -4.13
C GLN A 93 -10.80 -8.21 -3.48
N LEU A 94 -11.76 -7.62 -2.78
CA LEU A 94 -11.51 -6.39 -2.05
C LEU A 94 -10.50 -6.62 -0.93
N GLN A 95 -9.39 -5.90 -1.01
CA GLN A 95 -8.33 -6.02 -0.04
C GLN A 95 -8.40 -4.85 0.94
N LEU A 96 -8.65 -5.17 2.20
CA LEU A 96 -8.71 -4.15 3.24
C LEU A 96 -7.34 -4.01 3.89
N ASN A 97 -6.52 -3.11 3.36
CA ASN A 97 -5.17 -2.93 3.87
C ASN A 97 -5.17 -2.00 5.08
N VAL A 98 -5.17 -2.58 6.26
CA VAL A 98 -5.10 -1.79 7.49
C VAL A 98 -3.66 -1.56 7.89
N THR A 99 -3.20 -0.34 7.66
CA THR A 99 -1.86 0.06 8.04
C THR A 99 -1.92 0.79 9.38
N ASP A 100 -1.34 0.17 10.40
CA ASP A 100 -1.29 0.78 11.73
C ASP A 100 -0.30 1.95 11.76
N ARG A 101 -0.75 3.07 12.30
CA ARG A 101 0.05 4.29 12.32
C ARG A 101 0.80 4.40 13.64
N LYS A 102 0.45 3.55 14.60
CA LYS A 102 1.03 3.61 15.93
C LYS A 102 2.32 2.80 16.01
N THR A 103 2.22 1.50 15.78
CA THR A 103 3.37 0.61 15.90
C THR A 103 3.80 0.06 14.54
N GLY A 104 2.84 -0.04 13.64
CA GLY A 104 3.11 -0.51 12.30
C GLY A 104 2.69 -1.94 12.09
N GLN A 105 1.59 -2.33 12.73
CA GLN A 105 1.00 -3.64 12.53
C GLN A 105 0.33 -3.69 11.15
N THR A 106 0.84 -4.55 10.28
CA THR A 106 0.30 -4.69 8.95
C THR A 106 -0.86 -5.69 8.95
N SER A 107 -2.06 -5.19 9.13
CA SER A 107 -3.25 -6.03 9.16
C SER A 107 -3.93 -6.04 7.79
N THR A 108 -3.48 -6.94 6.93
CA THR A 108 -4.02 -7.02 5.59
C THR A 108 -5.18 -8.02 5.55
N ILE A 109 -6.40 -7.50 5.68
CA ILE A 109 -7.59 -8.33 5.78
C ILE A 109 -8.34 -8.35 4.45
N GLN A 110 -8.79 -9.51 4.02
CA GLN A 110 -9.63 -9.62 2.85
C GLN A 110 -11.11 -9.65 3.26
N VAL A 111 -11.98 -9.39 2.29
CA VAL A 111 -13.41 -9.47 2.52
C VAL A 111 -13.84 -10.91 2.81
N SER A 112 -14.38 -11.14 3.99
CA SER A 112 -14.79 -12.47 4.39
C SER A 112 -16.26 -12.70 4.06
N GLY A 113 -16.51 -13.22 2.86
CA GLY A 113 -17.86 -13.51 2.43
C GLY A 113 -18.76 -12.29 2.42
N LEU A 114 -19.93 -12.42 3.03
CA LEU A 114 -20.90 -11.33 3.05
C LEU A 114 -21.36 -11.06 4.48
N GLN A 115 -20.58 -11.54 5.44
CA GLN A 115 -20.90 -11.31 6.85
C GLN A 115 -20.50 -9.89 7.25
N ASN A 116 -19.35 -9.44 6.72
CA ASN A 116 -18.84 -8.08 6.97
C ASN A 116 -18.39 -7.89 8.42
N ASN A 117 -17.22 -7.29 8.59
CA ASN A 117 -16.71 -6.96 9.93
C ASN A 117 -17.65 -5.97 10.60
N SER A 118 -18.43 -6.45 11.56
CA SER A 118 -19.46 -5.62 12.17
C SER A 118 -19.30 -5.57 13.69
N THR A 119 -20.14 -4.77 14.32
CA THR A 119 -20.15 -4.65 15.77
C THR A 119 -21.54 -5.01 16.30
N ASP A 120 -21.69 -5.14 17.61
CA ASP A 120 -22.97 -5.53 18.20
C ASP A 120 -23.98 -4.39 18.11
N PHE A 121 -23.52 -3.15 18.35
CA PHE A 121 -24.37 -1.96 18.32
C PHE A 121 -25.42 -1.99 19.43
N HIS A 122 -25.19 -1.21 20.47
CA HIS A 122 -26.08 -1.18 21.62
C HIS A 122 -27.24 -0.22 21.38
N HIS A 123 -28.46 -0.72 21.48
CA HIS A 123 -29.64 0.11 21.28
C HIS A 123 -30.04 0.82 22.57
N HIS A 124 -30.08 0.06 23.65
CA HIS A 124 -30.52 0.59 24.93
C HIS A 124 -29.36 0.71 25.89
N HIS A 125 -28.92 1.94 26.12
CA HIS A 125 -27.85 2.20 27.09
C HIS A 125 -28.47 2.42 28.46
N HIS A 126 -29.49 3.27 28.51
CA HIS A 126 -30.20 3.55 29.74
C HIS A 126 -31.50 4.25 29.40
N HIS A 127 -32.57 3.93 30.11
CA HIS A 127 -33.86 4.56 29.84
C HIS A 127 -33.83 6.00 30.32
N MET A 1 40.70 -16.22 -41.23
CA MET A 1 41.11 -14.89 -41.73
C MET A 1 40.40 -13.79 -40.96
N ALA A 2 39.07 -13.78 -41.03
CA ALA A 2 38.28 -12.76 -40.37
C ALA A 2 38.25 -12.98 -38.86
N GLY A 3 37.87 -11.94 -38.13
CA GLY A 3 37.81 -12.03 -36.69
C GLY A 3 36.44 -12.44 -36.20
N THR A 4 36.11 -13.72 -36.38
CA THR A 4 34.84 -14.24 -35.93
C THR A 4 34.80 -14.40 -34.41
N MET A 5 33.86 -13.70 -33.78
CA MET A 5 33.69 -13.70 -32.32
C MET A 5 34.89 -13.03 -31.63
N THR A 6 36.03 -13.73 -31.64
CA THR A 6 37.29 -13.32 -30.97
C THR A 6 37.11 -12.94 -29.49
N PHE A 7 36.39 -11.86 -29.21
CA PHE A 7 36.09 -11.49 -27.82
C PHE A 7 34.80 -12.16 -27.38
N GLN A 8 33.71 -11.84 -28.08
CA GLN A 8 32.40 -12.46 -27.82
C GLN A 8 31.94 -12.21 -26.38
N PHE A 9 32.39 -11.10 -25.80
CA PHE A 9 32.01 -10.77 -24.44
C PHE A 9 31.06 -9.59 -24.45
N ARG A 10 29.77 -9.88 -24.35
CA ARG A 10 28.74 -8.85 -24.29
C ARG A 10 27.88 -9.07 -23.06
N ASN A 11 26.83 -8.26 -22.91
CA ASN A 11 25.95 -8.31 -21.75
C ASN A 11 26.72 -7.97 -20.47
N PRO A 12 26.84 -6.67 -20.17
CA PRO A 12 27.55 -6.20 -18.99
C PRO A 12 26.69 -6.28 -17.73
N ASN A 13 27.26 -6.85 -16.67
CA ASN A 13 26.63 -6.93 -15.35
C ASN A 13 25.45 -7.90 -15.31
N PHE A 14 25.70 -9.06 -14.72
CA PHE A 14 24.64 -9.98 -14.34
C PHE A 14 24.20 -9.67 -12.92
N GLY A 15 22.92 -9.84 -12.64
CA GLY A 15 22.42 -9.58 -11.30
C GLY A 15 22.66 -10.74 -10.36
N GLY A 16 22.03 -11.87 -10.65
CA GLY A 16 22.17 -13.04 -9.81
C GLY A 16 20.86 -13.77 -9.65
N ASN A 17 20.87 -14.85 -8.88
CA ASN A 17 19.68 -15.65 -8.67
C ASN A 17 19.32 -15.72 -7.19
N PRO A 18 18.02 -15.70 -6.85
CA PRO A 18 17.56 -15.76 -5.48
C PRO A 18 17.30 -17.18 -5.00
N ASN A 19 17.44 -17.40 -3.71
CA ASN A 19 17.15 -18.70 -3.10
C ASN A 19 15.76 -18.66 -2.48
N ASN A 20 15.12 -19.81 -2.37
CA ASN A 20 13.77 -19.88 -1.82
C ASN A 20 13.69 -20.92 -0.72
N GLY A 21 12.70 -20.77 0.15
CA GLY A 21 12.52 -21.72 1.24
C GLY A 21 11.34 -22.64 0.99
N ALA A 22 10.74 -22.51 -0.20
CA ALA A 22 9.58 -23.30 -0.63
C ALA A 22 8.31 -22.85 0.11
N PHE A 23 8.36 -22.87 1.44
CA PHE A 23 7.24 -22.47 2.28
C PHE A 23 5.98 -23.27 1.95
N LEU A 24 6.14 -24.58 1.83
CA LEU A 24 5.01 -25.46 1.54
C LEU A 24 4.16 -25.71 2.78
N LEU A 25 4.64 -25.20 3.92
CA LEU A 25 3.92 -25.22 5.19
C LEU A 25 3.66 -26.64 5.70
N ASN A 26 3.11 -26.73 6.89
CA ASN A 26 2.72 -28.01 7.47
C ASN A 26 1.27 -27.94 7.91
N SER A 27 1.07 -27.40 9.10
CA SER A 27 -0.25 -27.23 9.69
C SER A 27 -0.14 -26.40 10.96
N ALA A 28 -1.03 -25.44 11.12
CA ALA A 28 -0.96 -24.55 12.28
C ALA A 28 -2.34 -24.29 12.86
N GLN A 29 -2.55 -24.71 14.09
CA GLN A 29 -3.82 -24.51 14.77
C GLN A 29 -3.64 -23.44 15.86
N ALA A 30 -2.48 -23.46 16.51
CA ALA A 30 -2.07 -22.44 17.49
C ALA A 30 -2.78 -22.60 18.83
N GLN A 31 -4.05 -22.97 18.79
CA GLN A 31 -4.92 -23.19 19.97
C GLN A 31 -4.80 -22.10 21.04
N ASN A 32 -3.81 -22.22 21.92
CA ASN A 32 -3.71 -21.34 23.09
C ASN A 32 -2.50 -20.43 22.96
N SER A 33 -2.69 -19.15 23.24
CA SER A 33 -1.60 -18.19 23.28
C SER A 33 -0.63 -18.56 24.40
N TYR A 34 -1.19 -18.75 25.61
CA TYR A 34 -0.45 -19.24 26.78
C TYR A 34 0.52 -18.20 27.34
N LYS A 35 0.96 -17.28 26.49
CA LYS A 35 1.91 -16.25 26.89
C LYS A 35 1.53 -14.93 26.25
N ASP A 36 0.23 -14.73 26.04
CA ASP A 36 -0.26 -13.50 25.41
C ASP A 36 0.10 -12.27 26.23
N PRO A 37 0.14 -11.09 25.58
CA PRO A 37 0.51 -9.82 26.22
C PRO A 37 -0.26 -9.53 27.51
N SER A 38 0.44 -8.94 28.47
CA SER A 38 -0.15 -8.56 29.74
C SER A 38 0.38 -7.20 30.14
N TYR A 39 -0.51 -6.33 30.61
CA TYR A 39 -0.15 -4.98 31.06
C TYR A 39 0.56 -4.23 29.94
N ASN A 40 -0.20 -3.90 28.90
CA ASN A 40 0.31 -3.16 27.73
C ASN A 40 1.39 -3.97 27.01
N ASP A 41 1.33 -5.28 27.19
CA ASP A 41 2.34 -6.22 26.66
C ASP A 41 3.70 -5.98 27.28
N ASP A 42 4.10 -6.87 28.17
CA ASP A 42 5.42 -6.81 28.76
C ASP A 42 6.42 -7.57 27.91
N PHE A 43 5.99 -8.73 27.42
CA PHE A 43 6.84 -9.57 26.58
C PHE A 43 6.01 -10.69 25.95
N GLY A 44 4.70 -10.51 25.93
CA GLY A 44 3.82 -11.57 25.50
C GLY A 44 3.88 -11.82 24.02
N ILE A 45 3.98 -10.74 23.27
CA ILE A 45 4.01 -10.82 21.82
C ILE A 45 5.39 -11.28 21.35
N GLU A 46 6.36 -11.16 22.23
CA GLU A 46 7.72 -11.53 21.92
C GLU A 46 8.05 -12.94 22.37
N THR A 47 7.02 -13.67 22.81
CA THR A 47 7.19 -15.07 23.19
C THR A 47 6.39 -15.97 22.26
N PRO A 48 6.98 -16.37 21.12
CA PRO A 48 6.30 -17.24 20.16
C PRO A 48 6.30 -18.69 20.62
N SER A 49 5.32 -19.04 21.45
CA SER A 49 5.19 -20.39 21.96
C SER A 49 4.40 -21.27 20.98
N ALA A 50 3.07 -21.16 21.03
CA ALA A 50 2.23 -21.98 20.18
C ALA A 50 1.89 -21.27 18.88
N LEU A 51 1.66 -19.96 18.96
CA LEU A 51 1.30 -19.14 17.80
C LEU A 51 2.46 -19.06 16.81
N ASP A 52 3.63 -19.47 17.25
CA ASP A 52 4.87 -19.37 16.48
C ASP A 52 4.71 -19.91 15.06
N ASN A 53 4.24 -21.15 14.95
CA ASN A 53 4.08 -21.78 13.64
C ASN A 53 2.94 -21.15 12.85
N PHE A 54 1.92 -20.66 13.56
CA PHE A 54 0.76 -20.06 12.92
C PHE A 54 1.15 -18.75 12.24
N THR A 55 1.94 -17.94 12.93
CA THR A 55 2.43 -16.68 12.39
C THR A 55 3.16 -16.87 11.06
N GLN A 56 3.90 -17.97 10.97
CA GLN A 56 4.74 -18.24 9.81
C GLN A 56 3.91 -18.78 8.65
N ALA A 57 2.86 -19.51 8.99
CA ALA A 57 1.92 -20.02 7.98
C ALA A 57 1.23 -18.86 7.28
N ILE A 58 1.15 -17.73 7.97
CA ILE A 58 0.52 -16.56 7.40
C ILE A 58 1.51 -15.74 6.58
N GLN A 59 2.71 -15.54 7.12
CA GLN A 59 3.73 -14.78 6.40
C GLN A 59 4.07 -15.43 5.07
N SER A 60 3.94 -16.75 5.00
CA SER A 60 4.20 -17.48 3.77
C SER A 60 3.16 -17.14 2.70
N GLN A 61 1.91 -16.97 3.11
CA GLN A 61 0.84 -16.67 2.15
C GLN A 61 0.80 -15.18 1.82
N ILE A 62 1.37 -14.37 2.70
CA ILE A 62 1.45 -12.92 2.47
C ILE A 62 2.36 -12.64 1.29
N LEU A 63 3.36 -13.50 1.10
CA LEU A 63 4.30 -13.38 -0.01
C LEU A 63 3.56 -13.40 -1.35
N GLY A 64 2.47 -14.13 -1.40
CA GLY A 64 1.65 -14.18 -2.60
C GLY A 64 0.85 -12.90 -2.78
N GLY A 65 0.31 -12.41 -1.66
CA GLY A 65 -0.45 -11.16 -1.70
C GLY A 65 0.40 -9.98 -2.10
N LEU A 66 1.70 -10.08 -1.86
CA LEU A 66 2.64 -9.03 -2.23
C LEU A 66 2.74 -8.90 -3.75
N LEU A 67 2.30 -9.93 -4.47
CA LEU A 67 2.31 -9.91 -5.93
C LEU A 67 1.06 -9.25 -6.47
N SER A 68 0.25 -8.70 -5.56
CA SER A 68 -0.98 -8.01 -5.93
C SER A 68 -1.02 -6.61 -5.33
N ASN A 69 -0.59 -6.50 -4.08
CA ASN A 69 -0.69 -5.23 -3.34
C ASN A 69 0.36 -4.22 -3.77
N ILE A 70 1.13 -4.53 -4.79
CA ILE A 70 2.11 -3.59 -5.32
C ILE A 70 1.54 -2.93 -6.58
N ASN A 71 0.46 -3.49 -7.09
CA ASN A 71 -0.18 -2.98 -8.29
C ASN A 71 -1.39 -2.11 -7.93
N THR A 72 -1.52 -1.83 -6.63
CA THR A 72 -2.60 -0.98 -6.13
C THR A 72 -2.17 0.50 -6.19
N GLY A 73 -2.90 1.35 -5.48
CA GLY A 73 -2.60 2.77 -5.50
C GLY A 73 -3.79 3.59 -5.96
N LYS A 74 -4.93 2.94 -6.11
CA LYS A 74 -6.16 3.62 -6.51
C LYS A 74 -6.51 4.74 -5.53
N PRO A 75 -7.15 5.81 -6.04
CA PRO A 75 -7.55 6.95 -5.20
C PRO A 75 -8.75 6.64 -4.31
N GLY A 76 -9.39 5.49 -4.56
CA GLY A 76 -10.55 5.11 -3.78
C GLY A 76 -10.17 4.42 -2.48
N ARG A 77 -9.37 5.10 -1.68
CA ARG A 77 -8.92 4.58 -0.40
C ARG A 77 -9.64 5.30 0.73
N MET A 78 -9.28 4.97 1.96
CA MET A 78 -9.87 5.62 3.12
C MET A 78 -8.79 6.28 3.97
N VAL A 79 -8.85 7.60 4.06
CA VAL A 79 -7.87 8.35 4.84
C VAL A 79 -8.26 8.41 6.30
N THR A 80 -7.67 7.53 7.08
CA THR A 80 -7.90 7.48 8.51
C THR A 80 -6.61 7.84 9.24
N ASN A 81 -6.72 8.46 10.40
CA ASN A 81 -5.56 9.04 11.08
C ASN A 81 -4.66 7.96 11.69
N ASP A 82 -5.22 7.17 12.60
CA ASP A 82 -4.42 6.18 13.33
C ASP A 82 -4.24 4.90 12.52
N TYR A 83 -5.03 4.76 11.47
CA TYR A 83 -4.99 3.56 10.64
C TYR A 83 -4.97 3.94 9.17
N ILE A 84 -3.94 3.51 8.45
CA ILE A 84 -3.87 3.72 7.02
C ILE A 84 -4.69 2.65 6.32
N VAL A 85 -5.89 3.02 5.89
CA VAL A 85 -6.80 2.08 5.27
C VAL A 85 -6.69 2.15 3.74
N ASP A 86 -5.87 1.27 3.18
CA ASP A 86 -5.70 1.22 1.75
C ASP A 86 -6.57 0.10 1.17
N ILE A 87 -7.54 0.48 0.36
CA ILE A 87 -8.49 -0.47 -0.17
C ILE A 87 -7.91 -1.17 -1.40
N ALA A 88 -7.32 -2.34 -1.16
CA ALA A 88 -6.68 -3.10 -2.22
C ALA A 88 -7.66 -4.03 -2.90
N ASN A 89 -8.53 -3.47 -3.73
CA ASN A 89 -9.42 -4.27 -4.54
C ASN A 89 -8.73 -4.58 -5.86
N ARG A 90 -8.06 -5.72 -5.90
CA ARG A 90 -7.33 -6.14 -7.08
C ARG A 90 -7.65 -7.60 -7.39
N ASP A 91 -7.50 -7.96 -8.67
CA ASP A 91 -7.73 -9.32 -9.15
C ASP A 91 -9.21 -9.68 -9.10
N GLY A 92 -9.76 -9.80 -7.90
CA GLY A 92 -11.17 -10.11 -7.75
C GLY A 92 -11.60 -10.26 -6.32
N GLN A 93 -10.86 -9.66 -5.39
CA GLN A 93 -11.22 -9.73 -3.97
C GLN A 93 -11.02 -8.37 -3.33
N LEU A 94 -11.78 -8.10 -2.28
CA LEU A 94 -11.64 -6.87 -1.52
C LEU A 94 -10.63 -7.07 -0.40
N GLN A 95 -9.39 -6.72 -0.65
CA GLN A 95 -8.34 -6.89 0.34
C GLN A 95 -8.13 -5.58 1.08
N LEU A 96 -8.54 -5.54 2.34
CA LEU A 96 -8.45 -4.34 3.14
C LEU A 96 -7.11 -4.29 3.86
N ASN A 97 -6.16 -3.55 3.31
CA ASN A 97 -4.83 -3.45 3.91
C ASN A 97 -4.78 -2.27 4.88
N VAL A 98 -5.03 -2.57 6.15
CA VAL A 98 -4.98 -1.55 7.18
C VAL A 98 -3.60 -1.52 7.82
N THR A 99 -2.92 -0.42 7.63
CA THR A 99 -1.61 -0.22 8.22
C THR A 99 -1.70 0.70 9.42
N ASP A 100 -1.53 0.15 10.62
CA ASP A 100 -1.60 0.95 11.84
C ASP A 100 -0.50 2.01 11.86
N ARG A 101 -0.84 3.20 12.35
CA ARG A 101 0.09 4.32 12.38
C ARG A 101 0.87 4.33 13.70
N LYS A 102 0.27 3.77 14.74
CA LYS A 102 0.85 3.82 16.08
C LYS A 102 2.09 2.94 16.17
N THR A 103 1.90 1.63 16.12
CA THR A 103 2.99 0.68 16.21
C THR A 103 3.39 0.22 14.81
N GLY A 104 2.42 0.25 13.90
CA GLY A 104 2.68 -0.10 12.53
C GLY A 104 2.62 -1.59 12.29
N GLN A 105 1.41 -2.10 12.16
CA GLN A 105 1.19 -3.50 11.82
C GLN A 105 0.30 -3.59 10.59
N THR A 106 0.57 -4.57 9.75
CA THR A 106 -0.18 -4.74 8.52
C THR A 106 -1.39 -5.63 8.76
N SER A 107 -2.53 -5.01 8.99
CA SER A 107 -3.77 -5.73 9.17
C SER A 107 -4.43 -5.96 7.82
N THR A 108 -3.96 -6.97 7.10
CA THR A 108 -4.49 -7.29 5.80
C THR A 108 -5.76 -8.14 5.92
N ILE A 109 -6.90 -7.49 5.74
CA ILE A 109 -8.18 -8.16 5.86
C ILE A 109 -8.73 -8.51 4.48
N GLN A 110 -8.42 -9.70 4.01
CA GLN A 110 -8.97 -10.18 2.75
C GLN A 110 -10.44 -10.51 2.93
N VAL A 111 -11.31 -9.68 2.38
CA VAL A 111 -12.74 -9.93 2.44
C VAL A 111 -13.13 -11.00 1.43
N SER A 112 -13.38 -12.19 1.94
CA SER A 112 -13.72 -13.33 1.09
C SER A 112 -14.68 -14.26 1.81
N GLY A 113 -15.81 -14.53 1.17
CA GLY A 113 -16.76 -15.47 1.72
C GLY A 113 -17.83 -14.82 2.56
N LEU A 114 -18.50 -13.82 2.02
CA LEU A 114 -19.61 -13.19 2.69
C LEU A 114 -20.92 -13.60 2.04
N GLN A 115 -21.20 -13.02 0.87
CA GLN A 115 -22.40 -13.32 0.08
C GLN A 115 -23.66 -12.87 0.80
N ASN A 116 -23.49 -12.03 1.82
CA ASN A 116 -24.61 -11.42 2.51
C ASN A 116 -24.80 -10.00 2.01
N ASN A 117 -25.67 -9.85 1.02
CA ASN A 117 -25.90 -8.55 0.40
C ASN A 117 -27.24 -7.98 0.86
N SER A 118 -27.18 -7.05 1.78
CA SER A 118 -28.38 -6.35 2.21
C SER A 118 -28.68 -5.22 1.24
N THR A 119 -29.64 -5.45 0.35
CA THR A 119 -29.99 -4.47 -0.67
C THR A 119 -30.40 -3.15 -0.03
N ASP A 120 -29.68 -2.10 -0.36
CA ASP A 120 -29.91 -0.79 0.21
C ASP A 120 -30.24 0.22 -0.89
N PHE A 121 -31.46 0.75 -0.86
CA PHE A 121 -31.88 1.75 -1.82
C PHE A 121 -32.72 2.82 -1.15
N HIS A 122 -32.07 3.92 -0.76
CA HIS A 122 -32.75 5.08 -0.18
C HIS A 122 -33.41 4.73 1.16
N HIS A 123 -34.24 5.64 1.66
CA HIS A 123 -35.00 5.43 2.89
C HIS A 123 -34.06 5.15 4.06
N HIS A 124 -33.02 5.97 4.18
CA HIS A 124 -32.01 5.79 5.23
C HIS A 124 -32.47 6.44 6.53
N HIS A 125 -33.72 6.83 6.59
CA HIS A 125 -34.29 7.39 7.80
C HIS A 125 -35.71 6.85 8.00
N HIS A 126 -35.86 6.00 9.00
CA HIS A 126 -37.16 5.47 9.37
C HIS A 126 -37.23 5.23 10.87
N HIS A 127 -38.36 5.57 11.46
CA HIS A 127 -38.53 5.47 12.90
C HIS A 127 -39.75 4.62 13.21
N MET A 1 4.14 3.74 -104.15
CA MET A 1 2.94 2.86 -104.12
C MET A 1 3.04 1.87 -102.97
N ALA A 2 2.28 2.11 -101.91
CA ALA A 2 2.31 1.25 -100.73
C ALA A 2 0.92 1.10 -100.13
N GLY A 3 0.53 -0.15 -99.90
CA GLY A 3 -0.75 -0.45 -99.30
C GLY A 3 -0.65 -1.68 -98.43
N THR A 4 -0.43 -1.48 -97.14
CA THR A 4 -0.17 -2.59 -96.23
C THR A 4 -1.45 -3.38 -95.94
N MET A 5 -2.36 -2.76 -95.18
CA MET A 5 -3.61 -3.41 -94.77
C MET A 5 -3.32 -4.67 -93.95
N THR A 6 -4.35 -5.46 -93.70
CA THR A 6 -4.26 -6.75 -92.99
C THR A 6 -3.54 -6.62 -91.65
N PHE A 7 -4.31 -6.42 -90.60
CA PHE A 7 -3.75 -6.29 -89.26
C PHE A 7 -3.35 -7.67 -88.74
N GLN A 8 -2.27 -7.72 -87.97
CA GLN A 8 -1.81 -8.97 -87.40
C GLN A 8 -1.13 -8.75 -86.05
N PHE A 9 -1.93 -8.90 -85.00
CA PHE A 9 -1.45 -8.75 -83.63
C PHE A 9 -2.49 -9.30 -82.66
N ARG A 10 -2.05 -9.77 -81.51
CA ARG A 10 -2.96 -10.31 -80.51
C ARG A 10 -3.06 -9.37 -79.31
N ASN A 11 -2.01 -9.41 -78.48
CA ASN A 11 -1.94 -8.57 -77.27
C ASN A 11 -3.18 -8.79 -76.39
N PRO A 12 -3.36 -10.01 -75.86
CA PRO A 12 -4.53 -10.37 -75.07
C PRO A 12 -4.50 -9.79 -73.67
N ASN A 13 -3.29 -9.68 -73.11
CA ASN A 13 -3.08 -9.26 -71.73
C ASN A 13 -3.61 -10.29 -70.74
N PHE A 14 -2.68 -10.88 -70.01
CA PHE A 14 -3.02 -11.92 -69.04
C PHE A 14 -2.09 -11.82 -67.84
N GLY A 15 -2.33 -12.64 -66.82
CA GLY A 15 -1.52 -12.59 -65.63
C GLY A 15 -2.28 -11.98 -64.46
N GLY A 16 -1.55 -11.41 -63.51
CA GLY A 16 -2.17 -10.84 -62.34
C GLY A 16 -2.27 -11.84 -61.21
N ASN A 17 -1.29 -11.82 -60.31
CA ASN A 17 -1.23 -12.78 -59.23
C ASN A 17 -1.95 -12.24 -57.99
N PRO A 18 -2.61 -13.11 -57.24
CA PRO A 18 -3.28 -12.73 -56.00
C PRO A 18 -2.29 -12.57 -54.84
N ASN A 19 -2.61 -11.68 -53.91
CA ASN A 19 -1.82 -11.50 -52.72
C ASN A 19 -2.73 -11.27 -51.52
N ASN A 20 -2.96 -12.32 -50.77
CA ASN A 20 -3.85 -12.25 -49.61
C ASN A 20 -3.21 -12.94 -48.42
N GLY A 21 -3.47 -12.40 -47.24
CA GLY A 21 -2.93 -12.96 -46.03
C GLY A 21 -3.67 -12.43 -44.82
N ALA A 22 -3.17 -12.72 -43.63
CA ALA A 22 -3.80 -12.27 -42.40
C ALA A 22 -2.78 -12.11 -41.28
N PHE A 23 -2.43 -10.87 -40.98
CA PHE A 23 -1.54 -10.56 -39.87
C PHE A 23 -2.32 -9.82 -38.78
N LEU A 24 -2.37 -10.41 -37.59
CA LEU A 24 -3.09 -9.81 -36.48
C LEU A 24 -2.19 -9.72 -35.26
N LEU A 25 -2.68 -9.04 -34.21
CA LEU A 25 -1.97 -8.83 -32.94
C LEU A 25 -0.51 -8.37 -33.14
N ASN A 26 0.26 -8.41 -32.06
CA ASN A 26 1.67 -8.06 -32.11
C ASN A 26 2.35 -8.51 -30.82
N SER A 27 3.67 -8.51 -30.82
CA SER A 27 4.43 -8.91 -29.65
C SER A 27 5.32 -7.75 -29.17
N ALA A 28 5.73 -7.80 -27.91
CA ALA A 28 6.55 -6.74 -27.33
C ALA A 28 7.37 -7.27 -26.17
N GLN A 29 8.64 -6.91 -26.14
CA GLN A 29 9.53 -7.33 -25.07
C GLN A 29 9.95 -6.15 -24.20
N ALA A 30 10.97 -5.43 -24.66
CA ALA A 30 11.51 -4.29 -23.93
C ALA A 30 12.62 -3.64 -24.76
N GLN A 31 13.14 -2.53 -24.27
CA GLN A 31 14.25 -1.87 -24.95
C GLN A 31 15.52 -1.97 -24.11
N ASN A 32 16.63 -2.32 -24.75
CA ASN A 32 17.92 -2.35 -24.08
C ASN A 32 18.37 -0.94 -23.76
N SER A 33 18.19 -0.53 -22.52
CA SER A 33 18.46 0.85 -22.14
C SER A 33 18.99 0.92 -20.72
N TYR A 34 19.23 2.14 -20.24
CA TYR A 34 19.74 2.37 -18.90
C TYR A 34 18.67 3.05 -18.06
N LYS A 35 17.40 2.80 -18.41
CA LYS A 35 16.26 3.46 -17.78
C LYS A 35 16.21 4.93 -18.22
N ASP A 36 16.96 5.21 -19.28
CA ASP A 36 17.08 6.55 -19.82
C ASP A 36 15.82 6.98 -20.56
N PRO A 37 15.53 8.28 -20.56
CA PRO A 37 14.43 8.86 -21.34
C PRO A 37 14.81 8.98 -22.81
N SER A 38 13.85 9.37 -23.64
CA SER A 38 14.05 9.42 -25.07
C SER A 38 12.91 10.17 -25.73
N TYR A 39 13.22 10.88 -26.81
CA TYR A 39 12.22 11.67 -27.55
C TYR A 39 11.77 12.86 -26.72
N ASN A 40 11.16 13.85 -27.39
CA ASN A 40 10.69 15.07 -26.73
C ASN A 40 11.84 15.80 -26.07
N ASP A 41 12.84 16.14 -26.89
CA ASP A 41 14.06 16.86 -26.48
C ASP A 41 14.71 16.28 -25.22
N ASP A 42 14.46 15.00 -24.93
CA ASP A 42 15.15 14.34 -23.83
C ASP A 42 15.90 13.13 -24.35
N PHE A 43 17.20 13.11 -24.10
CA PHE A 43 18.05 12.03 -24.56
C PHE A 43 18.89 11.53 -23.41
N GLY A 44 18.32 11.60 -22.21
CA GLY A 44 19.02 11.16 -21.02
C GLY A 44 19.23 12.30 -20.05
N ILE A 45 18.25 13.20 -19.97
CA ILE A 45 18.33 14.31 -19.04
C ILE A 45 17.84 13.86 -17.67
N GLU A 46 16.69 13.21 -17.65
CA GLU A 46 16.18 12.61 -16.42
C GLU A 46 17.08 11.45 -16.00
N THR A 47 17.58 11.53 -14.78
CA THR A 47 18.53 10.55 -14.28
C THR A 47 18.03 9.91 -12.98
N PRO A 48 17.26 8.82 -13.10
CA PRO A 48 16.67 8.14 -11.94
C PRO A 48 17.73 7.60 -10.97
N SER A 49 17.86 8.26 -9.83
CA SER A 49 18.74 7.81 -8.77
C SER A 49 18.10 8.01 -7.41
N ALA A 50 17.36 9.10 -7.25
CA ALA A 50 16.64 9.37 -6.01
C ALA A 50 15.21 8.83 -6.10
N LEU A 51 14.65 8.88 -7.30
CA LEU A 51 13.30 8.39 -7.52
C LEU A 51 13.32 7.01 -8.17
N ASP A 52 14.52 6.51 -8.41
CA ASP A 52 14.71 5.26 -9.14
C ASP A 52 14.08 4.07 -8.42
N ASN A 53 14.58 3.79 -7.22
CA ASN A 53 14.10 2.65 -6.44
C ASN A 53 12.68 2.91 -5.95
N PHE A 54 12.29 4.17 -5.97
CA PHE A 54 10.95 4.57 -5.58
C PHE A 54 9.93 4.17 -6.64
N THR A 55 10.12 4.66 -7.86
CA THR A 55 9.18 4.39 -8.95
C THR A 55 9.28 2.92 -9.37
N GLN A 56 10.40 2.30 -9.01
CA GLN A 56 10.65 0.89 -9.33
C GLN A 56 9.58 0.01 -8.66
N ALA A 57 9.16 0.42 -7.47
CA ALA A 57 8.16 -0.33 -6.72
C ALA A 57 6.75 0.06 -7.14
N ILE A 58 6.63 1.22 -7.77
CA ILE A 58 5.32 1.73 -8.18
C ILE A 58 4.78 0.94 -9.36
N GLN A 59 5.67 0.37 -10.16
CA GLN A 59 5.26 -0.42 -11.31
C GLN A 59 4.30 -1.54 -10.92
N SER A 60 4.52 -2.11 -9.74
CA SER A 60 3.66 -3.18 -9.24
C SER A 60 2.23 -2.67 -9.04
N GLN A 61 2.09 -1.55 -8.33
CA GLN A 61 0.77 -1.00 -8.04
C GLN A 61 0.15 -0.36 -9.28
N ILE A 62 0.98 -0.08 -10.28
CA ILE A 62 0.49 0.39 -11.57
C ILE A 62 -0.17 -0.77 -12.31
N LEU A 63 0.53 -1.89 -12.39
CA LEU A 63 0.02 -3.09 -13.04
C LEU A 63 -1.25 -3.56 -12.33
N GLY A 64 -1.22 -3.52 -11.00
CA GLY A 64 -2.38 -3.87 -10.21
C GLY A 64 -3.57 -2.99 -10.52
N GLY A 65 -3.33 -1.69 -10.63
CA GLY A 65 -4.39 -0.76 -10.94
C GLY A 65 -4.96 -0.96 -12.34
N LEU A 66 -4.09 -1.34 -13.26
CA LEU A 66 -4.51 -1.63 -14.63
C LEU A 66 -5.50 -2.77 -14.67
N LEU A 67 -5.13 -3.89 -14.05
CA LEU A 67 -5.98 -5.07 -14.01
C LEU A 67 -7.22 -4.83 -13.16
N SER A 68 -7.07 -4.00 -12.14
CA SER A 68 -8.16 -3.67 -11.24
C SER A 68 -9.34 -3.09 -12.01
N ASN A 69 -9.07 -2.11 -12.86
CA ASN A 69 -10.12 -1.44 -13.63
C ASN A 69 -10.68 -2.32 -14.74
N ILE A 70 -9.93 -3.35 -15.11
CA ILE A 70 -10.39 -4.31 -16.11
C ILE A 70 -11.41 -5.26 -15.49
N ASN A 71 -11.20 -5.61 -14.23
CA ASN A 71 -12.05 -6.56 -13.54
C ASN A 71 -13.42 -5.94 -13.24
N THR A 72 -13.42 -4.82 -12.53
CA THR A 72 -14.67 -4.17 -12.11
C THR A 72 -14.42 -2.69 -11.81
N GLY A 73 -15.48 -1.88 -11.89
CA GLY A 73 -15.40 -0.49 -11.47
C GLY A 73 -15.28 -0.36 -9.96
N LYS A 74 -14.16 -0.89 -9.45
CA LYS A 74 -13.88 -0.96 -8.02
C LYS A 74 -13.93 0.41 -7.32
N PRO A 75 -14.13 0.40 -5.99
CA PRO A 75 -14.04 1.60 -5.16
C PRO A 75 -12.58 1.97 -4.92
N GLY A 76 -12.34 3.22 -4.55
CA GLY A 76 -10.98 3.69 -4.31
C GLY A 76 -10.51 3.41 -2.89
N ARG A 77 -9.42 4.05 -2.49
CA ARG A 77 -8.88 3.86 -1.16
C ARG A 77 -9.29 5.00 -0.25
N MET A 78 -9.87 4.67 0.89
CA MET A 78 -10.31 5.67 1.84
C MET A 78 -9.15 6.14 2.70
N VAL A 79 -8.69 7.35 2.44
CA VAL A 79 -7.58 7.91 3.19
C VAL A 79 -8.07 8.37 4.56
N THR A 80 -7.71 7.61 5.58
CA THR A 80 -8.13 7.90 6.93
C THR A 80 -7.21 8.95 7.56
N ASN A 81 -7.70 9.61 8.60
CA ASN A 81 -6.97 10.67 9.27
C ASN A 81 -5.58 10.23 9.70
N ASP A 82 -5.54 9.21 10.55
CA ASP A 82 -4.29 8.73 11.10
C ASP A 82 -3.93 7.35 10.56
N TYR A 83 -4.95 6.52 10.40
CA TYR A 83 -4.75 5.15 9.93
C TYR A 83 -4.55 5.09 8.43
N ILE A 84 -3.67 4.20 8.00
CA ILE A 84 -3.46 3.97 6.57
C ILE A 84 -4.33 2.82 6.09
N VAL A 85 -5.53 3.15 5.66
CA VAL A 85 -6.46 2.17 5.14
C VAL A 85 -6.36 2.10 3.63
N ASP A 86 -5.96 0.94 3.12
CA ASP A 86 -5.84 0.74 1.68
C ASP A 86 -6.78 -0.36 1.22
N ILE A 87 -7.70 0.00 0.33
CA ILE A 87 -8.64 -0.95 -0.22
C ILE A 87 -8.13 -1.44 -1.56
N ALA A 88 -7.45 -2.58 -1.53
CA ALA A 88 -6.85 -3.13 -2.74
C ALA A 88 -7.81 -4.11 -3.42
N ASN A 89 -8.47 -3.64 -4.46
CA ASN A 89 -9.37 -4.48 -5.24
C ASN A 89 -8.64 -5.01 -6.46
N ARG A 90 -8.33 -6.30 -6.45
CA ARG A 90 -7.72 -6.95 -7.60
C ARG A 90 -8.36 -8.30 -7.84
N ASP A 91 -8.73 -8.56 -9.08
CA ASP A 91 -9.27 -9.85 -9.49
C ASP A 91 -10.57 -10.17 -8.75
N GLY A 92 -11.21 -9.13 -8.23
CA GLY A 92 -12.45 -9.32 -7.51
C GLY A 92 -12.24 -9.51 -6.02
N GLN A 93 -10.98 -9.62 -5.62
CA GLN A 93 -10.64 -9.81 -4.21
C GLN A 93 -10.42 -8.46 -3.54
N LEU A 94 -11.13 -8.24 -2.43
CA LEU A 94 -10.97 -7.01 -1.67
C LEU A 94 -9.96 -7.21 -0.56
N GLN A 95 -8.79 -6.63 -0.72
CA GLN A 95 -7.78 -6.67 0.32
C GLN A 95 -7.78 -5.38 1.11
N LEU A 96 -8.49 -5.40 2.23
CA LEU A 96 -8.53 -4.25 3.11
C LEU A 96 -7.33 -4.28 4.04
N ASN A 97 -6.28 -3.59 3.66
CA ASN A 97 -5.04 -3.60 4.44
C ASN A 97 -4.85 -2.27 5.15
N VAL A 98 -4.63 -2.34 6.45
CA VAL A 98 -4.44 -1.15 7.25
C VAL A 98 -3.06 -1.17 7.89
N THR A 99 -2.38 -0.06 7.77
CA THR A 99 -1.12 0.14 8.45
C THR A 99 -1.33 1.09 9.63
N ASP A 100 -1.18 0.55 10.84
CA ASP A 100 -1.47 1.31 12.05
C ASP A 100 -0.49 2.47 12.24
N ARG A 101 -0.95 3.49 12.94
CA ARG A 101 -0.21 4.73 13.14
C ARG A 101 0.80 4.60 14.28
N LYS A 102 0.47 3.77 15.27
CA LYS A 102 1.27 3.69 16.49
C LYS A 102 2.11 2.42 16.53
N THR A 103 1.43 1.29 16.53
CA THR A 103 2.08 0.00 16.62
C THR A 103 2.63 -0.39 15.26
N GLY A 104 2.10 0.25 14.23
CA GLY A 104 2.56 0.01 12.87
C GLY A 104 2.18 -1.36 12.37
N GLN A 105 1.10 -1.91 12.92
CA GLN A 105 0.61 -3.20 12.49
C GLN A 105 0.09 -3.12 11.06
N THR A 106 0.60 -3.98 10.21
CA THR A 106 0.12 -4.05 8.84
C THR A 106 -0.81 -5.25 8.71
N SER A 107 -2.10 -5.02 8.90
CA SER A 107 -3.07 -6.10 8.87
C SER A 107 -3.79 -6.12 7.52
N THR A 108 -3.69 -7.25 6.83
CA THR A 108 -4.34 -7.41 5.55
C THR A 108 -5.61 -8.24 5.68
N ILE A 109 -6.74 -7.57 5.68
CA ILE A 109 -8.02 -8.25 5.76
C ILE A 109 -8.55 -8.50 4.35
N GLN A 110 -8.23 -9.66 3.81
CA GLN A 110 -8.65 -10.00 2.47
C GLN A 110 -10.01 -10.69 2.49
N VAL A 111 -10.92 -10.22 1.64
CA VAL A 111 -12.23 -10.86 1.51
C VAL A 111 -12.10 -12.12 0.68
N SER A 112 -11.67 -13.19 1.31
CA SER A 112 -11.50 -14.47 0.66
C SER A 112 -11.43 -15.56 1.72
N GLY A 113 -12.06 -16.70 1.44
CA GLY A 113 -12.05 -17.78 2.38
C GLY A 113 -10.88 -18.70 2.18
N LEU A 114 -10.04 -18.39 1.20
CA LEU A 114 -8.88 -19.19 0.90
C LEU A 114 -7.62 -18.60 1.52
N GLN A 115 -7.55 -18.62 2.83
CA GLN A 115 -6.35 -18.16 3.53
C GLN A 115 -5.42 -19.33 3.78
N ASN A 116 -4.65 -19.69 2.77
CA ASN A 116 -3.78 -20.86 2.84
C ASN A 116 -2.33 -20.44 2.74
N ASN A 117 -2.05 -19.49 1.86
CA ASN A 117 -0.70 -18.98 1.68
C ASN A 117 -0.25 -18.24 2.93
N SER A 118 0.90 -18.60 3.46
CA SER A 118 1.42 -17.99 4.67
C SER A 118 1.70 -16.51 4.44
N THR A 119 0.79 -15.66 4.89
CA THR A 119 0.90 -14.24 4.71
C THR A 119 1.49 -13.60 5.96
N ASP A 120 2.75 -13.21 5.86
CA ASP A 120 3.44 -12.59 6.98
C ASP A 120 4.36 -11.50 6.46
N PHE A 121 4.30 -10.34 7.08
CA PHE A 121 5.13 -9.22 6.66
C PHE A 121 5.88 -8.68 7.86
N HIS A 122 6.91 -9.41 8.27
CA HIS A 122 7.74 -8.99 9.39
C HIS A 122 8.52 -7.74 9.03
N HIS A 123 8.16 -6.64 9.67
CA HIS A 123 8.80 -5.37 9.45
C HIS A 123 9.24 -4.76 10.77
N HIS A 124 10.54 -4.71 10.98
CA HIS A 124 11.09 -4.18 12.22
C HIS A 124 11.03 -2.66 12.21
N HIS A 125 9.83 -2.13 12.38
CA HIS A 125 9.61 -0.70 12.37
C HIS A 125 8.43 -0.34 13.28
N HIS A 126 8.64 0.63 14.15
CA HIS A 126 7.62 1.06 15.09
C HIS A 126 7.61 2.57 15.17
N HIS A 127 6.42 3.14 15.43
CA HIS A 127 6.30 4.57 15.62
C HIS A 127 6.86 4.97 16.97
N MET A 1 67.61 -3.80 21.05
CA MET A 1 66.33 -3.35 21.66
C MET A 1 66.42 -1.89 22.06
N ALA A 2 65.47 -1.09 21.59
CA ALA A 2 65.46 0.34 21.87
C ALA A 2 64.04 0.84 22.02
N GLY A 3 63.90 2.10 22.42
CA GLY A 3 62.59 2.67 22.60
C GLY A 3 62.54 3.61 23.77
N THR A 4 62.06 3.10 24.91
CA THR A 4 61.98 3.87 26.15
C THR A 4 61.14 5.14 25.95
N MET A 5 60.01 4.99 25.27
CA MET A 5 59.10 6.10 25.01
C MET A 5 59.83 7.22 24.28
N THR A 6 60.30 6.93 23.09
CA THR A 6 61.07 7.88 22.31
C THR A 6 60.12 8.77 21.49
N PHE A 7 58.86 8.34 21.41
CA PHE A 7 57.81 9.07 20.69
C PHE A 7 58.03 9.05 19.18
N GLN A 8 56.98 9.40 18.45
CA GLN A 8 57.01 9.44 17.01
C GLN A 8 55.95 10.42 16.50
N PHE A 9 54.75 10.30 17.07
CA PHE A 9 53.61 11.13 16.68
C PHE A 9 53.25 10.94 15.22
N ARG A 10 52.45 9.93 14.94
CA ARG A 10 52.03 9.63 13.58
C ARG A 10 50.52 9.80 13.49
N ASN A 11 50.05 10.50 12.47
CA ASN A 11 48.63 10.76 12.33
C ASN A 11 48.15 10.44 10.92
N PRO A 12 47.78 9.17 10.68
CA PRO A 12 47.31 8.72 9.38
C PRO A 12 45.89 9.22 9.08
N ASN A 13 45.57 9.29 7.80
CA ASN A 13 44.25 9.74 7.32
C ASN A 13 44.08 11.25 7.52
N PHE A 14 43.26 11.87 6.70
CA PHE A 14 43.10 13.32 6.71
C PHE A 14 41.90 13.75 7.55
N GLY A 15 41.80 15.03 7.83
CA GLY A 15 40.70 15.55 8.61
C GLY A 15 39.60 16.10 7.73
N GLY A 16 38.84 15.20 7.12
CA GLY A 16 37.79 15.61 6.22
C GLY A 16 36.45 15.00 6.57
N ASN A 17 36.18 14.94 7.87
CA ASN A 17 34.92 14.38 8.41
C ASN A 17 34.84 12.87 8.16
N PRO A 18 34.04 12.15 8.97
CA PRO A 18 33.82 10.71 8.79
C PRO A 18 32.92 10.40 7.60
N ASN A 19 33.39 10.73 6.41
CA ASN A 19 32.66 10.49 5.18
C ASN A 19 33.60 10.57 3.98
N ASN A 20 33.99 9.42 3.47
CA ASN A 20 34.84 9.37 2.29
C ASN A 20 34.59 8.08 1.52
N GLY A 21 34.65 6.97 2.22
CA GLY A 21 34.45 5.68 1.61
C GLY A 21 35.02 4.56 2.47
N ALA A 22 34.14 3.88 3.19
CA ALA A 22 34.57 2.87 4.14
C ALA A 22 33.69 1.63 4.10
N PHE A 23 32.50 1.78 3.49
CA PHE A 23 31.51 0.71 3.47
C PHE A 23 31.13 0.33 4.90
N LEU A 24 30.50 1.27 5.60
CA LEU A 24 30.11 1.04 6.98
C LEU A 24 28.74 0.39 7.04
N LEU A 25 28.74 -0.93 7.12
CA LEU A 25 27.50 -1.67 7.19
C LEU A 25 27.42 -2.45 8.50
N ASN A 26 28.30 -3.44 8.64
CA ASN A 26 28.28 -4.35 9.76
C ASN A 26 26.93 -5.06 9.85
N SER A 27 26.72 -6.02 8.97
CA SER A 27 25.47 -6.73 8.90
C SER A 27 25.35 -7.75 10.02
N ALA A 28 24.89 -7.27 11.17
CA ALA A 28 24.62 -8.14 12.31
C ALA A 28 23.12 -8.36 12.44
N GLN A 29 22.72 -9.23 13.34
CA GLN A 29 21.30 -9.54 13.51
C GLN A 29 20.60 -8.48 14.35
N ALA A 30 21.25 -8.11 15.46
CA ALA A 30 20.72 -7.09 16.39
C ALA A 30 19.46 -7.58 17.11
N GLN A 31 19.08 -6.87 18.16
CA GLN A 31 17.92 -7.25 18.95
C GLN A 31 16.80 -6.24 18.80
N ASN A 32 16.86 -5.17 19.60
CA ASN A 32 15.83 -4.13 19.62
C ASN A 32 14.47 -4.74 19.99
N SER A 33 13.42 -3.94 19.94
CA SER A 33 12.08 -4.42 20.23
C SER A 33 11.14 -4.15 19.05
N TYR A 34 10.89 -5.19 18.26
CA TYR A 34 9.94 -5.13 17.16
C TYR A 34 10.47 -4.20 16.07
N LYS A 35 11.80 -4.09 16.02
CA LYS A 35 12.56 -3.26 15.07
C LYS A 35 12.06 -1.80 14.99
N ASP A 36 11.22 -1.42 15.93
CA ASP A 36 10.73 -0.04 16.03
C ASP A 36 11.12 0.54 17.38
N PRO A 37 11.10 1.88 17.53
CA PRO A 37 11.41 2.54 18.81
C PRO A 37 10.60 1.98 19.98
N SER A 38 11.21 1.92 21.15
CA SER A 38 10.59 1.32 22.31
C SER A 38 9.70 2.32 23.07
N TYR A 39 10.32 3.17 23.89
CA TYR A 39 9.56 4.08 24.75
C TYR A 39 10.43 5.19 25.31
N ASN A 40 9.78 6.22 25.85
CA ASN A 40 10.45 7.34 26.53
C ASN A 40 11.41 8.07 25.60
N ASP A 41 10.88 9.08 24.89
CA ASP A 41 11.66 9.90 23.96
C ASP A 41 12.36 9.01 22.92
N ASP A 42 11.63 8.65 21.89
CA ASP A 42 12.15 7.75 20.87
C ASP A 42 12.51 8.50 19.58
N PHE A 43 11.53 8.75 18.73
CA PHE A 43 11.74 9.46 17.47
C PHE A 43 12.80 8.78 16.61
N GLY A 44 12.90 7.47 16.73
CA GLY A 44 13.86 6.72 15.94
C GLY A 44 13.23 6.19 14.66
N ILE A 45 12.05 6.70 14.33
CA ILE A 45 11.32 6.26 13.16
C ILE A 45 11.77 7.04 11.93
N GLU A 46 12.05 8.33 12.13
CA GLU A 46 12.41 9.23 11.04
C GLU A 46 13.88 9.09 10.66
N THR A 47 14.59 8.22 11.36
CA THR A 47 15.96 7.90 11.01
C THR A 47 16.06 6.44 10.59
N PRO A 48 15.80 6.15 9.29
CA PRO A 48 15.77 4.79 8.77
C PRO A 48 17.10 4.07 8.93
N SER A 49 17.16 3.17 9.89
CA SER A 49 18.36 2.38 10.14
C SER A 49 18.00 0.91 10.33
N ALA A 50 17.46 0.58 11.49
CA ALA A 50 17.02 -0.78 11.77
C ALA A 50 15.77 -1.12 10.97
N LEU A 51 14.89 -0.14 10.83
CA LEU A 51 13.64 -0.31 10.11
C LEU A 51 13.77 0.20 8.67
N ASP A 52 14.99 0.50 8.27
CA ASP A 52 15.27 1.07 6.95
C ASP A 52 14.79 0.14 5.85
N ASN A 53 15.23 -1.11 5.91
CA ASN A 53 14.90 -2.09 4.88
C ASN A 53 13.40 -2.32 4.82
N PHE A 54 12.78 -2.38 6.00
CA PHE A 54 11.35 -2.61 6.11
C PHE A 54 10.53 -1.54 5.39
N THR A 55 10.62 -0.31 5.86
CA THR A 55 9.76 0.76 5.36
C THR A 55 10.13 1.14 3.92
N GLN A 56 11.32 0.79 3.49
CA GLN A 56 11.76 1.10 2.13
C GLN A 56 11.22 0.05 1.15
N ALA A 57 11.16 -1.19 1.60
CA ALA A 57 10.61 -2.26 0.80
C ALA A 57 9.11 -2.05 0.58
N ILE A 58 8.46 -1.42 1.55
CA ILE A 58 7.05 -1.09 1.45
C ILE A 58 6.82 0.00 0.41
N GLN A 59 7.64 1.04 0.46
CA GLN A 59 7.53 2.12 -0.50
C GLN A 59 7.91 1.61 -1.90
N SER A 60 8.61 0.49 -1.95
CA SER A 60 9.00 -0.12 -3.21
C SER A 60 7.88 -1.01 -3.77
N GLN A 61 6.77 -1.14 -3.04
CA GLN A 61 5.64 -1.92 -3.52
C GLN A 61 4.51 -0.99 -3.95
N ILE A 62 4.73 0.31 -3.76
CA ILE A 62 3.72 1.31 -4.06
C ILE A 62 3.61 1.56 -5.56
N LEU A 63 4.72 1.39 -6.26
CA LEU A 63 4.78 1.65 -7.70
C LEU A 63 3.81 0.72 -8.43
N GLY A 64 3.81 -0.54 -8.04
CA GLY A 64 2.87 -1.50 -8.61
C GLY A 64 1.53 -1.45 -7.90
N GLY A 65 1.57 -1.13 -6.61
CA GLY A 65 0.35 -1.04 -5.81
C GLY A 65 -0.60 0.04 -6.30
N LEU A 66 -0.05 1.04 -6.98
CA LEU A 66 -0.84 2.10 -7.57
C LEU A 66 -1.90 1.50 -8.51
N LEU A 67 -1.50 0.48 -9.26
CA LEU A 67 -2.38 -0.16 -10.23
C LEU A 67 -3.30 -1.17 -9.54
N SER A 68 -3.35 -1.10 -8.21
CA SER A 68 -4.28 -1.92 -7.44
C SER A 68 -5.27 -1.01 -6.71
N ASN A 69 -4.89 0.25 -6.54
CA ASN A 69 -5.75 1.23 -5.87
C ASN A 69 -6.76 1.82 -6.85
N ILE A 70 -6.38 1.83 -8.13
CA ILE A 70 -7.22 2.41 -9.17
C ILE A 70 -8.25 1.39 -9.66
N ASN A 71 -8.16 0.17 -9.15
CA ASN A 71 -9.06 -0.92 -9.57
C ASN A 71 -10.42 -0.82 -8.88
N THR A 72 -10.63 0.26 -8.14
CA THR A 72 -11.88 0.51 -7.41
C THR A 72 -12.25 -0.66 -6.51
N GLY A 73 -13.51 -0.70 -6.07
CA GLY A 73 -13.96 -1.79 -5.22
C GLY A 73 -14.49 -1.27 -3.91
N LYS A 74 -13.63 -0.65 -3.14
CA LYS A 74 -14.03 0.04 -1.92
C LYS A 74 -15.07 1.12 -2.21
N PRO A 75 -16.04 1.29 -1.30
CA PRO A 75 -17.01 2.37 -1.41
C PRO A 75 -16.45 3.69 -0.88
N GLY A 76 -15.30 3.57 -0.23
CA GLY A 76 -14.62 4.70 0.34
C GLY A 76 -13.55 4.26 1.32
N ARG A 77 -12.49 5.05 1.45
CA ARG A 77 -11.43 4.74 2.40
C ARG A 77 -11.64 5.52 3.69
N MET A 78 -10.85 5.21 4.70
CA MET A 78 -10.90 5.95 5.95
C MET A 78 -9.52 6.47 6.31
N VAL A 79 -9.37 7.78 6.29
CA VAL A 79 -8.11 8.41 6.62
C VAL A 79 -8.10 8.83 8.08
N THR A 80 -7.76 7.88 8.94
CA THR A 80 -7.71 8.13 10.38
C THR A 80 -6.42 8.87 10.73
N ASN A 81 -6.22 9.16 12.00
CA ASN A 81 -5.05 9.92 12.42
C ASN A 81 -3.79 9.05 12.36
N ASP A 82 -3.85 7.88 12.97
CA ASP A 82 -2.70 6.97 13.00
C ASP A 82 -3.04 5.61 12.41
N TYR A 83 -4.12 5.56 11.65
CA TYR A 83 -4.53 4.32 10.99
C TYR A 83 -4.92 4.58 9.55
N ILE A 84 -4.11 4.08 8.63
CA ILE A 84 -4.39 4.21 7.21
C ILE A 84 -5.00 2.91 6.69
N VAL A 85 -6.30 2.93 6.45
CA VAL A 85 -7.00 1.76 5.96
C VAL A 85 -7.60 2.02 4.58
N ASP A 86 -7.19 1.20 3.62
CA ASP A 86 -7.68 1.34 2.26
C ASP A 86 -7.97 -0.03 1.67
N ILE A 87 -9.11 -0.15 1.01
CA ILE A 87 -9.49 -1.39 0.38
C ILE A 87 -8.97 -1.44 -1.05
N ALA A 88 -7.88 -2.16 -1.26
CA ALA A 88 -7.30 -2.32 -2.58
C ALA A 88 -7.88 -3.55 -3.26
N ASN A 89 -7.85 -3.56 -4.58
CA ASN A 89 -8.38 -4.69 -5.34
C ASN A 89 -7.34 -5.21 -6.33
N ARG A 90 -7.08 -6.50 -6.26
CA ARG A 90 -6.18 -7.14 -7.20
C ARG A 90 -6.80 -8.42 -7.73
N ASP A 91 -7.07 -8.46 -9.03
CA ASP A 91 -7.59 -9.65 -9.69
C ASP A 91 -8.96 -10.05 -9.15
N GLY A 92 -9.71 -9.06 -8.68
CA GLY A 92 -11.04 -9.32 -8.17
C GLY A 92 -11.02 -9.74 -6.72
N GLN A 93 -10.01 -9.28 -5.98
CA GLN A 93 -9.93 -9.54 -4.56
C GLN A 93 -9.92 -8.22 -3.80
N LEU A 94 -10.88 -8.08 -2.89
CA LEU A 94 -10.99 -6.88 -2.08
C LEU A 94 -10.23 -7.08 -0.78
N GLN A 95 -9.29 -6.20 -0.53
CA GLN A 95 -8.46 -6.32 0.66
C GLN A 95 -8.62 -5.12 1.58
N LEU A 96 -9.31 -5.35 2.70
CA LEU A 96 -9.42 -4.35 3.74
C LEU A 96 -8.13 -4.36 4.54
N ASN A 97 -7.16 -3.59 4.08
CA ASN A 97 -5.83 -3.64 4.66
C ASN A 97 -5.50 -2.33 5.37
N VAL A 98 -5.41 -2.41 6.68
CA VAL A 98 -5.13 -1.24 7.50
C VAL A 98 -3.71 -1.28 8.05
N THR A 99 -3.02 -0.16 7.97
CA THR A 99 -1.66 -0.05 8.47
C THR A 99 -1.59 0.95 9.62
N ASP A 100 -1.08 0.50 10.77
CA ASP A 100 -0.86 1.35 11.92
C ASP A 100 0.31 2.29 11.64
N ARG A 101 0.16 3.55 12.00
CA ARG A 101 1.18 4.56 11.72
C ARG A 101 2.29 4.50 12.78
N LYS A 102 1.93 4.07 13.98
CA LYS A 102 2.86 4.08 15.11
C LYS A 102 3.39 2.68 15.39
N THR A 103 2.48 1.72 15.48
CA THR A 103 2.82 0.36 15.85
C THR A 103 3.19 -0.46 14.61
N GLY A 104 2.85 0.07 13.45
CA GLY A 104 3.18 -0.59 12.19
C GLY A 104 2.42 -1.89 11.99
N GLN A 105 1.35 -2.08 12.75
CA GLN A 105 0.51 -3.25 12.60
C GLN A 105 -0.12 -3.28 11.21
N THR A 106 0.11 -4.36 10.49
CA THR A 106 -0.43 -4.52 9.16
C THR A 106 -1.52 -5.60 9.16
N SER A 107 -2.76 -5.16 9.24
CA SER A 107 -3.88 -6.08 9.32
C SER A 107 -4.57 -6.16 7.97
N THR A 108 -4.34 -7.25 7.26
CA THR A 108 -4.92 -7.43 5.94
C THR A 108 -6.13 -8.36 5.99
N ILE A 109 -7.32 -7.78 5.92
CA ILE A 109 -8.54 -8.56 5.88
C ILE A 109 -9.02 -8.70 4.44
N GLN A 110 -8.70 -9.82 3.82
CA GLN A 110 -9.15 -10.09 2.46
C GLN A 110 -10.62 -10.46 2.46
N VAL A 111 -11.22 -10.47 1.28
CA VAL A 111 -12.58 -10.94 1.11
C VAL A 111 -12.73 -12.37 1.62
N SER A 112 -13.28 -12.50 2.82
CA SER A 112 -13.40 -13.79 3.48
C SER A 112 -14.83 -14.01 3.96
N GLY A 113 -15.66 -12.98 3.79
CA GLY A 113 -17.02 -13.05 4.28
C GLY A 113 -17.94 -13.78 3.34
N LEU A 114 -18.47 -13.06 2.35
CA LEU A 114 -19.48 -13.57 1.44
C LEU A 114 -20.76 -13.82 2.21
N GLN A 115 -20.81 -14.98 2.88
CA GLN A 115 -21.81 -15.28 3.91
C GLN A 115 -23.22 -14.83 3.50
N ASN A 116 -23.66 -15.27 2.33
CA ASN A 116 -24.97 -14.88 1.82
C ASN A 116 -26.06 -15.44 2.73
N ASN A 117 -26.60 -14.58 3.58
CA ASN A 117 -27.58 -14.98 4.57
C ASN A 117 -28.95 -15.05 3.91
N SER A 118 -29.55 -16.23 3.93
CA SER A 118 -30.82 -16.45 3.26
C SER A 118 -31.79 -17.18 4.19
N THR A 119 -33.03 -17.33 3.71
CA THR A 119 -34.08 -18.03 4.46
C THR A 119 -34.52 -17.20 5.67
N ASP A 120 -34.25 -15.91 5.61
CA ASP A 120 -34.73 -14.98 6.63
C ASP A 120 -35.95 -14.25 6.11
N PHE A 121 -37.12 -14.73 6.46
CA PHE A 121 -38.35 -14.16 5.98
C PHE A 121 -38.90 -13.17 6.98
N HIS A 122 -38.73 -11.90 6.68
CA HIS A 122 -39.12 -10.83 7.59
C HIS A 122 -40.15 -9.95 6.90
N HIS A 123 -41.42 -10.23 7.14
CA HIS A 123 -42.48 -9.47 6.48
C HIS A 123 -43.69 -9.32 7.39
N HIS A 124 -43.73 -8.19 8.09
CA HIS A 124 -44.89 -7.83 8.88
C HIS A 124 -45.37 -6.45 8.47
N HIS A 125 -46.36 -5.91 9.18
CA HIS A 125 -47.05 -4.69 8.77
C HIS A 125 -47.75 -4.97 7.44
N HIS A 126 -48.27 -6.19 7.33
CA HIS A 126 -48.88 -6.67 6.11
C HIS A 126 -50.40 -6.65 6.22
N HIS A 127 -51.03 -6.12 5.20
CA HIS A 127 -52.49 -6.06 5.14
C HIS A 127 -52.93 -6.02 3.69
N MET A 1 -43.85 13.93 -48.77
CA MET A 1 -44.60 13.89 -47.49
C MET A 1 -45.10 12.49 -47.21
N ALA A 2 -44.34 11.75 -46.41
CA ALA A 2 -44.69 10.38 -46.04
C ALA A 2 -44.80 9.49 -47.28
N GLY A 3 -45.47 8.36 -47.14
CA GLY A 3 -45.70 7.49 -48.27
C GLY A 3 -44.66 6.39 -48.36
N THR A 4 -43.59 6.53 -47.58
CA THR A 4 -42.49 5.57 -47.58
C THR A 4 -41.88 5.43 -48.96
N MET A 5 -40.97 6.34 -49.28
CA MET A 5 -40.34 6.37 -50.60
C MET A 5 -39.05 5.56 -50.59
N THR A 6 -38.71 5.02 -51.76
CA THR A 6 -37.48 4.23 -51.92
C THR A 6 -37.58 2.90 -51.16
N PHE A 7 -37.94 1.85 -51.89
CA PHE A 7 -38.01 0.51 -51.30
C PHE A 7 -36.61 0.04 -50.96
N GLN A 8 -36.36 -0.13 -49.66
CA GLN A 8 -35.03 -0.50 -49.19
C GLN A 8 -34.86 -2.02 -49.23
N PHE A 9 -35.96 -2.73 -48.97
CA PHE A 9 -36.02 -4.19 -49.10
C PHE A 9 -34.94 -4.87 -48.26
N ARG A 10 -34.57 -4.25 -47.15
CA ARG A 10 -33.55 -4.80 -46.23
C ARG A 10 -32.25 -5.13 -46.95
N ASN A 11 -31.70 -4.15 -47.65
CA ASN A 11 -30.39 -4.29 -48.25
C ASN A 11 -29.33 -3.76 -47.29
N PRO A 12 -28.14 -4.39 -47.27
CA PRO A 12 -27.08 -4.02 -46.33
C PRO A 12 -26.64 -2.57 -46.49
N ASN A 13 -26.61 -2.09 -47.74
CA ASN A 13 -26.17 -0.74 -48.10
C ASN A 13 -24.67 -0.55 -47.78
N PHE A 14 -24.02 0.35 -48.50
CA PHE A 14 -22.60 0.57 -48.29
C PHE A 14 -22.34 2.03 -47.93
N GLY A 15 -21.47 2.24 -46.96
CA GLY A 15 -21.11 3.57 -46.55
C GLY A 15 -19.61 3.77 -46.57
N GLY A 16 -19.18 4.86 -47.19
CA GLY A 16 -17.76 5.15 -47.28
C GLY A 16 -17.23 5.84 -46.03
N ASN A 17 -15.94 5.73 -45.80
CA ASN A 17 -15.33 6.30 -44.62
C ASN A 17 -14.39 7.43 -45.01
N PRO A 18 -14.21 8.41 -44.12
CA PRO A 18 -13.25 9.51 -44.34
C PRO A 18 -11.81 9.03 -44.32
N ASN A 19 -11.61 7.85 -43.73
CA ASN A 19 -10.30 7.18 -43.63
C ASN A 19 -9.40 7.91 -42.64
N ASN A 20 -9.10 9.17 -42.93
CA ASN A 20 -8.35 10.02 -42.03
C ASN A 20 -9.20 11.22 -41.62
N GLY A 21 -9.56 12.04 -42.59
CA GLY A 21 -10.40 13.18 -42.35
C GLY A 21 -10.97 13.72 -43.64
N ALA A 22 -11.35 12.80 -44.53
CA ALA A 22 -11.89 13.14 -45.85
C ALA A 22 -10.83 13.83 -46.71
N PHE A 23 -9.57 13.53 -46.41
CA PHE A 23 -8.41 14.09 -47.10
C PHE A 23 -8.30 15.60 -46.84
N LEU A 24 -7.38 15.96 -45.97
CA LEU A 24 -7.14 17.35 -45.64
C LEU A 24 -5.69 17.71 -45.89
N LEU A 25 -5.31 18.93 -45.48
CA LEU A 25 -3.95 19.47 -45.64
C LEU A 25 -3.39 19.22 -47.05
N ASN A 26 -3.67 20.16 -47.94
CA ASN A 26 -3.21 20.06 -49.32
C ASN A 26 -1.70 20.23 -49.40
N SER A 27 -1.11 19.76 -50.50
CA SER A 27 0.34 19.74 -50.64
C SER A 27 0.90 21.12 -50.99
N ALA A 28 1.16 21.90 -49.96
CA ALA A 28 1.93 23.12 -50.13
C ALA A 28 3.40 22.76 -50.19
N GLN A 29 4.02 22.93 -51.35
CA GLN A 29 5.38 22.45 -51.56
C GLN A 29 6.40 23.34 -50.86
N ALA A 30 6.82 22.86 -49.70
CA ALA A 30 7.85 23.48 -48.89
C ALA A 30 8.10 22.59 -47.69
N GLN A 31 9.01 22.97 -46.81
CA GLN A 31 9.21 22.22 -45.59
C GLN A 31 8.25 22.75 -44.52
N ASN A 32 7.10 22.10 -44.42
CA ASN A 32 6.03 22.58 -43.56
C ASN A 32 6.29 22.22 -42.11
N SER A 33 7.08 23.06 -41.45
CA SER A 33 7.36 22.90 -40.04
C SER A 33 6.29 23.60 -39.22
N TYR A 34 5.40 22.82 -38.63
CA TYR A 34 4.31 23.35 -37.82
C TYR A 34 4.12 22.49 -36.58
N LYS A 35 5.22 21.88 -36.13
CA LYS A 35 5.22 20.98 -34.99
C LYS A 35 5.62 21.74 -33.73
N ASP A 36 5.77 23.05 -33.87
CA ASP A 36 6.24 23.90 -32.79
C ASP A 36 5.08 24.41 -31.93
N PRO A 37 5.35 24.66 -30.64
CA PRO A 37 4.40 25.24 -29.68
C PRO A 37 3.65 26.46 -30.22
N SER A 38 2.43 26.64 -29.75
CA SER A 38 1.62 27.79 -30.11
C SER A 38 0.85 28.28 -28.88
N TYR A 39 1.27 29.43 -28.36
CA TYR A 39 0.66 30.04 -27.17
C TYR A 39 0.77 29.12 -25.95
N ASN A 40 1.78 29.35 -25.11
CA ASN A 40 1.99 28.59 -23.87
C ASN A 40 2.31 27.13 -24.16
N ASP A 41 2.81 26.87 -25.37
CA ASP A 41 3.13 25.52 -25.84
C ASP A 41 1.87 24.68 -26.01
N ASP A 42 1.85 23.89 -27.07
CA ASP A 42 0.68 23.09 -27.40
C ASP A 42 1.05 21.62 -27.48
N PHE A 43 1.84 21.27 -28.48
CA PHE A 43 2.21 19.88 -28.73
C PHE A 43 3.63 19.83 -29.29
N GLY A 44 4.40 20.87 -29.00
CA GLY A 44 5.70 21.02 -29.62
C GLY A 44 6.85 20.81 -28.66
N ILE A 45 6.75 19.75 -27.87
CA ILE A 45 7.80 19.40 -26.92
C ILE A 45 8.96 18.72 -27.64
N GLU A 46 8.69 17.52 -28.17
CA GLU A 46 9.63 16.76 -28.99
C GLU A 46 10.81 16.19 -28.20
N THR A 47 11.27 16.91 -27.17
CA THR A 47 12.39 16.44 -26.36
C THR A 47 12.01 16.40 -24.87
N PRO A 48 11.39 15.29 -24.43
CA PRO A 48 10.97 15.12 -23.04
C PRO A 48 12.15 14.92 -22.10
N SER A 49 12.33 15.85 -21.18
CA SER A 49 13.43 15.76 -20.23
C SER A 49 12.97 15.19 -18.89
N ALA A 50 12.17 15.95 -18.15
CA ALA A 50 11.73 15.52 -16.83
C ALA A 50 10.52 14.61 -16.92
N LEU A 51 9.59 14.95 -17.81
CA LEU A 51 8.36 14.17 -17.98
C LEU A 51 8.66 12.82 -18.61
N ASP A 52 9.85 12.69 -19.20
CA ASP A 52 10.26 11.46 -19.88
C ASP A 52 10.21 10.29 -18.91
N ASN A 53 10.82 10.45 -17.76
CA ASN A 53 10.84 9.41 -16.73
C ASN A 53 9.41 9.07 -16.29
N PHE A 54 8.59 10.10 -16.11
CA PHE A 54 7.21 9.92 -15.67
C PHE A 54 6.42 9.10 -16.69
N THR A 55 6.44 9.51 -17.95
CA THR A 55 5.68 8.83 -18.98
C THR A 55 6.25 7.44 -19.27
N GLN A 56 7.56 7.30 -19.09
CA GLN A 56 8.23 6.02 -19.30
C GLN A 56 7.73 4.99 -18.29
N ALA A 57 7.64 5.42 -17.04
CA ALA A 57 7.17 4.56 -15.96
C ALA A 57 5.71 4.15 -16.18
N ILE A 58 4.92 5.04 -16.77
CA ILE A 58 3.53 4.76 -17.07
C ILE A 58 3.42 3.65 -18.13
N GLN A 59 4.34 3.67 -19.09
CA GLN A 59 4.36 2.66 -20.14
C GLN A 59 4.79 1.31 -19.58
N SER A 60 5.74 1.33 -18.66
CA SER A 60 6.22 0.10 -18.03
C SER A 60 5.15 -0.53 -17.15
N GLN A 61 4.32 0.29 -16.53
CA GLN A 61 3.31 -0.21 -15.59
C GLN A 61 2.10 -0.80 -16.35
N ILE A 62 2.07 -0.60 -17.66
CA ILE A 62 0.97 -1.10 -18.48
C ILE A 62 0.91 -2.61 -18.42
N LEU A 63 2.09 -3.23 -18.30
CA LEU A 63 2.21 -4.68 -18.26
C LEU A 63 1.32 -5.29 -17.18
N GLY A 64 1.19 -4.59 -16.06
CA GLY A 64 0.34 -5.07 -14.99
C GLY A 64 -0.99 -4.35 -14.97
N GLY A 65 -0.99 -3.09 -15.40
CA GLY A 65 -2.19 -2.28 -15.41
C GLY A 65 -3.30 -2.89 -16.24
N LEU A 66 -2.93 -3.56 -17.33
CA LEU A 66 -3.91 -4.21 -18.19
C LEU A 66 -4.75 -5.22 -17.39
N LEU A 67 -4.11 -5.93 -16.47
CA LEU A 67 -4.80 -6.91 -15.66
C LEU A 67 -5.63 -6.24 -14.57
N SER A 68 -5.07 -5.17 -14.00
CA SER A 68 -5.72 -4.45 -12.92
C SER A 68 -7.01 -3.77 -13.39
N ASN A 69 -6.98 -3.24 -14.61
CA ASN A 69 -8.12 -2.47 -15.13
C ASN A 69 -9.26 -3.38 -15.56
N ILE A 70 -9.03 -4.69 -15.58
CA ILE A 70 -10.09 -5.64 -15.91
C ILE A 70 -11.07 -5.75 -14.75
N ASN A 71 -10.54 -5.66 -13.53
CA ASN A 71 -11.35 -5.80 -12.33
C ASN A 71 -12.31 -4.63 -12.18
N THR A 72 -11.87 -3.46 -12.67
CA THR A 72 -12.62 -2.20 -12.55
C THR A 72 -12.91 -1.82 -11.10
N GLY A 73 -12.28 -2.54 -10.17
CA GLY A 73 -12.49 -2.26 -8.77
C GLY A 73 -11.57 -1.16 -8.29
N LYS A 74 -12.06 0.07 -8.33
CA LYS A 74 -11.29 1.21 -7.87
C LYS A 74 -10.81 1.04 -6.43
N PRO A 75 -9.60 1.51 -6.13
CA PRO A 75 -9.01 1.40 -4.81
C PRO A 75 -9.47 2.50 -3.87
N GLY A 76 -9.14 2.36 -2.59
CA GLY A 76 -9.54 3.34 -1.62
C GLY A 76 -8.52 3.48 -0.52
N ARG A 77 -7.39 4.12 -0.81
CA ARG A 77 -6.41 4.41 0.20
C ARG A 77 -6.82 5.67 0.97
N MET A 78 -7.37 5.46 2.16
CA MET A 78 -7.88 6.56 2.96
C MET A 78 -6.97 6.83 4.15
N VAL A 79 -6.27 7.95 4.10
CA VAL A 79 -5.42 8.38 5.21
C VAL A 79 -6.29 8.80 6.37
N THR A 80 -6.40 7.95 7.36
CA THR A 80 -7.25 8.19 8.51
C THR A 80 -6.38 8.47 9.74
N ASN A 81 -6.96 9.11 10.75
CA ASN A 81 -6.22 9.43 11.96
C ASN A 81 -5.88 8.17 12.73
N ASP A 82 -6.87 7.30 12.88
CA ASP A 82 -6.71 6.07 13.67
C ASP A 82 -5.85 5.03 12.95
N TYR A 83 -5.96 4.93 11.63
CA TYR A 83 -5.25 3.91 10.86
C TYR A 83 -5.08 4.33 9.42
N ILE A 84 -4.27 3.59 8.68
CA ILE A 84 -4.18 3.76 7.24
C ILE A 84 -5.05 2.71 6.57
N VAL A 85 -6.24 3.11 6.18
CA VAL A 85 -7.18 2.20 5.55
C VAL A 85 -6.91 2.11 4.05
N ASP A 86 -6.12 1.12 3.66
CA ASP A 86 -5.83 0.92 2.25
C ASP A 86 -6.73 -0.15 1.68
N ILE A 87 -7.74 0.27 0.94
CA ILE A 87 -8.61 -0.66 0.26
C ILE A 87 -8.05 -0.96 -1.12
N ALA A 88 -7.51 -2.15 -1.28
CA ALA A 88 -6.96 -2.58 -2.56
C ALA A 88 -7.87 -3.58 -3.23
N ASN A 89 -7.72 -3.79 -4.53
CA ASN A 89 -8.52 -4.76 -5.25
C ASN A 89 -7.65 -5.54 -6.22
N ARG A 90 -7.66 -6.86 -6.09
CA ARG A 90 -6.94 -7.72 -6.99
C ARG A 90 -7.78 -8.94 -7.32
N ASP A 91 -7.85 -9.27 -8.61
CA ASP A 91 -8.59 -10.44 -9.08
C ASP A 91 -10.08 -10.30 -8.80
N GLY A 92 -10.51 -9.07 -8.52
CA GLY A 92 -11.90 -8.80 -8.28
C GLY A 92 -12.20 -8.66 -6.80
N GLN A 93 -11.38 -9.29 -5.96
CA GLN A 93 -11.62 -9.29 -4.53
C GLN A 93 -10.93 -8.11 -3.85
N LEU A 94 -11.62 -7.53 -2.89
CA LEU A 94 -11.08 -6.41 -2.14
C LEU A 94 -10.12 -6.89 -1.06
N GLN A 95 -9.08 -6.12 -0.81
CA GLN A 95 -8.14 -6.41 0.26
C GLN A 95 -8.08 -5.23 1.20
N LEU A 96 -8.66 -5.39 2.39
CA LEU A 96 -8.64 -4.35 3.39
C LEU A 96 -7.33 -4.38 4.15
N ASN A 97 -6.41 -3.52 3.76
CA ASN A 97 -5.09 -3.50 4.37
C ASN A 97 -4.93 -2.29 5.27
N VAL A 98 -5.25 -2.47 6.54
CA VAL A 98 -5.08 -1.43 7.54
C VAL A 98 -3.64 -1.40 8.03
N THR A 99 -2.92 -0.39 7.61
CA THR A 99 -1.57 -0.19 8.09
C THR A 99 -1.60 0.69 9.32
N ASP A 100 -1.27 0.10 10.45
CA ASP A 100 -1.31 0.80 11.72
C ASP A 100 -0.37 2.00 11.73
N ARG A 101 -0.88 3.13 12.20
CA ARG A 101 -0.12 4.37 12.22
C ARG A 101 0.54 4.56 13.59
N LYS A 102 0.19 3.69 14.53
CA LYS A 102 0.73 3.76 15.88
C LYS A 102 2.05 2.99 15.97
N THR A 103 1.96 1.66 15.93
CA THR A 103 3.13 0.81 16.01
C THR A 103 3.59 0.38 14.63
N GLY A 104 2.64 0.31 13.70
CA GLY A 104 2.97 -0.04 12.32
C GLY A 104 2.64 -1.48 11.98
N GLN A 105 1.73 -2.07 12.74
CA GLN A 105 1.29 -3.44 12.50
C GLN A 105 0.39 -3.49 11.26
N THR A 106 0.65 -4.42 10.36
CA THR A 106 -0.10 -4.54 9.13
C THR A 106 -1.27 -5.50 9.29
N SER A 107 -2.48 -4.94 9.30
CA SER A 107 -3.68 -5.75 9.37
C SER A 107 -4.25 -5.96 7.98
N THR A 108 -3.73 -6.98 7.30
CA THR A 108 -4.17 -7.30 5.95
C THR A 108 -5.32 -8.30 5.98
N ILE A 109 -6.52 -7.81 5.72
CA ILE A 109 -7.72 -8.64 5.72
C ILE A 109 -8.33 -8.70 4.33
N GLN A 110 -8.15 -9.83 3.65
CA GLN A 110 -8.77 -10.03 2.35
C GLN A 110 -10.28 -10.18 2.52
N VAL A 111 -11.04 -9.49 1.68
CA VAL A 111 -12.49 -9.55 1.75
C VAL A 111 -12.99 -10.70 0.88
N SER A 112 -13.19 -11.85 1.50
CA SER A 112 -13.60 -13.05 0.79
C SER A 112 -13.98 -14.16 1.77
N GLY A 113 -13.19 -14.29 2.84
CA GLY A 113 -13.44 -15.32 3.82
C GLY A 113 -12.50 -16.48 3.64
N LEU A 114 -11.28 -16.35 4.15
CA LEU A 114 -10.26 -17.36 3.95
C LEU A 114 -10.43 -18.50 4.96
N GLN A 115 -10.15 -18.20 6.23
CA GLN A 115 -10.20 -19.17 7.34
C GLN A 115 -9.53 -20.50 6.94
N ASN A 116 -8.48 -20.40 6.12
CA ASN A 116 -7.79 -21.57 5.62
C ASN A 116 -7.04 -22.28 6.73
N ASN A 117 -6.15 -21.55 7.40
CA ASN A 117 -5.34 -22.08 8.50
C ASN A 117 -4.41 -23.20 8.04
N SER A 118 -3.52 -23.60 8.94
CA SER A 118 -2.59 -24.71 8.67
C SER A 118 -1.71 -24.38 7.47
N THR A 119 -1.19 -25.43 6.82
CA THR A 119 -0.38 -25.32 5.61
C THR A 119 0.88 -24.49 5.82
N ASP A 120 2.02 -25.19 5.90
CA ASP A 120 3.34 -24.59 6.03
C ASP A 120 3.58 -24.03 7.44
N PHE A 121 4.61 -24.56 8.07
CA PHE A 121 4.98 -24.15 9.42
C PHE A 121 6.49 -24.30 9.60
N HIS A 122 7.22 -24.01 8.53
CA HIS A 122 8.64 -24.29 8.46
C HIS A 122 9.47 -23.27 9.26
N HIS A 123 8.98 -22.04 9.37
CA HIS A 123 9.74 -20.94 9.97
C HIS A 123 11.00 -20.62 9.16
N HIS A 124 12.08 -21.35 9.44
CA HIS A 124 13.32 -21.22 8.67
C HIS A 124 13.69 -22.57 8.09
N HIS A 125 12.71 -23.48 8.12
CA HIS A 125 12.84 -24.88 7.71
C HIS A 125 13.91 -25.63 8.52
N HIS A 126 13.43 -26.55 9.35
CA HIS A 126 14.31 -27.42 10.14
C HIS A 126 15.17 -28.31 9.25
N HIS A 127 14.71 -28.52 8.02
CA HIS A 127 15.43 -29.35 7.05
C HIS A 127 14.86 -29.09 5.66
N MET A 1 -14.89 32.95 -101.11
CA MET A 1 -14.15 31.68 -100.93
C MET A 1 -12.75 31.97 -100.38
N ALA A 2 -12.36 31.23 -99.35
CA ALA A 2 -11.06 31.45 -98.72
C ALA A 2 -10.56 30.16 -98.08
N GLY A 3 -11.12 29.83 -96.92
CA GLY A 3 -10.69 28.65 -96.19
C GLY A 3 -9.24 28.77 -95.74
N THR A 4 -8.98 29.68 -94.82
CA THR A 4 -7.62 29.93 -94.37
C THR A 4 -7.55 29.93 -92.84
N MET A 5 -6.39 29.50 -92.31
CA MET A 5 -6.10 29.44 -90.87
C MET A 5 -7.23 28.80 -90.05
N THR A 6 -7.12 27.50 -89.85
CA THR A 6 -8.12 26.74 -89.12
C THR A 6 -7.86 26.83 -87.61
N PHE A 7 -6.99 25.97 -87.12
CA PHE A 7 -6.63 25.95 -85.71
C PHE A 7 -5.32 26.69 -85.48
N GLN A 8 -5.36 27.70 -84.62
CA GLN A 8 -4.19 28.48 -84.28
C GLN A 8 -3.90 28.37 -82.79
N PHE A 9 -3.03 27.44 -82.43
CA PHE A 9 -2.67 27.26 -81.03
C PHE A 9 -1.41 28.05 -80.71
N ARG A 10 -1.52 28.98 -79.79
CA ARG A 10 -0.40 29.84 -79.43
C ARG A 10 0.38 29.22 -78.26
N ASN A 11 1.47 29.86 -77.88
CA ASN A 11 2.26 29.43 -76.75
C ASN A 11 2.27 30.49 -75.65
N PRO A 12 1.28 30.46 -74.74
CA PRO A 12 1.21 31.40 -73.62
C PRO A 12 2.32 31.15 -72.61
N ASN A 13 3.51 31.65 -72.92
CA ASN A 13 4.71 31.43 -72.11
C ASN A 13 5.10 29.96 -72.15
N PHE A 14 6.12 29.60 -71.39
CA PHE A 14 6.61 28.22 -71.37
C PHE A 14 6.23 27.56 -70.06
N GLY A 15 6.57 26.29 -69.93
CA GLY A 15 6.27 25.57 -68.69
C GLY A 15 7.48 25.45 -67.81
N GLY A 16 7.30 24.89 -66.62
CA GLY A 16 8.41 24.71 -65.70
C GLY A 16 9.16 23.43 -65.97
N ASN A 17 8.99 22.44 -65.11
CA ASN A 17 9.70 21.19 -65.25
C ASN A 17 8.79 20.06 -65.72
N PRO A 18 9.31 19.16 -66.57
CA PRO A 18 8.64 17.92 -66.93
C PRO A 18 8.70 16.93 -65.78
N ASN A 19 9.80 16.99 -65.05
CA ASN A 19 9.99 16.21 -63.84
C ASN A 19 10.57 17.12 -62.76
N ASN A 20 9.90 17.22 -61.63
CA ASN A 20 10.36 18.08 -60.55
C ASN A 20 11.41 17.37 -59.71
N GLY A 21 12.43 18.11 -59.30
CA GLY A 21 13.51 17.52 -58.54
C GLY A 21 14.15 18.52 -57.60
N ALA A 22 15.38 18.24 -57.21
CA ALA A 22 16.14 19.09 -56.29
C ALA A 22 15.47 19.15 -54.92
N PHE A 23 15.91 20.10 -54.08
CA PHE A 23 15.34 20.35 -52.75
C PHE A 23 15.80 19.28 -51.75
N LEU A 24 16.05 18.07 -52.24
CA LEU A 24 16.50 16.98 -51.40
C LEU A 24 17.89 17.26 -50.84
N LEU A 25 17.94 17.62 -49.57
CA LEU A 25 19.19 17.94 -48.92
C LEU A 25 19.38 17.06 -47.70
N ASN A 26 20.55 16.43 -47.61
CA ASN A 26 20.89 15.61 -46.45
C ASN A 26 21.76 16.41 -45.49
N SER A 27 21.14 16.89 -44.43
CA SER A 27 21.84 17.69 -43.44
C SER A 27 22.47 16.78 -42.39
N ALA A 28 23.20 17.38 -41.46
CA ALA A 28 23.81 16.64 -40.38
C ALA A 28 22.75 16.27 -39.33
N GLN A 29 23.13 15.41 -38.39
CA GLN A 29 22.21 14.89 -37.38
C GLN A 29 21.24 13.89 -38.00
N ALA A 30 20.65 13.05 -37.15
CA ALA A 30 19.70 12.02 -37.60
C ALA A 30 20.42 11.00 -38.49
N GLN A 31 19.63 10.17 -39.18
CA GLN A 31 20.16 9.13 -40.06
C GLN A 31 20.95 8.09 -39.26
N ASN A 32 20.70 8.07 -37.96
CA ASN A 32 21.37 7.15 -37.04
C ASN A 32 20.35 6.62 -36.03
N SER A 33 20.86 6.12 -34.91
CA SER A 33 20.01 5.66 -33.81
C SER A 33 19.33 4.34 -34.16
N TYR A 34 20.08 3.26 -34.02
CA TYR A 34 19.55 1.93 -34.26
C TYR A 34 19.31 1.20 -32.95
N LYS A 35 19.87 1.74 -31.86
CA LYS A 35 19.95 1.02 -30.58
C LYS A 35 20.83 -0.20 -30.77
N ASP A 36 21.81 0.00 -31.64
CA ASP A 36 22.75 -1.04 -32.03
C ASP A 36 23.83 -1.22 -30.96
N PRO A 37 24.59 -2.33 -31.03
CA PRO A 37 25.59 -2.70 -30.01
C PRO A 37 26.53 -1.57 -29.61
N SER A 38 26.88 -1.56 -28.33
CA SER A 38 27.85 -0.65 -27.79
C SER A 38 28.73 -1.42 -26.81
N TYR A 39 28.12 -1.92 -25.75
CA TYR A 39 28.76 -2.84 -24.82
C TYR A 39 27.77 -3.30 -23.76
N ASN A 40 27.34 -4.57 -23.89
CA ASN A 40 26.39 -5.20 -22.97
C ASN A 40 24.96 -4.72 -23.20
N ASP A 41 24.02 -5.67 -23.17
CA ASP A 41 22.60 -5.41 -23.43
C ASP A 41 22.40 -5.05 -24.90
N ASP A 42 23.27 -5.61 -25.74
CA ASP A 42 23.28 -5.31 -27.17
C ASP A 42 22.27 -6.17 -27.91
N PHE A 43 21.01 -6.03 -27.54
CA PHE A 43 19.95 -6.85 -28.16
C PHE A 43 19.51 -6.26 -29.49
N GLY A 44 20.19 -5.21 -29.93
CA GLY A 44 19.91 -4.63 -31.23
C GLY A 44 20.29 -5.55 -32.38
N ILE A 45 21.07 -6.57 -32.05
CA ILE A 45 21.47 -7.57 -33.04
C ILE A 45 20.32 -8.57 -33.25
N GLU A 46 19.42 -8.61 -32.26
CA GLU A 46 18.32 -9.56 -32.23
C GLU A 46 18.85 -10.99 -32.12
N THR A 47 19.08 -11.42 -30.89
CA THR A 47 19.60 -12.75 -30.60
C THR A 47 18.88 -13.36 -29.38
N PRO A 48 17.75 -14.03 -29.62
CA PRO A 48 16.94 -14.60 -28.53
C PRO A 48 17.66 -15.72 -27.77
N SER A 49 18.20 -15.36 -26.61
CA SER A 49 18.82 -16.34 -25.72
C SER A 49 18.59 -15.93 -24.26
N ALA A 50 19.35 -14.94 -23.82
CA ALA A 50 19.24 -14.42 -22.45
C ALA A 50 17.88 -13.79 -22.23
N LEU A 51 17.45 -12.98 -23.18
CA LEU A 51 16.15 -12.31 -23.10
C LEU A 51 15.03 -13.26 -23.49
N ASP A 52 15.39 -14.32 -24.22
CA ASP A 52 14.42 -15.25 -24.78
C ASP A 52 13.54 -15.88 -23.70
N ASN A 53 14.16 -16.64 -22.82
CA ASN A 53 13.43 -17.37 -21.79
C ASN A 53 12.83 -16.40 -20.77
N PHE A 54 13.42 -15.20 -20.70
CA PHE A 54 12.97 -14.19 -19.75
C PHE A 54 11.67 -13.53 -20.21
N THR A 55 11.67 -12.98 -21.42
CA THR A 55 10.54 -12.22 -21.92
C THR A 55 9.27 -13.09 -22.04
N GLN A 56 9.47 -14.38 -22.24
CA GLN A 56 8.36 -15.31 -22.41
C GLN A 56 7.58 -15.46 -21.11
N ALA A 57 8.31 -15.43 -20.00
CA ALA A 57 7.68 -15.52 -18.68
C ALA A 57 7.02 -14.20 -18.33
N ILE A 58 7.58 -13.11 -18.86
CA ILE A 58 7.05 -11.77 -18.62
C ILE A 58 5.65 -11.63 -19.24
N GLN A 59 5.51 -12.12 -20.45
CA GLN A 59 4.23 -12.03 -21.16
C GLN A 59 3.14 -12.82 -20.45
N SER A 60 3.55 -13.80 -19.65
CA SER A 60 2.61 -14.59 -18.87
C SER A 60 2.29 -13.94 -17.53
N GLN A 61 3.28 -13.29 -16.93
CA GLN A 61 3.13 -12.70 -15.61
C GLN A 61 2.34 -11.38 -15.66
N ILE A 62 2.01 -10.94 -16.87
CA ILE A 62 1.30 -9.67 -17.06
C ILE A 62 -0.06 -9.75 -16.39
N LEU A 63 -0.68 -10.92 -16.45
CA LEU A 63 -1.97 -11.16 -15.83
C LEU A 63 -1.91 -10.83 -14.34
N GLY A 64 -0.87 -11.32 -13.67
CA GLY A 64 -0.70 -11.05 -12.27
C GLY A 64 -0.34 -9.61 -12.01
N GLY A 65 0.49 -9.06 -12.88
CA GLY A 65 0.88 -7.67 -12.77
C GLY A 65 -0.31 -6.73 -12.86
N LEU A 66 -1.21 -7.01 -13.81
CA LEU A 66 -2.41 -6.21 -13.99
C LEU A 66 -3.24 -6.19 -12.71
N LEU A 67 -3.48 -7.37 -12.15
CA LEU A 67 -4.31 -7.50 -10.95
C LEU A 67 -3.68 -6.78 -9.76
N SER A 68 -2.35 -6.71 -9.74
CA SER A 68 -1.65 -6.05 -8.66
C SER A 68 -1.60 -4.53 -8.89
N ASN A 69 -1.48 -4.15 -10.16
CA ASN A 69 -1.37 -2.73 -10.52
C ASN A 69 -2.72 -2.07 -10.66
N ILE A 70 -3.76 -2.75 -10.18
CA ILE A 70 -5.07 -2.13 -10.04
C ILE A 70 -5.03 -1.13 -8.89
N ASN A 71 -4.17 -1.42 -7.92
CA ASN A 71 -4.04 -0.59 -6.72
C ASN A 71 -2.99 0.50 -6.95
N THR A 72 -2.84 0.92 -8.20
CA THR A 72 -1.97 2.04 -8.52
C THR A 72 -2.63 3.34 -8.10
N GLY A 73 -3.82 3.56 -8.63
CA GLY A 73 -4.64 4.66 -8.17
C GLY A 73 -5.76 4.15 -7.29
N LYS A 74 -5.45 3.94 -6.03
CA LYS A 74 -6.41 3.38 -5.08
C LYS A 74 -7.70 4.20 -5.01
N PRO A 75 -8.85 3.52 -4.85
CA PRO A 75 -10.16 4.16 -4.79
C PRO A 75 -10.40 4.92 -3.48
N GLY A 76 -11.65 5.24 -3.21
CA GLY A 76 -12.01 5.96 -2.01
C GLY A 76 -11.61 5.22 -0.75
N ARG A 77 -10.59 5.72 -0.07
CA ARG A 77 -10.11 5.11 1.15
C ARG A 77 -10.56 5.93 2.35
N MET A 78 -10.76 5.26 3.47
CA MET A 78 -11.18 5.93 4.68
C MET A 78 -10.00 6.61 5.34
N VAL A 79 -9.93 7.93 5.21
CA VAL A 79 -8.85 8.69 5.80
C VAL A 79 -9.21 9.04 7.25
N THR A 80 -8.72 8.23 8.15
CA THR A 80 -8.90 8.47 9.57
C THR A 80 -7.62 9.03 10.17
N ASN A 81 -7.63 9.29 11.46
CA ASN A 81 -6.49 9.92 12.11
C ASN A 81 -5.44 8.88 12.52
N ASP A 82 -5.88 7.78 13.10
CA ASP A 82 -4.95 6.79 13.64
C ASP A 82 -4.91 5.52 12.79
N TYR A 83 -5.67 5.50 11.70
CA TYR A 83 -5.65 4.36 10.79
C TYR A 83 -5.26 4.78 9.38
N ILE A 84 -4.24 4.16 8.83
CA ILE A 84 -3.90 4.36 7.44
C ILE A 84 -4.41 3.18 6.63
N VAL A 85 -5.65 3.28 6.18
CA VAL A 85 -6.30 2.16 5.54
C VAL A 85 -6.87 2.55 4.17
N ASP A 86 -6.68 1.67 3.21
CA ASP A 86 -7.22 1.87 1.87
C ASP A 86 -7.71 0.55 1.31
N ILE A 87 -8.69 0.63 0.43
CA ILE A 87 -9.31 -0.56 -0.14
C ILE A 87 -8.63 -0.93 -1.45
N ALA A 88 -8.00 -2.10 -1.47
CA ALA A 88 -7.30 -2.56 -2.65
C ALA A 88 -8.02 -3.76 -3.26
N ASN A 89 -8.54 -3.58 -4.45
CA ASN A 89 -9.15 -4.69 -5.18
C ASN A 89 -8.11 -5.35 -6.06
N ARG A 90 -7.39 -6.30 -5.48
CA ARG A 90 -6.39 -7.06 -6.21
C ARG A 90 -6.88 -8.48 -6.42
N ASP A 91 -6.62 -9.02 -7.61
CA ASP A 91 -6.88 -10.43 -7.91
C ASP A 91 -8.38 -10.71 -7.91
N GLY A 92 -9.16 -9.64 -8.09
CA GLY A 92 -10.60 -9.76 -8.08
C GLY A 92 -11.15 -9.99 -6.69
N GLN A 93 -10.36 -9.64 -5.67
CA GLN A 93 -10.78 -9.81 -4.30
C GLN A 93 -10.69 -8.47 -3.57
N LEU A 94 -11.66 -8.21 -2.71
CA LEU A 94 -11.64 -6.99 -1.89
C LEU A 94 -10.70 -7.17 -0.72
N GLN A 95 -9.66 -6.37 -0.67
CA GLN A 95 -8.65 -6.49 0.36
C GLN A 95 -8.49 -5.17 1.11
N LEU A 96 -8.70 -5.23 2.42
CA LEU A 96 -8.59 -4.06 3.28
C LEU A 96 -7.23 -4.05 3.97
N ASN A 97 -6.34 -3.18 3.52
CA ASN A 97 -5.01 -3.10 4.11
C ASN A 97 -4.96 -2.02 5.18
N VAL A 98 -5.14 -2.42 6.43
CA VAL A 98 -5.09 -1.48 7.55
C VAL A 98 -3.66 -1.32 8.05
N THR A 99 -3.06 -0.22 7.67
CA THR A 99 -1.72 0.10 8.10
C THR A 99 -1.78 0.82 9.45
N ASP A 100 -1.37 0.12 10.50
CA ASP A 100 -1.41 0.67 11.85
C ASP A 100 -0.48 1.87 11.99
N ARG A 101 -0.90 2.82 12.80
CA ARG A 101 -0.15 4.04 13.03
C ARG A 101 0.76 3.90 14.24
N LYS A 102 0.42 2.97 15.12
CA LYS A 102 1.15 2.78 16.36
C LYS A 102 2.43 1.97 16.12
N THR A 103 2.25 0.71 15.79
CA THR A 103 3.35 -0.19 15.53
C THR A 103 3.71 -0.16 14.06
N GLY A 104 2.68 -0.18 13.21
CA GLY A 104 2.87 -0.08 11.79
C GLY A 104 2.54 -1.36 11.06
N GLN A 105 2.03 -2.34 11.79
CA GLN A 105 1.58 -3.58 11.17
C GLN A 105 0.44 -3.31 10.19
N THR A 106 0.53 -3.88 9.01
CA THR A 106 -0.54 -3.79 8.06
C THR A 106 -1.48 -4.98 8.22
N SER A 107 -2.59 -4.76 8.90
CA SER A 107 -3.59 -5.77 9.09
C SER A 107 -4.34 -5.99 7.79
N THR A 108 -3.99 -7.05 7.08
CA THR A 108 -4.54 -7.30 5.77
C THR A 108 -5.82 -8.13 5.88
N ILE A 109 -6.95 -7.46 5.89
CA ILE A 109 -8.23 -8.12 6.04
C ILE A 109 -8.91 -8.28 4.70
N GLN A 110 -8.84 -9.47 4.13
CA GLN A 110 -9.52 -9.75 2.88
C GLN A 110 -11.00 -9.99 3.13
N VAL A 111 -11.80 -9.73 2.11
CA VAL A 111 -13.24 -9.95 2.16
C VAL A 111 -13.57 -11.39 2.59
N SER A 112 -14.40 -11.52 3.62
CA SER A 112 -14.80 -12.82 4.12
C SER A 112 -16.08 -12.70 4.93
N GLY A 113 -16.81 -13.80 5.03
CA GLY A 113 -18.01 -13.84 5.84
C GLY A 113 -18.32 -15.26 6.27
N LEU A 114 -17.29 -16.08 6.34
CA LEU A 114 -17.45 -17.48 6.63
C LEU A 114 -17.06 -17.81 8.07
N GLN A 115 -17.99 -17.56 8.99
CA GLN A 115 -17.78 -17.89 10.39
C GLN A 115 -18.81 -18.92 10.83
N ASN A 116 -19.10 -19.86 9.94
CA ASN A 116 -20.08 -20.89 10.23
C ASN A 116 -19.45 -22.03 11.04
N ASN A 117 -19.99 -22.24 12.23
CA ASN A 117 -19.56 -23.33 13.09
C ASN A 117 -20.73 -23.77 13.94
N SER A 118 -21.14 -22.91 14.86
CA SER A 118 -22.30 -23.12 15.71
C SER A 118 -22.18 -24.44 16.46
N THR A 119 -21.33 -24.47 17.47
CA THR A 119 -21.11 -25.65 18.26
C THR A 119 -20.67 -25.27 19.67
N ASP A 120 -21.35 -25.80 20.66
CA ASP A 120 -20.96 -25.57 22.04
C ASP A 120 -19.94 -26.61 22.47
N PHE A 121 -18.67 -26.26 22.33
CA PHE A 121 -17.61 -27.16 22.69
C PHE A 121 -16.68 -26.50 23.70
N HIS A 122 -16.44 -27.19 24.80
CA HIS A 122 -15.49 -26.72 25.81
C HIS A 122 -14.12 -27.28 25.47
N HIS A 123 -13.95 -28.58 25.72
CA HIS A 123 -12.73 -29.33 25.39
C HIS A 123 -11.50 -28.82 26.14
N HIS A 124 -11.09 -29.59 27.14
CA HIS A 124 -9.86 -29.33 27.86
C HIS A 124 -9.42 -30.59 28.62
N HIS A 125 -10.39 -31.45 28.91
CA HIS A 125 -10.15 -32.72 29.60
C HIS A 125 -9.70 -32.51 31.03
N HIS A 126 -9.37 -33.60 31.71
CA HIS A 126 -8.95 -33.56 33.10
C HIS A 126 -7.69 -34.40 33.28
N HIS A 127 -6.71 -33.86 33.95
CA HIS A 127 -5.53 -34.63 34.31
C HIS A 127 -5.65 -35.14 35.73
N MET A 1 10.33 -47.36 61.28
CA MET A 1 10.20 -46.45 60.13
C MET A 1 9.58 -45.14 60.56
N ALA A 2 8.37 -45.22 61.14
CA ALA A 2 7.60 -44.04 61.55
C ALA A 2 7.14 -43.24 60.34
N GLY A 3 8.10 -42.62 59.67
CA GLY A 3 7.81 -41.85 58.48
C GLY A 3 9.08 -41.45 57.78
N THR A 4 9.61 -42.32 56.94
CA THR A 4 10.85 -42.07 56.23
C THR A 4 10.64 -40.96 55.20
N MET A 5 11.21 -39.79 55.46
CA MET A 5 10.98 -38.64 54.60
C MET A 5 12.27 -38.20 53.92
N THR A 6 12.24 -38.13 52.61
CA THR A 6 13.37 -37.61 51.85
C THR A 6 12.85 -36.77 50.67
N PHE A 7 11.82 -37.30 50.00
CA PHE A 7 11.18 -36.64 48.85
C PHE A 7 12.18 -36.33 47.74
N GLN A 8 12.02 -37.00 46.61
CA GLN A 8 12.96 -36.84 45.51
C GLN A 8 12.42 -35.88 44.45
N PHE A 9 12.73 -34.61 44.62
CA PHE A 9 12.32 -33.59 43.68
C PHE A 9 13.55 -32.91 43.08
N ARG A 10 13.91 -33.31 41.86
CA ARG A 10 15.08 -32.74 41.19
C ARG A 10 14.69 -32.17 39.83
N ASN A 11 14.39 -33.06 38.89
CA ASN A 11 14.01 -32.69 37.52
C ASN A 11 15.20 -32.14 36.73
N PRO A 12 15.24 -32.36 35.41
CA PRO A 12 16.32 -31.90 34.54
C PRO A 12 16.50 -30.39 34.59
N ASN A 13 15.40 -29.66 34.36
CA ASN A 13 15.42 -28.20 34.37
C ASN A 13 16.31 -27.64 33.27
N PHE A 14 15.79 -27.59 32.05
CA PHE A 14 16.55 -27.09 30.91
C PHE A 14 16.45 -25.58 30.82
N GLY A 15 17.31 -24.98 30.00
CA GLY A 15 17.25 -23.55 29.79
C GLY A 15 16.83 -23.23 28.37
N GLY A 16 17.56 -23.75 27.41
CA GLY A 16 17.23 -23.52 26.01
C GLY A 16 18.07 -22.44 25.37
N ASN A 17 17.90 -22.25 24.08
CA ASN A 17 18.67 -21.27 23.34
C ASN A 17 17.74 -20.28 22.64
N PRO A 18 18.19 -19.03 22.44
CA PRO A 18 17.40 -17.99 21.77
C PRO A 18 17.11 -18.33 20.31
N ASN A 19 18.09 -18.94 19.64
CA ASN A 19 18.00 -19.32 18.23
C ASN A 19 18.04 -18.08 17.32
N ASN A 20 18.75 -18.20 16.22
CA ASN A 20 18.89 -17.09 15.29
C ASN A 20 18.26 -17.44 13.95
N GLY A 21 17.64 -16.46 13.31
CA GLY A 21 17.05 -16.67 12.02
C GLY A 21 17.80 -15.94 10.92
N ALA A 22 17.82 -16.52 9.73
CA ALA A 22 18.51 -15.92 8.61
C ALA A 22 17.59 -15.84 7.39
N PHE A 23 17.56 -14.68 6.75
CA PHE A 23 16.74 -14.49 5.56
C PHE A 23 17.55 -13.82 4.46
N LEU A 24 17.92 -14.60 3.46
CA LEU A 24 18.68 -14.11 2.33
C LEU A 24 18.01 -14.50 1.02
N LEU A 25 17.21 -13.60 0.48
CA LEU A 25 16.54 -13.86 -0.79
C LEU A 25 16.87 -12.75 -1.78
N ASN A 26 16.68 -11.50 -1.34
CA ASN A 26 16.92 -10.32 -2.17
C ASN A 26 15.96 -10.26 -3.35
N SER A 27 16.32 -10.94 -4.43
CA SER A 27 15.50 -10.99 -5.63
C SER A 27 16.11 -11.96 -6.63
N ALA A 28 15.28 -12.86 -7.14
CA ALA A 28 15.73 -13.82 -8.13
C ALA A 28 15.09 -13.52 -9.47
N GLN A 29 15.72 -12.64 -10.24
CA GLN A 29 15.19 -12.24 -11.53
C GLN A 29 16.17 -12.56 -12.64
N ALA A 30 15.71 -13.33 -13.62
CA ALA A 30 16.52 -13.68 -14.76
C ALA A 30 15.72 -13.49 -16.05
N GLN A 31 15.72 -12.25 -16.55
CA GLN A 31 15.01 -11.94 -17.78
C GLN A 31 15.99 -11.74 -18.92
N ASN A 32 15.63 -12.22 -20.09
CA ASN A 32 16.49 -12.12 -21.25
C ASN A 32 15.92 -11.12 -22.27
N SER A 33 16.41 -9.89 -22.20
CA SER A 33 16.09 -8.89 -23.19
C SER A 33 17.13 -8.93 -24.30
N TYR A 34 16.73 -9.44 -25.46
CA TYR A 34 17.69 -9.78 -26.52
C TYR A 34 18.12 -8.56 -27.33
N LYS A 35 17.38 -7.47 -27.23
CA LYS A 35 17.70 -6.30 -28.03
C LYS A 35 18.70 -5.41 -27.29
N ASP A 36 19.96 -5.82 -27.36
CA ASP A 36 21.04 -5.13 -26.66
C ASP A 36 21.86 -4.27 -27.62
N PRO A 37 22.69 -3.34 -27.10
CA PRO A 37 23.57 -2.51 -27.93
C PRO A 37 24.70 -3.31 -28.57
N SER A 38 25.20 -4.31 -27.84
CA SER A 38 26.27 -5.17 -28.31
C SER A 38 26.27 -6.49 -27.55
N TYR A 39 26.33 -6.37 -26.22
CA TYR A 39 26.19 -7.52 -25.33
C TYR A 39 26.19 -7.05 -23.88
N ASN A 40 25.43 -7.76 -23.04
CA ASN A 40 25.37 -7.47 -21.60
C ASN A 40 24.62 -6.18 -21.33
N ASP A 41 23.38 -6.33 -20.87
CA ASP A 41 22.49 -5.21 -20.57
C ASP A 41 22.01 -4.53 -21.86
N ASP A 42 20.71 -4.63 -22.10
CA ASP A 42 20.13 -4.10 -23.32
C ASP A 42 19.85 -2.61 -23.18
N PHE A 43 19.96 -2.11 -21.96
CA PHE A 43 19.69 -0.71 -21.69
C PHE A 43 20.91 0.15 -21.98
N GLY A 44 21.92 -0.46 -22.60
CA GLY A 44 23.13 0.25 -22.95
C GLY A 44 22.97 1.08 -24.21
N ILE A 45 21.73 1.22 -24.68
CA ILE A 45 21.44 2.00 -25.87
C ILE A 45 21.27 3.47 -25.50
N GLU A 46 20.41 3.73 -24.53
CA GLU A 46 20.20 5.09 -24.04
C GLU A 46 20.64 5.19 -22.58
N THR A 47 21.30 6.27 -22.25
CA THR A 47 21.82 6.48 -20.90
C THR A 47 21.22 7.73 -20.27
N PRO A 48 20.07 7.58 -19.60
CA PRO A 48 19.41 8.70 -18.92
C PRO A 48 20.28 9.27 -17.81
N SER A 49 20.49 10.57 -17.84
CA SER A 49 21.29 11.25 -16.84
C SER A 49 20.47 12.32 -16.11
N ALA A 50 19.69 13.06 -16.88
CA ALA A 50 18.86 14.12 -16.33
C ALA A 50 17.50 13.55 -15.89
N LEU A 51 16.99 12.59 -16.65
CA LEU A 51 15.71 11.98 -16.33
C LEU A 51 15.91 10.67 -15.58
N ASP A 52 17.17 10.36 -15.27
CA ASP A 52 17.52 9.09 -14.65
C ASP A 52 16.77 8.86 -13.35
N ASN A 53 17.03 9.72 -12.36
CA ASN A 53 16.41 9.57 -11.04
C ASN A 53 14.90 9.81 -11.13
N PHE A 54 14.49 10.57 -12.13
CA PHE A 54 13.09 10.89 -12.33
C PHE A 54 12.30 9.66 -12.79
N THR A 55 12.68 9.11 -13.94
CA THR A 55 11.91 8.03 -14.56
C THR A 55 12.09 6.71 -13.81
N GLN A 56 13.16 6.61 -13.03
CA GLN A 56 13.43 5.40 -12.26
C GLN A 56 12.53 5.33 -11.04
N ALA A 57 12.22 6.49 -10.47
CA ALA A 57 11.34 6.56 -9.31
C ALA A 57 9.89 6.28 -9.72
N ILE A 58 9.60 6.51 -10.99
CA ILE A 58 8.26 6.28 -11.53
C ILE A 58 7.97 4.80 -11.65
N GLN A 59 9.02 3.99 -11.82
CA GLN A 59 8.88 2.55 -11.99
C GLN A 59 8.12 1.94 -10.81
N SER A 60 8.39 2.45 -9.62
CA SER A 60 7.73 1.97 -8.41
C SER A 60 6.22 2.25 -8.46
N GLN A 61 5.83 3.44 -8.90
CA GLN A 61 4.43 3.82 -8.89
C GLN A 61 3.68 3.22 -10.08
N ILE A 62 4.41 2.86 -11.13
CA ILE A 62 3.80 2.22 -12.29
C ILE A 62 3.25 0.85 -11.91
N LEU A 63 3.97 0.18 -11.02
CA LEU A 63 3.57 -1.13 -10.54
C LEU A 63 2.17 -1.08 -9.92
N GLY A 64 1.94 -0.08 -9.08
CA GLY A 64 0.65 0.08 -8.45
C GLY A 64 -0.43 0.42 -9.46
N GLY A 65 -0.05 1.23 -10.45
CA GLY A 65 -0.99 1.59 -11.51
C GLY A 65 -1.45 0.40 -12.30
N LEU A 66 -0.52 -0.51 -12.59
CA LEU A 66 -0.83 -1.73 -13.32
C LEU A 66 -1.84 -2.59 -12.57
N LEU A 67 -1.65 -2.67 -11.26
CA LEU A 67 -2.56 -3.45 -10.41
C LEU A 67 -3.94 -2.81 -10.35
N SER A 68 -3.97 -1.47 -10.45
CA SER A 68 -5.20 -0.72 -10.39
C SER A 68 -6.02 -0.95 -11.66
N ASN A 69 -5.34 -1.30 -12.75
CA ASN A 69 -5.99 -1.53 -14.05
C ASN A 69 -6.84 -2.80 -14.03
N ILE A 70 -6.68 -3.61 -12.99
CA ILE A 70 -7.47 -4.82 -12.85
C ILE A 70 -8.79 -4.52 -12.13
N ASN A 71 -8.83 -3.36 -11.47
CA ASN A 71 -10.01 -2.95 -10.73
C ASN A 71 -10.75 -1.82 -11.47
N THR A 72 -10.00 -0.77 -11.82
CA THR A 72 -10.51 0.36 -12.63
C THR A 72 -11.80 0.98 -12.08
N GLY A 73 -12.01 0.94 -10.77
CA GLY A 73 -13.18 1.55 -10.19
C GLY A 73 -13.01 1.89 -8.72
N LYS A 74 -11.77 1.89 -8.26
CA LYS A 74 -11.45 2.16 -6.86
C LYS A 74 -11.95 3.53 -6.43
N PRO A 75 -12.40 3.65 -5.18
CA PRO A 75 -12.78 4.93 -4.59
C PRO A 75 -11.56 5.70 -4.12
N GLY A 76 -10.44 5.00 -3.98
CA GLY A 76 -9.22 5.61 -3.53
C GLY A 76 -8.72 5.01 -2.23
N ARG A 77 -8.48 5.84 -1.24
CA ARG A 77 -8.02 5.40 0.06
C ARG A 77 -8.72 6.18 1.16
N MET A 78 -8.64 5.68 2.38
CA MET A 78 -9.28 6.34 3.50
C MET A 78 -8.23 6.94 4.43
N VAL A 79 -8.27 8.26 4.56
CA VAL A 79 -7.35 8.94 5.45
C VAL A 79 -7.87 8.90 6.89
N THR A 80 -7.48 7.86 7.61
CA THR A 80 -7.85 7.74 9.01
C THR A 80 -6.70 8.24 9.87
N ASN A 81 -7.03 9.04 10.88
CA ASN A 81 -6.02 9.66 11.73
C ASN A 81 -5.22 8.61 12.51
N ASP A 82 -5.88 7.51 12.85
CA ASP A 82 -5.26 6.48 13.66
C ASP A 82 -4.87 5.25 12.84
N TYR A 83 -5.30 5.22 11.58
CA TYR A 83 -5.06 4.04 10.73
C TYR A 83 -4.87 4.42 9.26
N ILE A 84 -3.86 3.83 8.64
CA ILE A 84 -3.67 3.99 7.21
C ILE A 84 -4.47 2.93 6.47
N VAL A 85 -5.54 3.36 5.81
CA VAL A 85 -6.45 2.41 5.17
C VAL A 85 -6.48 2.61 3.67
N ASP A 86 -6.00 1.61 2.93
CA ASP A 86 -6.05 1.64 1.48
C ASP A 86 -6.77 0.40 0.96
N ILE A 87 -7.52 0.57 -0.12
CA ILE A 87 -8.34 -0.51 -0.66
C ILE A 87 -7.67 -1.13 -1.89
N ALA A 88 -7.27 -2.38 -1.76
CA ALA A 88 -6.69 -3.11 -2.88
C ALA A 88 -7.68 -4.15 -3.39
N ASN A 89 -8.21 -3.92 -4.59
CA ASN A 89 -9.16 -4.84 -5.17
C ASN A 89 -8.60 -5.46 -6.44
N ARG A 90 -8.30 -6.75 -6.37
CA ARG A 90 -7.80 -7.47 -7.52
C ARG A 90 -8.38 -8.88 -7.53
N ASP A 91 -8.66 -9.39 -8.73
CA ASP A 91 -9.21 -10.74 -8.90
C ASP A 91 -10.58 -10.86 -8.24
N GLY A 92 -11.22 -9.72 -8.01
CA GLY A 92 -12.52 -9.71 -7.40
C GLY A 92 -12.46 -9.75 -5.89
N GLN A 93 -11.25 -9.83 -5.35
CA GLN A 93 -11.05 -9.92 -3.91
C GLN A 93 -10.83 -8.53 -3.32
N LEU A 94 -11.62 -8.19 -2.31
CA LEU A 94 -11.42 -6.95 -1.57
C LEU A 94 -10.38 -7.16 -0.49
N GLN A 95 -9.19 -6.62 -0.71
CA GLN A 95 -8.12 -6.71 0.26
C GLN A 95 -7.91 -5.36 0.92
N LEU A 96 -8.36 -5.26 2.15
CA LEU A 96 -8.27 -4.02 2.90
C LEU A 96 -6.94 -3.95 3.65
N ASN A 97 -6.08 -3.04 3.23
CA ASN A 97 -4.79 -2.87 3.89
C ASN A 97 -4.88 -1.75 4.92
N VAL A 98 -4.60 -2.09 6.16
CA VAL A 98 -4.64 -1.11 7.23
C VAL A 98 -3.34 -1.12 8.02
N THR A 99 -2.74 0.05 8.17
CA THR A 99 -1.52 0.20 8.93
C THR A 99 -1.77 1.02 10.18
N ASP A 100 -1.44 0.46 11.33
CA ASP A 100 -1.63 1.13 12.62
C ASP A 100 -0.63 2.27 12.78
N ARG A 101 -1.01 3.32 13.50
CA ARG A 101 -0.13 4.47 13.69
C ARG A 101 0.62 4.36 15.02
N LYS A 102 0.22 3.43 15.87
CA LYS A 102 0.86 3.24 17.17
C LYS A 102 2.00 2.24 17.04
N THR A 103 1.64 1.02 16.71
CA THR A 103 2.60 -0.06 16.55
C THR A 103 3.14 -0.07 15.13
N GLY A 104 2.23 0.09 14.18
CA GLY A 104 2.60 0.07 12.78
C GLY A 104 2.34 -1.27 12.13
N GLN A 105 1.51 -2.08 12.77
CA GLN A 105 1.11 -3.36 12.21
C GLN A 105 0.42 -3.14 10.86
N THR A 106 0.78 -3.94 9.89
CA THR A 106 0.20 -3.85 8.56
C THR A 106 -0.70 -5.04 8.30
N SER A 107 -2.00 -4.82 8.40
CA SER A 107 -2.97 -5.89 8.25
C SER A 107 -3.60 -5.84 6.86
N THR A 108 -3.53 -6.95 6.14
CA THR A 108 -4.19 -7.05 4.86
C THR A 108 -5.40 -7.98 4.97
N ILE A 109 -6.57 -7.39 5.13
CA ILE A 109 -7.79 -8.14 5.31
C ILE A 109 -8.38 -8.54 3.96
N GLN A 110 -8.23 -9.82 3.62
CA GLN A 110 -8.77 -10.32 2.37
C GLN A 110 -10.08 -11.07 2.61
N VAL A 111 -11.18 -10.43 2.26
CA VAL A 111 -12.48 -11.04 2.43
C VAL A 111 -12.62 -12.21 1.45
N SER A 112 -12.99 -13.37 1.97
CA SER A 112 -13.11 -14.57 1.16
C SER A 112 -14.54 -15.06 1.14
N GLY A 113 -15.10 -15.20 -0.05
CA GLY A 113 -16.47 -15.62 -0.18
C GLY A 113 -16.97 -15.47 -1.60
N LEU A 114 -16.22 -16.01 -2.54
CA LEU A 114 -16.56 -15.91 -3.95
C LEU A 114 -16.87 -17.29 -4.52
N GLN A 115 -18.15 -17.57 -4.64
CA GLN A 115 -18.61 -18.81 -5.25
C GLN A 115 -19.65 -18.52 -6.31
N ASN A 116 -20.48 -17.50 -6.04
CA ASN A 116 -21.56 -17.07 -6.93
C ASN A 116 -22.70 -18.10 -6.93
N ASN A 117 -23.91 -17.61 -6.72
CA ASN A 117 -25.08 -18.47 -6.61
C ASN A 117 -25.61 -18.86 -7.99
N SER A 118 -25.35 -18.02 -8.99
CA SER A 118 -25.87 -18.23 -10.34
C SER A 118 -27.40 -18.20 -10.34
N THR A 119 -28.02 -18.63 -11.43
CA THR A 119 -29.48 -18.63 -11.50
C THR A 119 -30.03 -20.05 -11.58
N ASP A 120 -29.98 -20.62 -12.79
CA ASP A 120 -30.59 -21.91 -13.09
C ASP A 120 -32.11 -21.85 -12.90
N PHE A 121 -32.81 -21.61 -13.98
CA PHE A 121 -34.26 -21.55 -13.93
C PHE A 121 -34.85 -22.38 -15.07
N HIS A 122 -35.72 -23.32 -14.71
CA HIS A 122 -36.32 -24.20 -15.71
C HIS A 122 -37.55 -23.56 -16.33
N HIS A 123 -37.41 -23.14 -17.57
CA HIS A 123 -38.54 -22.60 -18.32
C HIS A 123 -38.85 -23.53 -19.48
N HIS A 124 -40.04 -24.10 -19.47
CA HIS A 124 -40.42 -25.07 -20.48
C HIS A 124 -41.92 -25.01 -20.73
N HIS A 125 -42.31 -25.17 -21.98
CA HIS A 125 -43.71 -25.21 -22.35
C HIS A 125 -44.10 -26.60 -22.85
N HIS A 126 -45.12 -27.19 -22.26
CA HIS A 126 -45.72 -28.40 -22.80
C HIS A 126 -46.87 -28.00 -23.69
N HIS A 127 -47.71 -27.12 -23.17
CA HIS A 127 -48.81 -26.54 -23.92
C HIS A 127 -49.21 -25.23 -23.27
N MET A 1 55.07 27.35 78.42
CA MET A 1 55.10 27.74 76.98
C MET A 1 54.83 26.52 76.11
N ALA A 2 53.80 26.61 75.29
CA ALA A 2 53.47 25.53 74.37
C ALA A 2 53.04 26.09 73.01
N GLY A 3 53.80 25.75 71.99
CA GLY A 3 53.52 26.21 70.65
C GLY A 3 54.64 25.88 69.70
N THR A 4 55.19 24.69 69.85
CA THR A 4 56.33 24.27 69.08
C THR A 4 55.90 23.68 67.74
N MET A 5 55.78 24.55 66.74
CA MET A 5 55.43 24.12 65.40
C MET A 5 56.68 23.94 64.56
N THR A 6 57.26 22.75 64.66
CA THR A 6 58.48 22.44 63.92
C THR A 6 58.19 22.32 62.44
N PHE A 7 57.22 21.49 62.08
CA PHE A 7 56.84 21.32 60.68
C PHE A 7 55.85 22.42 60.28
N GLN A 8 56.25 23.24 59.32
CA GLN A 8 55.39 24.30 58.82
C GLN A 8 55.50 24.40 57.31
N PHE A 9 55.50 23.26 56.65
CA PHE A 9 55.52 23.19 55.20
C PHE A 9 54.08 23.13 54.68
N ARG A 10 53.60 24.26 54.18
CA ARG A 10 52.22 24.36 53.73
C ARG A 10 52.15 25.11 52.40
N ASN A 11 51.34 24.61 51.48
CA ASN A 11 51.08 25.26 50.19
C ASN A 11 52.33 25.29 49.32
N PRO A 12 52.57 24.22 48.54
CA PRO A 12 53.70 24.16 47.60
C PRO A 12 53.52 25.12 46.43
N ASN A 13 52.25 25.43 46.13
CA ASN A 13 51.88 26.34 45.05
C ASN A 13 52.11 25.69 43.68
N PHE A 14 51.04 25.50 42.93
CA PHE A 14 51.12 24.93 41.60
C PHE A 14 50.02 25.49 40.71
N GLY A 15 50.43 26.28 39.73
CA GLY A 15 49.50 26.79 38.75
C GLY A 15 49.67 26.10 37.41
N GLY A 16 48.64 25.38 36.99
CA GLY A 16 48.70 24.66 35.74
C GLY A 16 48.23 25.50 34.57
N ASN A 17 48.46 25.01 33.37
CA ASN A 17 48.04 25.73 32.17
C ASN A 17 46.67 25.25 31.72
N PRO A 18 45.83 26.15 31.22
CA PRO A 18 44.51 25.80 30.67
C PRO A 18 44.60 25.20 29.27
N ASN A 19 45.64 25.60 28.53
CA ASN A 19 45.88 25.11 27.17
C ASN A 19 44.78 25.55 26.20
N ASN A 20 44.93 25.16 24.95
CA ASN A 20 43.94 25.47 23.92
C ASN A 20 43.97 24.44 22.80
N GLY A 21 42.80 24.00 22.36
CA GLY A 21 42.74 23.00 21.31
C GLY A 21 41.32 22.74 20.83
N ALA A 22 40.83 23.66 20.01
CA ALA A 22 39.49 23.54 19.44
C ALA A 22 39.45 24.19 18.07
N PHE A 23 39.24 23.39 17.04
CA PHE A 23 39.26 23.88 15.66
C PHE A 23 37.86 23.88 15.05
N LEU A 24 36.99 23.02 15.59
CA LEU A 24 35.64 22.85 15.07
C LEU A 24 35.69 22.42 13.60
N LEU A 25 36.34 21.30 13.36
CA LEU A 25 36.53 20.79 12.01
C LEU A 25 35.33 19.98 11.55
N ASN A 26 34.16 20.61 11.59
CA ASN A 26 32.94 19.95 11.11
C ASN A 26 32.78 20.19 9.62
N SER A 27 33.48 19.37 8.83
CA SER A 27 33.45 19.50 7.39
C SER A 27 32.32 18.66 6.80
N ALA A 28 32.35 17.36 7.11
CA ALA A 28 31.33 16.42 6.65
C ALA A 28 31.32 16.25 5.14
N GLN A 29 30.65 17.18 4.45
CA GLN A 29 30.44 17.11 3.00
C GLN A 29 29.53 15.95 2.64
N ALA A 30 30.07 14.73 2.73
CA ALA A 30 29.34 13.50 2.48
C ALA A 30 28.93 13.35 1.00
N GLN A 31 29.12 12.16 0.47
CA GLN A 31 28.72 11.84 -0.88
C GLN A 31 27.28 11.34 -0.90
N ASN A 32 26.64 11.46 0.26
CA ASN A 32 25.24 11.06 0.44
C ASN A 32 25.10 9.54 0.38
N SER A 33 23.88 9.04 0.59
CA SER A 33 23.65 7.60 0.63
C SER A 33 23.06 7.07 -0.66
N TYR A 34 23.20 7.83 -1.75
CA TYR A 34 22.77 7.35 -3.06
C TYR A 34 23.80 6.36 -3.59
N LYS A 35 23.74 5.14 -3.11
CA LYS A 35 24.72 4.14 -3.45
C LYS A 35 24.23 3.25 -4.59
N ASP A 36 24.42 3.75 -5.80
CA ASP A 36 24.12 3.02 -7.03
C ASP A 36 24.84 3.69 -8.19
N PRO A 37 25.08 2.96 -9.30
CA PRO A 37 25.89 3.45 -10.43
C PRO A 37 25.46 4.82 -10.98
N SER A 38 26.46 5.52 -11.53
CA SER A 38 26.27 6.81 -12.19
C SER A 38 26.06 7.95 -11.18
N TYR A 39 26.36 7.67 -9.92
CA TYR A 39 26.38 8.72 -8.91
C TYR A 39 27.77 8.78 -8.27
N ASN A 40 28.67 9.50 -8.94
CA ASN A 40 30.06 9.67 -8.49
C ASN A 40 30.83 8.35 -8.55
N ASP A 41 30.18 7.31 -9.06
CA ASP A 41 30.77 5.98 -9.21
C ASP A 41 29.91 5.15 -10.15
N ASP A 42 30.55 4.45 -11.08
CA ASP A 42 29.81 3.63 -12.03
C ASP A 42 30.26 2.18 -11.93
N PHE A 43 30.78 1.79 -10.78
CA PHE A 43 31.30 0.45 -10.59
C PHE A 43 30.36 -0.39 -9.73
N GLY A 44 29.55 0.28 -8.91
CA GLY A 44 28.61 -0.44 -8.08
C GLY A 44 27.33 -0.80 -8.81
N ILE A 45 27.47 -1.14 -10.09
CA ILE A 45 26.33 -1.42 -10.96
C ILE A 45 25.48 -2.57 -10.41
N GLU A 46 26.11 -3.71 -10.19
CA GLU A 46 25.39 -4.89 -9.72
C GLU A 46 25.58 -5.06 -8.22
N THR A 47 25.79 -3.95 -7.52
CA THR A 47 25.89 -3.96 -6.07
C THR A 47 24.62 -3.34 -5.48
N PRO A 48 23.57 -4.14 -5.27
CA PRO A 48 22.28 -3.65 -4.79
C PRO A 48 22.38 -3.04 -3.40
N SER A 49 22.48 -1.72 -3.35
CA SER A 49 22.46 -1.00 -2.08
C SER A 49 21.24 -0.08 -2.02
N ALA A 50 21.33 1.05 -2.70
CA ALA A 50 20.21 1.99 -2.75
C ALA A 50 19.09 1.44 -3.61
N LEU A 51 19.47 0.84 -4.73
CA LEU A 51 18.50 0.25 -5.65
C LEU A 51 17.92 -1.05 -5.08
N ASP A 52 18.61 -1.63 -4.11
CA ASP A 52 18.20 -2.91 -3.53
C ASP A 52 16.82 -2.83 -2.91
N ASN A 53 16.65 -1.86 -2.02
CA ASN A 53 15.38 -1.68 -1.31
C ASN A 53 14.35 -1.00 -2.21
N PHE A 54 14.55 -1.10 -3.51
CA PHE A 54 13.67 -0.46 -4.48
C PHE A 54 13.29 -1.44 -5.59
N THR A 55 14.27 -1.85 -6.39
CA THR A 55 14.01 -2.66 -7.57
C THR A 55 13.57 -4.08 -7.19
N GLN A 56 13.94 -4.51 -5.99
CA GLN A 56 13.59 -5.85 -5.52
C GLN A 56 12.09 -5.95 -5.29
N ALA A 57 11.47 -4.82 -4.93
CA ALA A 57 10.04 -4.77 -4.74
C ALA A 57 9.33 -4.63 -6.08
N ILE A 58 10.04 -4.05 -7.06
CA ILE A 58 9.49 -3.88 -8.39
C ILE A 58 9.37 -5.23 -9.09
N GLN A 59 10.32 -6.10 -8.84
CA GLN A 59 10.29 -7.45 -9.42
C GLN A 59 9.14 -8.25 -8.83
N SER A 60 8.81 -7.97 -7.57
CA SER A 60 7.67 -8.60 -6.93
C SER A 60 6.37 -8.12 -7.55
N GLN A 61 6.30 -6.83 -7.86
CA GLN A 61 5.10 -6.22 -8.39
C GLN A 61 4.98 -6.44 -9.90
N ILE A 62 5.78 -7.35 -10.43
CA ILE A 62 5.66 -7.77 -11.81
C ILE A 62 4.69 -8.94 -11.92
N LEU A 63 5.01 -10.01 -11.21
CA LEU A 63 4.23 -11.24 -11.28
C LEU A 63 2.77 -11.00 -10.88
N GLY A 64 2.57 -10.56 -9.63
CA GLY A 64 1.22 -10.31 -9.17
C GLY A 64 0.80 -8.87 -9.40
N GLY A 65 1.66 -8.10 -10.03
CA GLY A 65 1.37 -6.70 -10.27
C GLY A 65 0.73 -6.47 -11.63
N LEU A 66 1.24 -7.14 -12.66
CA LEU A 66 0.70 -7.03 -14.00
C LEU A 66 -0.77 -7.47 -14.02
N LEU A 67 -1.13 -8.33 -13.07
CA LEU A 67 -2.49 -8.80 -12.93
C LEU A 67 -3.44 -7.65 -12.61
N SER A 68 -3.00 -6.75 -11.72
CA SER A 68 -3.81 -5.59 -11.34
C SER A 68 -3.92 -4.62 -12.51
N ASN A 69 -2.88 -4.60 -13.35
CA ASN A 69 -2.87 -3.75 -14.54
C ASN A 69 -3.93 -4.20 -15.54
N ILE A 70 -4.30 -5.46 -15.48
CA ILE A 70 -5.33 -6.01 -16.35
C ILE A 70 -6.71 -5.57 -15.86
N ASN A 71 -6.86 -5.41 -14.56
CA ASN A 71 -8.13 -5.04 -13.96
C ASN A 71 -8.38 -3.54 -14.09
N THR A 72 -7.35 -2.74 -13.79
CA THR A 72 -7.43 -1.28 -13.76
C THR A 72 -8.52 -0.77 -12.80
N GLY A 73 -8.64 0.55 -12.69
CA GLY A 73 -9.62 1.13 -11.79
C GLY A 73 -9.28 0.89 -10.35
N LYS A 74 -8.00 0.66 -10.09
CA LYS A 74 -7.49 0.35 -8.76
C LYS A 74 -7.85 1.46 -7.76
N PRO A 75 -8.16 1.06 -6.51
CA PRO A 75 -8.38 1.98 -5.41
C PRO A 75 -7.08 2.25 -4.65
N GLY A 76 -7.18 2.81 -3.45
CA GLY A 76 -5.98 3.02 -2.67
C GLY A 76 -6.22 3.74 -1.36
N ARG A 77 -5.51 4.85 -1.20
CA ARG A 77 -5.46 5.60 0.05
C ARG A 77 -6.83 6.10 0.52
N MET A 78 -7.12 5.81 1.78
CA MET A 78 -8.22 6.44 2.49
C MET A 78 -7.66 7.12 3.73
N VAL A 79 -7.78 8.43 3.80
CA VAL A 79 -7.07 9.22 4.81
C VAL A 79 -7.79 9.19 6.15
N THR A 80 -7.27 8.39 7.06
CA THR A 80 -7.79 8.35 8.42
C THR A 80 -6.77 9.01 9.36
N ASN A 81 -7.21 9.37 10.56
CA ASN A 81 -6.34 10.03 11.53
C ASN A 81 -5.21 9.11 11.97
N ASP A 82 -5.55 7.87 12.29
CA ASP A 82 -4.55 6.90 12.74
C ASP A 82 -4.25 5.89 11.65
N TYR A 83 -5.13 4.90 11.52
CA TYR A 83 -4.94 3.81 10.59
C TYR A 83 -5.02 4.27 9.14
N ILE A 84 -3.95 4.02 8.40
CA ILE A 84 -3.93 4.34 6.98
C ILE A 84 -4.57 3.21 6.21
N VAL A 85 -5.77 3.44 5.72
CA VAL A 85 -6.54 2.40 5.05
C VAL A 85 -6.22 2.37 3.56
N ASP A 86 -5.64 1.29 3.10
CA ASP A 86 -5.34 1.11 1.69
C ASP A 86 -6.30 0.09 1.09
N ILE A 87 -7.26 0.57 0.31
CA ILE A 87 -8.26 -0.29 -0.30
C ILE A 87 -7.73 -0.87 -1.60
N ALA A 88 -7.73 -2.19 -1.71
CA ALA A 88 -7.24 -2.85 -2.91
C ALA A 88 -8.15 -3.96 -3.38
N ASN A 89 -8.87 -3.74 -4.46
CA ASN A 89 -9.61 -4.80 -5.12
C ASN A 89 -8.66 -5.53 -6.06
N ARG A 90 -7.94 -6.49 -5.52
CA ARG A 90 -6.95 -7.21 -6.29
C ARG A 90 -7.53 -8.55 -6.72
N ASP A 91 -7.32 -8.90 -8.00
CA ASP A 91 -7.94 -10.08 -8.61
C ASP A 91 -9.45 -9.89 -8.75
N GLY A 92 -10.14 -9.91 -7.62
CA GLY A 92 -11.58 -9.70 -7.62
C GLY A 92 -12.16 -9.81 -6.23
N GLN A 93 -11.35 -9.48 -5.24
CA GLN A 93 -11.77 -9.58 -3.84
C GLN A 93 -11.49 -8.28 -3.12
N LEU A 94 -12.30 -7.98 -2.11
CA LEU A 94 -12.12 -6.78 -1.31
C LEU A 94 -11.01 -6.97 -0.28
N GLN A 95 -9.81 -6.60 -0.67
CA GLN A 95 -8.65 -6.70 0.20
C GLN A 95 -8.39 -5.36 0.89
N LEU A 96 -8.55 -5.35 2.21
CA LEU A 96 -8.37 -4.14 2.98
C LEU A 96 -7.01 -4.14 3.67
N ASN A 97 -6.14 -3.23 3.25
CA ASN A 97 -4.81 -3.13 3.83
C ASN A 97 -4.80 -2.10 4.95
N VAL A 98 -4.81 -2.57 6.19
CA VAL A 98 -4.80 -1.68 7.34
C VAL A 98 -3.38 -1.43 7.81
N THR A 99 -2.92 -0.21 7.59
CA THR A 99 -1.62 0.20 8.05
C THR A 99 -1.75 0.96 9.35
N ASP A 100 -1.35 0.34 10.45
CA ASP A 100 -1.51 0.94 11.76
C ASP A 100 -0.54 2.09 11.98
N ARG A 101 -0.99 3.08 12.74
CA ARG A 101 -0.19 4.23 13.10
C ARG A 101 0.46 4.00 14.46
N LYS A 102 -0.19 3.18 15.27
CA LYS A 102 0.23 2.98 16.65
C LYS A 102 1.34 1.94 16.74
N THR A 103 1.02 0.69 16.41
CA THR A 103 2.00 -0.38 16.44
C THR A 103 2.76 -0.45 15.11
N GLY A 104 2.15 0.16 14.09
CA GLY A 104 2.78 0.23 12.79
C GLY A 104 2.81 -1.09 12.05
N GLN A 105 1.94 -2.00 12.46
CA GLN A 105 1.81 -3.28 11.79
C GLN A 105 0.80 -3.16 10.66
N THR A 106 1.15 -3.74 9.52
CA THR A 106 0.26 -3.70 8.37
C THR A 106 -0.55 -4.97 8.27
N SER A 107 -1.76 -4.92 8.78
CA SER A 107 -2.64 -6.08 8.78
C SER A 107 -3.62 -6.00 7.62
N THR A 108 -3.39 -6.84 6.62
CA THR A 108 -4.26 -6.90 5.47
C THR A 108 -5.35 -7.96 5.68
N ILE A 109 -6.60 -7.55 5.53
CA ILE A 109 -7.72 -8.47 5.66
C ILE A 109 -8.45 -8.59 4.32
N GLN A 110 -8.33 -9.77 3.71
CA GLN A 110 -9.02 -10.04 2.45
C GLN A 110 -10.41 -10.60 2.72
N VAL A 111 -11.44 -9.79 2.54
CA VAL A 111 -12.81 -10.25 2.72
C VAL A 111 -13.31 -10.87 1.42
N SER A 112 -13.12 -12.17 1.30
CA SER A 112 -13.32 -12.84 0.03
C SER A 112 -14.61 -13.65 -0.03
N GLY A 113 -14.99 -14.29 1.08
CA GLY A 113 -16.06 -15.28 1.02
C GLY A 113 -17.38 -14.82 1.63
N LEU A 114 -17.60 -13.51 1.71
CA LEU A 114 -18.85 -12.96 2.23
C LEU A 114 -19.12 -13.52 3.63
N GLN A 115 -18.32 -13.08 4.58
CA GLN A 115 -18.31 -13.67 5.91
C GLN A 115 -19.12 -12.85 6.90
N ASN A 116 -20.06 -12.05 6.37
CA ASN A 116 -20.92 -11.23 7.20
C ASN A 116 -22.09 -10.71 6.37
N ASN A 117 -23.12 -10.18 7.04
CA ASN A 117 -24.33 -9.68 6.39
C ASN A 117 -25.19 -10.82 5.87
N SER A 118 -26.16 -11.20 6.67
CA SER A 118 -27.05 -12.31 6.33
C SER A 118 -28.43 -12.04 6.90
N THR A 119 -29.46 -12.45 6.17
CA THR A 119 -30.85 -12.20 6.55
C THR A 119 -31.20 -10.71 6.40
N ASP A 120 -32.47 -10.41 6.22
CA ASP A 120 -32.91 -9.03 6.10
C ASP A 120 -33.14 -8.43 7.48
N PHE A 121 -32.86 -7.14 7.60
CA PHE A 121 -33.01 -6.43 8.85
C PHE A 121 -34.28 -5.60 8.85
N HIS A 122 -35.26 -6.01 9.65
CA HIS A 122 -36.50 -5.28 9.76
C HIS A 122 -36.28 -4.01 10.58
N HIS A 123 -36.86 -2.90 10.13
CA HIS A 123 -36.73 -1.63 10.83
C HIS A 123 -37.48 -1.71 12.17
N HIS A 124 -36.71 -1.82 13.25
CA HIS A 124 -37.26 -2.09 14.58
C HIS A 124 -38.35 -1.08 14.97
N HIS A 125 -37.95 0.15 15.33
CA HIS A 125 -38.90 1.22 15.70
C HIS A 125 -39.66 0.90 17.00
N HIS A 126 -39.75 1.88 17.88
CA HIS A 126 -40.57 1.75 19.08
C HIS A 126 -41.71 2.77 19.04
N HIS A 127 -41.35 4.02 18.81
CA HIS A 127 -42.32 5.10 18.67
C HIS A 127 -41.69 6.26 17.93
N MET A 1 -45.11 -25.01 64.25
CA MET A 1 -44.24 -25.87 63.41
C MET A 1 -44.82 -26.01 62.01
N ALA A 2 -44.20 -25.32 61.06
CA ALA A 2 -44.65 -25.35 59.68
C ALA A 2 -43.57 -25.95 58.79
N GLY A 3 -43.92 -27.01 58.07
CA GLY A 3 -42.97 -27.68 57.22
C GLY A 3 -43.14 -29.17 57.28
N THR A 4 -42.88 -29.86 56.17
CA THR A 4 -43.06 -31.29 56.09
C THR A 4 -42.08 -32.02 57.01
N MET A 5 -40.90 -31.44 57.21
CA MET A 5 -39.89 -32.05 58.06
C MET A 5 -38.83 -31.03 58.49
N THR A 6 -38.48 -30.14 57.57
CA THR A 6 -37.40 -29.19 57.78
C THR A 6 -36.10 -29.93 58.07
N PHE A 7 -35.51 -30.48 57.02
CA PHE A 7 -34.31 -31.29 57.13
C PHE A 7 -33.06 -30.47 56.89
N GLN A 8 -33.17 -29.47 56.03
CA GLN A 8 -32.04 -28.62 55.68
C GLN A 8 -32.49 -27.44 54.84
N PHE A 9 -32.94 -27.74 53.62
CA PHE A 9 -33.38 -26.73 52.67
C PHE A 9 -32.23 -25.78 52.33
N ARG A 10 -31.43 -26.19 51.36
CA ARG A 10 -30.32 -25.38 50.91
C ARG A 10 -30.66 -24.75 49.56
N ASN A 11 -30.15 -23.55 49.34
CA ASN A 11 -30.33 -22.78 48.10
C ASN A 11 -29.49 -23.36 46.95
N PRO A 12 -30.06 -24.26 46.15
CA PRO A 12 -29.31 -25.07 45.20
C PRO A 12 -28.92 -24.31 43.94
N ASN A 13 -27.61 -24.31 43.64
CA ASN A 13 -27.07 -23.77 42.40
C ASN A 13 -27.11 -22.25 42.37
N PHE A 14 -25.94 -21.65 42.22
CA PHE A 14 -25.80 -20.21 42.07
C PHE A 14 -24.79 -19.90 40.99
N GLY A 15 -25.16 -19.03 40.06
CA GLY A 15 -24.25 -18.66 39.00
C GLY A 15 -24.62 -17.34 38.37
N GLY A 16 -23.70 -16.40 38.38
CA GLY A 16 -23.94 -15.11 37.78
C GLY A 16 -22.73 -14.61 37.02
N ASN A 17 -22.95 -14.13 35.81
CA ASN A 17 -21.86 -13.60 35.00
C ASN A 17 -21.81 -12.08 35.14
N PRO A 18 -20.61 -11.49 35.13
CA PRO A 18 -20.43 -10.04 35.28
C PRO A 18 -20.77 -9.27 34.01
N ASN A 19 -20.12 -9.63 32.90
CA ASN A 19 -20.31 -8.94 31.65
C ASN A 19 -19.88 -9.84 30.50
N ASN A 20 -20.64 -9.83 29.41
CA ASN A 20 -20.37 -10.68 28.27
C ASN A 20 -19.40 -10.00 27.30
N GLY A 21 -19.44 -8.67 27.28
CA GLY A 21 -18.66 -7.93 26.30
C GLY A 21 -17.70 -6.94 26.93
N ALA A 22 -18.04 -5.66 26.84
CA ALA A 22 -17.20 -4.56 27.28
C ALA A 22 -15.99 -4.36 26.35
N PHE A 23 -15.47 -3.13 26.35
CA PHE A 23 -14.31 -2.74 25.55
C PHE A 23 -14.60 -2.87 24.05
N LEU A 24 -15.16 -1.80 23.48
CA LEU A 24 -15.48 -1.77 22.05
C LEU A 24 -14.86 -0.54 21.40
N LEU A 25 -14.36 -0.73 20.17
CA LEU A 25 -13.83 0.33 19.29
C LEU A 25 -12.58 1.01 19.87
N ASN A 26 -11.76 1.54 18.97
CA ASN A 26 -10.59 2.32 19.35
C ASN A 26 -10.45 3.51 18.42
N SER A 27 -11.00 4.65 18.84
CA SER A 27 -10.92 5.90 18.07
C SER A 27 -11.76 5.86 16.79
N ALA A 28 -11.33 5.03 15.84
CA ALA A 28 -11.97 4.89 14.53
C ALA A 28 -11.88 6.19 13.73
N GLN A 29 -12.84 7.07 13.93
CA GLN A 29 -12.91 8.32 13.17
C GLN A 29 -13.45 9.45 14.05
N ALA A 30 -12.60 10.46 14.24
CA ALA A 30 -12.92 11.62 15.08
C ALA A 30 -11.82 12.64 14.93
N GLN A 31 -11.68 13.53 15.92
CA GLN A 31 -10.52 14.45 16.01
C GLN A 31 -10.63 15.60 15.00
N ASN A 32 -11.49 15.44 13.99
CA ASN A 32 -11.56 16.35 12.84
C ASN A 32 -10.31 16.17 11.97
N SER A 33 -10.52 15.64 10.77
CA SER A 33 -9.41 15.31 9.89
C SER A 33 -8.81 16.57 9.27
N TYR A 34 -7.71 17.03 9.86
CA TYR A 34 -6.97 18.16 9.32
C TYR A 34 -6.46 17.81 7.94
N LYS A 35 -6.67 18.71 6.98
CA LYS A 35 -6.24 18.44 5.61
C LYS A 35 -4.93 19.16 5.33
N ASP A 36 -4.26 19.57 6.40
CA ASP A 36 -2.95 20.18 6.31
C ASP A 36 -2.01 19.51 7.31
N PRO A 37 -0.68 19.68 7.13
CA PRO A 37 0.32 18.92 7.90
C PRO A 37 0.29 19.16 9.42
N SER A 38 -0.31 20.25 9.87
CA SER A 38 -0.26 20.59 11.28
C SER A 38 -1.62 21.06 11.80
N TYR A 39 -2.03 22.26 11.38
CA TYR A 39 -3.20 22.91 11.95
C TYR A 39 -3.40 24.26 11.27
N ASN A 40 -4.68 24.61 11.01
CA ASN A 40 -5.05 25.92 10.49
C ASN A 40 -4.30 26.29 9.20
N ASP A 41 -3.94 25.25 8.44
CA ASP A 41 -3.21 25.40 7.18
C ASP A 41 -1.76 25.80 7.45
N ASP A 42 -0.94 24.79 7.68
CA ASP A 42 0.49 24.97 7.94
C ASP A 42 1.27 25.12 6.64
N PHE A 43 0.69 24.62 5.55
CA PHE A 43 1.30 24.64 4.21
C PHE A 43 2.76 24.17 4.21
N GLY A 44 3.12 23.35 5.20
CA GLY A 44 4.47 22.82 5.26
C GLY A 44 4.65 21.60 4.38
N ILE A 45 3.69 21.37 3.50
CA ILE A 45 3.72 20.25 2.57
C ILE A 45 4.81 20.46 1.53
N GLU A 46 5.11 21.73 1.29
CA GLU A 46 6.09 22.12 0.29
C GLU A 46 7.51 21.88 0.77
N THR A 47 7.67 21.56 2.05
CA THR A 47 8.98 21.31 2.62
C THR A 47 9.02 19.97 3.36
N PRO A 48 9.13 18.86 2.62
CA PRO A 48 9.25 17.52 3.19
C PRO A 48 10.68 17.28 3.70
N SER A 49 10.86 17.48 5.00
CA SER A 49 12.17 17.30 5.60
C SER A 49 12.10 16.33 6.76
N ALA A 50 11.15 16.57 7.67
CA ALA A 50 10.99 15.72 8.84
C ALA A 50 10.11 14.53 8.50
N LEU A 51 8.97 14.80 7.89
CA LEU A 51 8.03 13.75 7.50
C LEU A 51 8.53 12.99 6.27
N ASP A 52 9.58 13.52 5.63
CA ASP A 52 10.15 12.92 4.43
C ASP A 52 10.60 11.50 4.70
N ASN A 53 11.28 11.31 5.81
CA ASN A 53 11.84 10.00 6.19
C ASN A 53 10.74 8.96 6.35
N PHE A 54 9.50 9.42 6.49
CA PHE A 54 8.38 8.51 6.65
C PHE A 54 7.65 8.32 5.32
N THR A 55 7.37 9.44 4.63
CA THR A 55 6.62 9.38 3.38
C THR A 55 7.44 8.71 2.27
N GLN A 56 8.75 8.87 2.32
CA GLN A 56 9.62 8.31 1.29
C GLN A 56 9.61 6.78 1.36
N ALA A 57 9.44 6.25 2.56
CA ALA A 57 9.45 4.81 2.77
C ALA A 57 8.15 4.16 2.29
N ILE A 58 7.14 4.98 2.02
CA ILE A 58 5.86 4.49 1.55
C ILE A 58 5.87 4.38 0.02
N GLN A 59 6.73 5.17 -0.60
CA GLN A 59 6.78 5.27 -2.05
C GLN A 59 7.20 3.94 -2.70
N SER A 60 7.88 3.09 -1.95
CA SER A 60 8.43 1.86 -2.49
C SER A 60 7.34 0.81 -2.74
N GLN A 61 6.40 0.69 -1.81
CA GLN A 61 5.37 -0.33 -1.91
C GLN A 61 4.35 0.02 -2.99
N ILE A 62 4.32 1.29 -3.38
CA ILE A 62 3.38 1.77 -4.38
C ILE A 62 3.71 1.16 -5.75
N LEU A 63 4.98 0.86 -5.97
CA LEU A 63 5.42 0.24 -7.22
C LEU A 63 4.69 -1.08 -7.46
N GLY A 64 4.51 -1.86 -6.41
CA GLY A 64 3.79 -3.12 -6.53
C GLY A 64 2.29 -2.92 -6.64
N GLY A 65 1.80 -1.86 -6.00
CA GLY A 65 0.39 -1.57 -6.02
C GLY A 65 -0.08 -1.01 -7.36
N LEU A 66 0.84 -0.39 -8.09
CA LEU A 66 0.54 0.21 -9.39
C LEU A 66 -0.09 -0.81 -10.34
N LEU A 67 0.36 -2.05 -10.25
CA LEU A 67 -0.14 -3.12 -11.13
C LEU A 67 -1.65 -3.27 -11.02
N SER A 68 -2.20 -2.97 -9.84
CA SER A 68 -3.62 -3.10 -9.61
C SER A 68 -4.29 -1.73 -9.58
N ASN A 69 -3.50 -0.67 -9.43
CA ASN A 69 -4.06 0.68 -9.33
C ASN A 69 -4.21 1.32 -10.71
N ILE A 70 -3.38 0.88 -11.66
CA ILE A 70 -3.48 1.38 -13.03
C ILE A 70 -4.67 0.74 -13.74
N ASN A 71 -5.11 -0.40 -13.22
CA ASN A 71 -6.28 -1.09 -13.74
C ASN A 71 -7.55 -0.28 -13.44
N THR A 72 -7.43 0.61 -12.45
CA THR A 72 -8.53 1.46 -11.98
C THR A 72 -9.74 0.63 -11.59
N GLY A 73 -10.87 1.30 -11.36
CA GLY A 73 -12.10 0.61 -11.04
C GLY A 73 -12.27 0.36 -9.56
N LYS A 74 -11.23 -0.19 -8.93
CA LYS A 74 -11.27 -0.57 -7.51
C LYS A 74 -11.65 0.63 -6.63
N PRO A 75 -12.28 0.37 -5.46
CA PRO A 75 -12.74 1.41 -4.54
C PRO A 75 -11.61 2.29 -3.99
N GLY A 76 -11.97 3.28 -3.19
CA GLY A 76 -10.97 4.19 -2.65
C GLY A 76 -10.48 3.75 -1.29
N ARG A 77 -10.06 4.71 -0.48
CA ARG A 77 -9.56 4.42 0.85
C ARG A 77 -10.49 5.02 1.89
N MET A 78 -10.38 4.54 3.12
CA MET A 78 -11.26 4.98 4.18
C MET A 78 -10.52 5.90 5.14
N VAL A 79 -11.16 7.01 5.49
CA VAL A 79 -10.60 7.94 6.44
C VAL A 79 -10.55 7.31 7.83
N THR A 80 -9.39 7.33 8.44
CA THR A 80 -9.20 6.78 9.77
C THR A 80 -8.11 7.56 10.50
N ASN A 81 -8.33 7.82 11.78
CA ASN A 81 -7.42 8.66 12.57
C ASN A 81 -5.98 8.16 12.51
N ASP A 82 -5.74 6.96 13.02
CA ASP A 82 -4.38 6.45 13.18
C ASP A 82 -4.10 5.26 12.29
N TYR A 83 -4.97 5.01 11.32
CA TYR A 83 -4.82 3.84 10.47
C TYR A 83 -4.93 4.23 8.99
N ILE A 84 -3.93 3.83 8.23
CA ILE A 84 -3.92 4.07 6.79
C ILE A 84 -4.45 2.83 6.08
N VAL A 85 -5.66 2.91 5.57
CA VAL A 85 -6.31 1.75 4.97
C VAL A 85 -6.95 2.09 3.62
N ASP A 86 -6.51 1.38 2.59
CA ASP A 86 -7.06 1.54 1.25
C ASP A 86 -7.84 0.28 0.90
N ILE A 87 -9.03 0.46 0.34
CA ILE A 87 -9.86 -0.68 -0.06
C ILE A 87 -9.41 -1.15 -1.44
N ALA A 88 -8.33 -1.91 -1.46
CA ALA A 88 -7.73 -2.34 -2.70
C ALA A 88 -8.38 -3.62 -3.21
N ASN A 89 -9.13 -3.50 -4.29
CA ASN A 89 -9.67 -4.66 -4.96
C ASN A 89 -8.60 -5.25 -5.88
N ARG A 90 -7.69 -6.00 -5.30
CA ARG A 90 -6.59 -6.56 -6.04
C ARG A 90 -6.87 -8.02 -6.33
N ASP A 91 -6.69 -8.40 -7.60
CA ASP A 91 -6.86 -9.78 -8.04
C ASP A 91 -8.35 -10.17 -8.03
N GLY A 92 -9.20 -9.20 -7.76
CA GLY A 92 -10.63 -9.44 -7.78
C GLY A 92 -11.26 -9.37 -6.40
N GLN A 93 -10.46 -9.60 -5.37
CA GLN A 93 -10.96 -9.62 -4.00
C GLN A 93 -10.83 -8.25 -3.35
N LEU A 94 -11.83 -7.88 -2.57
CA LEU A 94 -11.73 -6.69 -1.73
C LEU A 94 -10.76 -6.96 -0.60
N GLN A 95 -9.57 -6.40 -0.68
CA GLN A 95 -8.55 -6.62 0.32
C GLN A 95 -8.33 -5.37 1.15
N LEU A 96 -8.74 -5.43 2.41
CA LEU A 96 -8.60 -4.31 3.31
C LEU A 96 -7.18 -4.27 3.86
N ASN A 97 -6.35 -3.41 3.28
CA ASN A 97 -4.95 -3.31 3.67
C ASN A 97 -4.77 -2.23 4.73
N VAL A 98 -4.54 -2.65 5.97
CA VAL A 98 -4.43 -1.72 7.07
C VAL A 98 -2.97 -1.48 7.45
N THR A 99 -2.53 -0.26 7.26
CA THR A 99 -1.22 0.16 7.70
C THR A 99 -1.35 0.97 8.98
N ASP A 100 -0.97 0.36 10.09
CA ASP A 100 -1.08 1.00 11.40
C ASP A 100 0.03 2.03 11.61
N ARG A 101 -0.30 3.10 12.30
CA ARG A 101 0.64 4.16 12.58
C ARG A 101 1.12 4.06 14.04
N LYS A 102 0.29 3.46 14.87
CA LYS A 102 0.55 3.40 16.31
C LYS A 102 1.66 2.41 16.63
N THR A 103 1.49 1.16 16.21
CA THR A 103 2.52 0.15 16.39
C THR A 103 3.15 -0.22 15.05
N GLY A 104 2.39 -0.01 13.98
CA GLY A 104 2.88 -0.28 12.64
C GLY A 104 2.44 -1.62 12.11
N GLN A 105 1.45 -2.21 12.78
CA GLN A 105 0.91 -3.49 12.36
C GLN A 105 0.22 -3.38 11.02
N THR A 106 0.84 -3.97 10.01
CA THR A 106 0.27 -4.03 8.69
C THR A 106 -0.62 -5.26 8.58
N SER A 107 -1.92 -5.07 8.70
CA SER A 107 -2.85 -6.18 8.72
C SER A 107 -3.56 -6.30 7.37
N THR A 108 -3.76 -7.52 6.93
CA THR A 108 -4.42 -7.77 5.67
C THR A 108 -5.74 -8.52 5.87
N ILE A 109 -6.84 -7.80 5.71
CA ILE A 109 -8.16 -8.39 5.94
C ILE A 109 -8.93 -8.52 4.63
N GLN A 110 -9.02 -9.74 4.11
CA GLN A 110 -9.82 -10.00 2.93
C GLN A 110 -11.30 -9.87 3.23
N VAL A 111 -12.08 -9.64 2.18
CA VAL A 111 -13.52 -9.49 2.30
C VAL A 111 -14.17 -10.75 2.90
N SER A 112 -14.74 -10.58 4.09
CA SER A 112 -15.44 -11.66 4.76
C SER A 112 -16.92 -11.65 4.38
N GLY A 113 -17.45 -10.46 4.19
CA GLY A 113 -18.84 -10.31 3.84
C GLY A 113 -19.46 -9.11 4.51
N LEU A 114 -19.53 -7.99 3.79
CA LEU A 114 -19.97 -6.74 4.36
C LEU A 114 -21.49 -6.61 4.30
N GLN A 115 -22.03 -6.64 3.08
CA GLN A 115 -23.47 -6.48 2.83
C GLN A 115 -23.95 -5.09 3.25
N ASN A 116 -24.24 -4.25 2.26
CA ASN A 116 -24.66 -2.89 2.53
C ASN A 116 -26.13 -2.69 2.16
N ASN A 117 -26.79 -1.80 2.89
CA ASN A 117 -28.14 -1.37 2.57
C ASN A 117 -28.07 0.07 2.05
N SER A 118 -28.32 0.24 0.76
CA SER A 118 -28.11 1.53 0.11
C SER A 118 -29.06 2.59 0.66
N THR A 119 -30.34 2.49 0.31
CA THR A 119 -31.32 3.48 0.72
C THR A 119 -32.71 2.85 0.80
N ASP A 120 -33.39 3.04 1.93
CA ASP A 120 -34.77 2.59 2.07
C ASP A 120 -35.71 3.80 2.06
N PHE A 121 -36.82 3.67 1.35
CA PHE A 121 -37.72 4.80 1.13
C PHE A 121 -38.67 5.01 2.30
N HIS A 122 -38.84 6.27 2.68
CA HIS A 122 -39.79 6.65 3.73
C HIS A 122 -40.66 7.79 3.22
N HIS A 123 -41.65 8.18 4.02
CA HIS A 123 -42.56 9.28 3.69
C HIS A 123 -43.45 8.92 2.49
N HIS A 124 -44.11 9.94 1.96
CA HIS A 124 -44.96 9.82 0.77
C HIS A 124 -46.09 8.81 0.98
N HIS A 125 -47.13 9.25 1.69
CA HIS A 125 -48.34 8.47 1.90
C HIS A 125 -49.34 9.31 2.69
N HIS A 126 -50.61 8.95 2.61
CA HIS A 126 -51.63 9.66 3.36
C HIS A 126 -52.12 8.82 4.52
N HIS A 127 -52.87 9.45 5.42
CA HIS A 127 -53.35 8.81 6.65
C HIS A 127 -52.17 8.45 7.55
N MET A 1 32.38 50.57 65.73
CA MET A 1 32.83 49.17 65.82
C MET A 1 31.88 48.25 65.08
N ALA A 2 32.25 47.88 63.85
CA ALA A 2 31.47 46.96 63.01
C ALA A 2 30.11 47.55 62.63
N GLY A 3 29.39 46.81 61.80
CA GLY A 3 28.04 47.21 61.44
C GLY A 3 27.01 46.65 62.39
N THR A 4 25.95 46.06 61.85
CA THR A 4 24.92 45.45 62.66
C THR A 4 24.96 43.94 62.48
N MET A 5 24.70 43.49 61.26
CA MET A 5 24.75 42.07 60.91
C MET A 5 24.42 41.87 59.43
N THR A 6 23.22 42.31 59.03
CA THR A 6 22.76 42.16 57.64
C THR A 6 22.45 40.69 57.34
N PHE A 7 21.48 40.45 56.46
CA PHE A 7 21.06 39.08 56.15
C PHE A 7 22.02 38.40 55.17
N GLN A 8 22.25 39.04 54.03
CA GLN A 8 23.06 38.44 52.97
C GLN A 8 24.38 39.19 52.78
N PHE A 9 24.78 39.91 53.82
CA PHE A 9 26.02 40.70 53.82
C PHE A 9 25.98 41.82 52.77
N ARG A 10 26.25 41.48 51.51
CA ARG A 10 26.28 42.47 50.44
C ARG A 10 26.06 41.79 49.09
N ASN A 11 24.80 41.55 48.76
CA ASN A 11 24.43 40.94 47.49
C ASN A 11 23.37 41.77 46.78
N PRO A 12 23.82 42.77 45.99
CA PRO A 12 22.93 43.74 45.35
C PRO A 12 22.18 43.17 44.16
N ASN A 13 20.88 42.94 44.34
CA ASN A 13 19.95 42.54 43.28
C ASN A 13 20.21 41.11 42.78
N PHE A 14 19.19 40.28 42.90
CA PHE A 14 19.24 38.93 42.37
C PHE A 14 18.57 38.90 41.01
N GLY A 15 19.19 38.21 40.06
CA GLY A 15 18.67 38.19 38.72
C GLY A 15 19.75 38.47 37.70
N GLY A 16 19.81 37.67 36.66
CA GLY A 16 20.84 37.82 35.66
C GLY A 16 21.38 36.48 35.24
N ASN A 17 22.22 35.89 36.08
CA ASN A 17 22.84 34.58 35.84
C ASN A 17 23.81 34.64 34.66
N PRO A 18 24.89 33.85 34.71
CA PRO A 18 25.84 33.72 33.59
C PRO A 18 25.18 33.08 32.38
N ASN A 19 24.18 32.25 32.64
CA ASN A 19 23.42 31.61 31.57
C ASN A 19 22.06 32.28 31.46
N ASN A 20 21.88 33.09 30.42
CA ASN A 20 20.64 33.81 30.21
C ASN A 20 20.29 33.84 28.73
N GLY A 21 19.01 33.86 28.41
CA GLY A 21 18.59 33.94 27.03
C GLY A 21 17.17 33.47 26.84
N ALA A 22 16.97 32.16 26.98
CA ALA A 22 15.67 31.51 26.75
C ALA A 22 15.24 31.63 25.29
N PHE A 23 15.46 30.55 24.54
CA PHE A 23 15.09 30.52 23.13
C PHE A 23 13.57 30.51 22.98
N LEU A 24 13.04 31.60 22.45
CA LEU A 24 11.60 31.74 22.29
C LEU A 24 11.26 32.34 20.93
N LEU A 25 12.27 32.44 20.07
CA LEU A 25 12.08 32.97 18.72
C LEU A 25 12.40 31.89 17.69
N ASN A 26 11.93 32.11 16.45
CA ASN A 26 12.17 31.20 15.33
C ASN A 26 11.48 29.85 15.55
N SER A 27 10.36 29.67 14.87
CA SER A 27 9.59 28.44 14.98
C SER A 27 10.11 27.39 14.00
N ALA A 28 9.59 26.17 14.10
CA ALA A 28 10.00 25.08 13.21
C ALA A 28 9.04 24.96 12.04
N GLN A 29 9.55 25.22 10.84
CA GLN A 29 8.73 25.16 9.64
C GLN A 29 9.15 23.97 8.79
N ALA A 30 8.36 23.69 7.74
CA ALA A 30 8.60 22.58 6.81
C ALA A 30 8.32 21.23 7.45
N GLN A 31 8.85 21.03 8.65
CA GLN A 31 8.58 19.82 9.42
C GLN A 31 7.24 19.95 10.14
N ASN A 32 6.60 18.81 10.37
CA ASN A 32 5.26 18.74 10.97
C ASN A 32 4.19 19.22 9.99
N SER A 33 3.04 18.54 10.01
CA SER A 33 1.91 18.89 9.14
C SER A 33 2.29 18.69 7.67
N TYR A 34 2.68 17.47 7.32
CA TYR A 34 3.17 17.17 5.98
C TYR A 34 2.02 16.95 5.01
N LYS A 35 1.41 18.04 4.58
CA LYS A 35 0.38 18.01 3.55
C LYS A 35 0.72 19.03 2.47
N ASP A 36 -0.24 19.35 1.62
CA ASP A 36 0.00 20.28 0.53
C ASP A 36 0.20 21.70 1.06
N PRO A 37 1.10 22.47 0.42
CA PRO A 37 1.39 23.87 0.76
C PRO A 37 0.17 24.78 0.72
N SER A 38 0.30 25.96 1.33
CA SER A 38 -0.74 26.96 1.30
C SER A 38 -0.94 27.47 -0.12
N TYR A 39 0.05 28.22 -0.64
CA TYR A 39 -0.03 28.72 -2.02
C TYR A 39 1.35 28.64 -2.68
N ASN A 40 1.34 28.52 -4.01
CA ASN A 40 2.56 28.58 -4.83
C ASN A 40 3.58 27.53 -4.45
N ASP A 41 3.10 26.37 -3.97
CA ASP A 41 3.97 25.24 -3.64
C ASP A 41 4.94 25.62 -2.52
N ASP A 42 4.45 26.43 -1.58
CA ASP A 42 5.22 26.86 -0.41
C ASP A 42 5.95 25.71 0.26
N PHE A 43 5.21 24.78 0.84
CA PHE A 43 5.80 23.58 1.43
C PHE A 43 5.54 22.37 0.56
N GLY A 44 5.56 22.57 -0.76
CA GLY A 44 5.34 21.47 -1.69
C GLY A 44 6.57 20.61 -1.86
N ILE A 45 7.60 20.94 -1.11
CA ILE A 45 8.87 20.22 -1.17
C ILE A 45 9.06 19.37 0.09
N GLU A 46 8.72 19.95 1.24
CA GLU A 46 8.86 19.29 2.54
C GLU A 46 10.34 18.99 2.84
N THR A 47 10.58 18.13 3.82
CA THR A 47 11.94 17.75 4.18
C THR A 47 12.03 16.23 4.37
N PRO A 48 12.19 15.48 3.28
CA PRO A 48 12.34 14.04 3.31
C PRO A 48 13.81 13.61 3.32
N SER A 49 14.26 13.11 4.46
CA SER A 49 15.64 12.68 4.60
C SER A 49 15.74 11.17 4.71
N ALA A 50 15.46 10.62 5.89
CA ALA A 50 15.56 9.19 6.10
C ALA A 50 14.41 8.43 5.47
N LEU A 51 13.20 8.99 5.58
CA LEU A 51 12.02 8.36 4.99
C LEU A 51 12.09 8.40 3.47
N ASP A 52 12.88 9.34 2.95
CA ASP A 52 13.09 9.48 1.51
C ASP A 52 13.74 8.22 0.95
N ASN A 53 14.71 7.70 1.68
CA ASN A 53 15.41 6.48 1.27
C ASN A 53 14.46 5.30 1.33
N PHE A 54 13.68 5.24 2.40
CA PHE A 54 12.78 4.12 2.66
C PHE A 54 11.64 4.06 1.64
N THR A 55 10.96 5.18 1.44
CA THR A 55 9.79 5.22 0.56
C THR A 55 10.19 5.00 -0.90
N GLN A 56 11.47 5.19 -1.20
CA GLN A 56 11.96 5.06 -2.57
C GLN A 56 12.07 3.59 -2.97
N ALA A 57 12.16 2.71 -1.98
CA ALA A 57 12.16 1.29 -2.23
C ALA A 57 10.72 0.78 -2.38
N ILE A 58 9.79 1.59 -1.87
CA ILE A 58 8.38 1.25 -1.92
C ILE A 58 7.79 1.55 -3.30
N GLN A 59 8.43 2.49 -3.99
CA GLN A 59 7.95 2.94 -5.29
C GLN A 59 7.84 1.79 -6.29
N SER A 60 8.67 0.78 -6.11
CA SER A 60 8.72 -0.35 -7.03
C SER A 60 7.57 -1.33 -6.77
N GLN A 61 7.21 -1.50 -5.49
CA GLN A 61 6.22 -2.50 -5.10
C GLN A 61 4.79 -1.99 -5.31
N ILE A 62 4.66 -0.72 -5.68
CA ILE A 62 3.35 -0.12 -5.87
C ILE A 62 2.69 -0.67 -7.13
N LEU A 63 3.51 -1.02 -8.13
CA LEU A 63 3.01 -1.50 -9.40
C LEU A 63 2.17 -2.76 -9.24
N GLY A 64 2.69 -3.72 -8.46
CA GLY A 64 1.98 -4.97 -8.26
C GLY A 64 0.60 -4.79 -7.68
N GLY A 65 0.40 -3.70 -6.95
CA GLY A 65 -0.89 -3.42 -6.37
C GLY A 65 -1.75 -2.53 -7.27
N LEU A 66 -1.13 -1.50 -7.85
CA LEU A 66 -1.85 -0.54 -8.66
C LEU A 66 -2.43 -1.19 -9.91
N LEU A 67 -1.84 -2.31 -10.34
CA LEU A 67 -2.36 -3.04 -11.49
C LEU A 67 -3.83 -3.34 -11.33
N SER A 68 -4.22 -3.80 -10.15
CA SER A 68 -5.60 -4.16 -9.89
C SER A 68 -6.36 -2.97 -9.33
N ASN A 69 -5.65 -1.86 -9.08
CA ASN A 69 -6.29 -0.63 -8.67
C ASN A 69 -6.74 0.17 -9.89
N ILE A 70 -6.12 -0.12 -11.02
CA ILE A 70 -6.62 0.38 -12.30
C ILE A 70 -7.89 -0.38 -12.66
N ASN A 71 -7.94 -1.64 -12.22
CA ASN A 71 -9.12 -2.47 -12.39
C ASN A 71 -10.25 -1.95 -11.50
N THR A 72 -9.96 -1.86 -10.21
CA THR A 72 -10.94 -1.36 -9.25
C THR A 72 -10.70 0.11 -8.94
N GLY A 73 -11.51 0.96 -9.55
CA GLY A 73 -11.43 2.39 -9.32
C GLY A 73 -12.06 2.75 -8.00
N LYS A 74 -11.28 2.61 -6.94
CA LYS A 74 -11.73 2.92 -5.58
C LYS A 74 -12.25 4.36 -5.50
N PRO A 75 -13.32 4.58 -4.72
CA PRO A 75 -13.93 5.91 -4.59
C PRO A 75 -13.00 6.89 -3.88
N GLY A 76 -12.43 6.45 -2.78
CA GLY A 76 -11.52 7.29 -2.02
C GLY A 76 -11.07 6.62 -0.75
N ARG A 77 -9.78 6.35 -0.65
CA ARG A 77 -9.21 5.76 0.54
C ARG A 77 -8.76 6.84 1.51
N MET A 78 -8.94 6.60 2.80
CA MET A 78 -8.64 7.62 3.80
C MET A 78 -7.17 7.59 4.18
N VAL A 79 -6.47 8.67 3.85
CA VAL A 79 -5.07 8.80 4.22
C VAL A 79 -4.95 9.64 5.49
N THR A 80 -4.78 8.95 6.61
CA THR A 80 -4.69 9.61 7.90
C THR A 80 -3.41 9.21 8.63
N ASN A 81 -2.79 10.18 9.29
CA ASN A 81 -1.52 9.96 10.00
C ASN A 81 -1.72 9.20 11.30
N ASP A 82 -2.26 8.01 11.19
CA ASP A 82 -2.49 7.12 12.32
C ASP A 82 -2.91 5.75 11.80
N TYR A 83 -3.76 5.76 10.80
CA TYR A 83 -4.16 4.54 10.12
C TYR A 83 -4.35 4.81 8.65
N ILE A 84 -3.65 4.06 7.81
CA ILE A 84 -3.87 4.13 6.38
C ILE A 84 -4.88 3.07 5.99
N VAL A 85 -6.08 3.50 5.63
CA VAL A 85 -7.15 2.58 5.26
C VAL A 85 -7.40 2.63 3.76
N ASP A 86 -6.79 1.70 3.04
CA ASP A 86 -6.96 1.63 1.60
C ASP A 86 -7.82 0.44 1.23
N ILE A 87 -9.00 0.72 0.68
CA ILE A 87 -9.88 -0.33 0.22
C ILE A 87 -9.42 -0.79 -1.17
N ALA A 88 -8.50 -1.73 -1.19
CA ALA A 88 -7.94 -2.22 -2.43
C ALA A 88 -8.60 -3.51 -2.87
N ASN A 89 -8.29 -3.93 -4.08
CA ASN A 89 -8.82 -5.16 -4.63
C ASN A 89 -7.74 -5.78 -5.51
N ARG A 90 -7.59 -7.09 -5.43
CA ARG A 90 -6.62 -7.78 -6.27
C ARG A 90 -7.32 -8.86 -7.09
N ASP A 91 -7.40 -8.64 -8.40
CA ASP A 91 -7.99 -9.60 -9.36
C ASP A 91 -9.51 -9.62 -9.27
N GLY A 92 -10.04 -9.66 -8.06
CA GLY A 92 -11.47 -9.72 -7.86
C GLY A 92 -11.86 -9.73 -6.40
N GLN A 93 -10.98 -10.24 -5.56
CA GLN A 93 -11.25 -10.30 -4.13
C GLN A 93 -10.67 -9.06 -3.44
N LEU A 94 -11.54 -8.35 -2.71
CA LEU A 94 -11.16 -7.13 -2.02
C LEU A 94 -10.07 -7.40 -0.99
N GLN A 95 -9.15 -6.47 -0.87
CA GLN A 95 -8.04 -6.59 0.03
C GLN A 95 -7.88 -5.30 0.84
N LEU A 96 -8.43 -5.30 2.04
CA LEU A 96 -8.39 -4.12 2.89
C LEU A 96 -7.04 -4.00 3.58
N ASN A 97 -6.28 -2.98 3.21
CA ASN A 97 -4.96 -2.76 3.79
C ASN A 97 -4.99 -1.61 4.77
N VAL A 98 -4.78 -1.93 6.04
CA VAL A 98 -4.67 -0.94 7.09
C VAL A 98 -3.25 -0.86 7.61
N THR A 99 -2.64 0.29 7.45
CA THR A 99 -1.30 0.52 7.96
C THR A 99 -1.38 1.19 9.33
N ASP A 100 -1.18 0.38 10.37
CA ASP A 100 -1.16 0.88 11.74
C ASP A 100 0.07 1.76 11.95
N ARG A 101 -0.14 2.93 12.51
CA ARG A 101 0.96 3.84 12.76
C ARG A 101 1.42 3.75 14.22
N LYS A 102 0.52 3.30 15.08
CA LYS A 102 0.77 3.29 16.51
C LYS A 102 1.86 2.28 16.88
N THR A 103 1.77 1.09 16.31
CA THR A 103 2.76 0.05 16.52
C THR A 103 3.35 -0.41 15.18
N GLY A 104 2.50 -0.38 14.15
CA GLY A 104 2.92 -0.76 12.83
C GLY A 104 2.45 -2.13 12.44
N GLN A 105 1.30 -2.53 12.98
CA GLN A 105 0.70 -3.80 12.65
C GLN A 105 0.10 -3.75 11.24
N THR A 106 0.77 -4.38 10.29
CA THR A 106 0.26 -4.46 8.94
C THR A 106 -0.99 -5.32 8.89
N SER A 107 -2.14 -4.66 8.83
CA SER A 107 -3.41 -5.36 8.83
C SER A 107 -3.97 -5.48 7.42
N THR A 108 -3.72 -6.61 6.78
CA THR A 108 -4.25 -6.87 5.47
C THR A 108 -5.42 -7.85 5.55
N ILE A 109 -6.62 -7.31 5.51
CA ILE A 109 -7.83 -8.09 5.66
C ILE A 109 -8.33 -8.59 4.30
N GLN A 110 -8.42 -9.90 4.15
CA GLN A 110 -8.96 -10.49 2.93
C GLN A 110 -10.47 -10.50 2.99
N VAL A 111 -11.10 -9.68 2.17
CA VAL A 111 -12.55 -9.56 2.17
C VAL A 111 -13.16 -10.60 1.24
N SER A 112 -14.13 -11.34 1.76
CA SER A 112 -14.78 -12.42 1.03
C SER A 112 -13.78 -13.58 0.84
N GLY A 113 -14.00 -14.38 -0.18
CA GLY A 113 -13.15 -15.54 -0.41
C GLY A 113 -13.72 -16.78 0.22
N LEU A 114 -13.69 -16.83 1.54
CA LEU A 114 -14.25 -17.94 2.28
C LEU A 114 -15.65 -17.61 2.76
N GLN A 115 -16.60 -17.63 1.82
CA GLN A 115 -17.99 -17.34 2.11
C GLN A 115 -18.89 -18.29 1.34
N ASN A 116 -19.88 -18.86 2.02
CA ASN A 116 -20.82 -19.79 1.39
C ASN A 116 -22.06 -19.96 2.25
N ASN A 117 -23.10 -20.55 1.68
CA ASN A 117 -24.30 -20.87 2.43
C ASN A 117 -24.98 -22.11 1.88
N SER A 118 -25.68 -22.82 2.74
CA SER A 118 -26.48 -23.97 2.32
C SER A 118 -27.95 -23.66 2.61
N THR A 119 -28.85 -24.27 1.85
CA THR A 119 -30.28 -24.02 2.03
C THR A 119 -30.72 -24.42 3.43
N ASP A 120 -31.37 -23.48 4.12
CA ASP A 120 -31.78 -23.70 5.49
C ASP A 120 -33.07 -24.51 5.56
N PHE A 121 -32.91 -25.83 5.66
CA PHE A 121 -34.06 -26.71 5.83
C PHE A 121 -34.67 -26.47 7.20
N HIS A 122 -36.00 -26.45 7.26
CA HIS A 122 -36.69 -26.13 8.50
C HIS A 122 -36.49 -27.22 9.54
N HIS A 123 -35.97 -26.82 10.68
CA HIS A 123 -35.53 -27.75 11.71
C HIS A 123 -36.68 -28.09 12.66
N HIS A 124 -36.77 -29.36 13.04
CA HIS A 124 -37.72 -29.79 14.04
C HIS A 124 -37.01 -30.75 15.00
N HIS A 125 -37.76 -31.50 15.79
CA HIS A 125 -37.15 -32.33 16.83
C HIS A 125 -37.30 -33.81 16.49
N HIS A 126 -36.28 -34.36 15.86
CA HIS A 126 -36.23 -35.79 15.60
C HIS A 126 -35.41 -36.44 16.73
N HIS A 127 -35.34 -37.77 16.74
CA HIS A 127 -34.61 -38.52 17.77
C HIS A 127 -35.41 -38.55 19.07
N MET A 1 70.68 -12.24 3.28
CA MET A 1 70.68 -11.63 4.62
C MET A 1 69.27 -11.14 4.96
N ALA A 2 68.38 -12.09 5.27
CA ALA A 2 66.99 -11.78 5.55
C ALA A 2 66.42 -12.77 6.56
N GLY A 3 65.39 -12.35 7.27
CA GLY A 3 64.72 -13.21 8.23
C GLY A 3 63.58 -13.98 7.57
N THR A 4 62.45 -13.30 7.38
CA THR A 4 61.28 -13.88 6.73
C THR A 4 60.56 -14.88 7.65
N MET A 5 59.24 -15.00 7.47
CA MET A 5 58.41 -15.96 8.19
C MET A 5 58.17 -15.56 9.65
N THR A 6 57.21 -14.66 9.84
CA THR A 6 56.70 -14.37 11.17
C THR A 6 55.32 -14.98 11.32
N PHE A 7 55.25 -16.13 11.97
CA PHE A 7 54.02 -16.91 12.01
C PHE A 7 53.60 -17.28 13.43
N GLN A 8 52.37 -16.94 13.77
CA GLN A 8 51.76 -17.37 15.02
C GLN A 8 50.32 -17.76 14.79
N PHE A 9 50.11 -19.03 14.50
CA PHE A 9 48.77 -19.54 14.26
C PHE A 9 48.27 -20.30 15.49
N ARG A 10 47.00 -20.71 15.44
CA ARG A 10 46.33 -21.35 16.58
C ARG A 10 46.14 -20.35 17.71
N ASN A 11 45.75 -20.87 18.89
CA ASN A 11 45.49 -20.04 20.06
C ASN A 11 44.33 -19.08 19.80
N PRO A 12 43.08 -19.56 19.90
CA PRO A 12 41.90 -18.77 19.60
C PRO A 12 41.51 -17.78 20.70
N ASN A 13 41.65 -18.22 21.95
CA ASN A 13 41.22 -17.42 23.11
C ASN A 13 39.69 -17.23 23.06
N PHE A 14 39.15 -16.43 24.00
CA PHE A 14 37.72 -16.09 24.03
C PHE A 14 36.88 -17.28 24.52
N GLY A 15 35.95 -17.00 25.41
CA GLY A 15 35.12 -18.06 25.96
C GLY A 15 33.78 -18.17 25.25
N GLY A 16 33.24 -19.38 25.22
CA GLY A 16 31.95 -19.61 24.60
C GLY A 16 30.83 -19.04 25.46
N ASN A 17 30.05 -18.13 24.88
CA ASN A 17 28.94 -17.52 25.60
C ASN A 17 27.63 -18.23 25.27
N PRO A 18 26.74 -18.36 26.26
CA PRO A 18 25.41 -18.94 26.04
C PRO A 18 24.55 -18.05 25.17
N ASN A 19 24.83 -16.74 25.24
CA ASN A 19 24.11 -15.73 24.46
C ASN A 19 22.63 -15.66 24.87
N ASN A 20 22.35 -16.08 26.08
CA ASN A 20 20.99 -16.03 26.60
C ASN A 20 20.65 -14.60 26.99
N GLY A 21 19.38 -14.23 26.83
CA GLY A 21 18.98 -12.87 27.11
C GLY A 21 17.71 -12.79 27.93
N ALA A 22 17.35 -11.59 28.34
CA ALA A 22 16.16 -11.39 29.16
C ALA A 22 14.93 -11.09 28.30
N PHE A 23 15.12 -11.16 26.97
CA PHE A 23 14.07 -10.97 25.97
C PHE A 23 13.18 -9.75 26.29
N LEU A 24 13.68 -8.57 25.96
CA LEU A 24 12.94 -7.34 26.21
C LEU A 24 13.23 -6.32 25.11
N LEU A 25 12.19 -5.69 24.60
CA LEU A 25 12.35 -4.69 23.55
C LEU A 25 12.65 -3.32 24.14
N ASN A 26 11.67 -2.74 24.82
CA ASN A 26 11.81 -1.44 25.47
C ASN A 26 12.17 -0.34 24.47
N SER A 27 11.57 -0.41 23.30
CA SER A 27 11.77 0.59 22.28
C SER A 27 11.08 1.90 22.67
N ALA A 28 11.56 3.01 22.13
CA ALA A 28 11.03 4.31 22.48
C ALA A 28 10.24 4.92 21.32
N GLN A 29 10.02 4.11 20.28
CA GLN A 29 9.32 4.55 19.07
C GLN A 29 10.10 5.67 18.38
N ALA A 30 9.44 6.36 17.45
CA ALA A 30 10.07 7.47 16.73
C ALA A 30 10.33 8.66 17.66
N GLN A 31 11.10 9.61 17.15
CA GLN A 31 11.48 10.78 17.93
C GLN A 31 11.21 12.05 17.14
N ASN A 32 11.25 13.19 17.81
CA ASN A 32 11.06 14.47 17.15
C ASN A 32 12.40 15.01 16.65
N SER A 33 12.36 16.11 15.92
CA SER A 33 13.56 16.68 15.32
C SER A 33 14.28 17.62 16.28
N TYR A 34 13.50 18.47 16.95
CA TYR A 34 14.03 19.53 17.82
C TYR A 34 14.76 20.59 17.00
N LYS A 35 14.62 20.47 15.69
CA LYS A 35 15.14 21.43 14.74
C LYS A 35 14.40 21.22 13.43
N ASP A 36 13.19 21.76 13.37
CA ASP A 36 12.29 21.52 12.25
C ASP A 36 12.22 22.74 11.35
N PRO A 37 11.94 22.53 10.05
CA PRO A 37 11.76 23.63 9.09
C PRO A 37 10.46 24.39 9.35
N SER A 38 9.61 23.80 10.19
CA SER A 38 8.35 24.40 10.62
C SER A 38 7.33 24.47 9.48
N TYR A 39 7.68 23.88 8.35
CA TYR A 39 6.76 23.80 7.23
C TYR A 39 7.23 22.74 6.24
N ASN A 40 6.27 21.99 5.71
CA ASN A 40 6.53 20.88 4.80
C ASN A 40 7.31 19.78 5.51
N ASP A 41 6.62 19.13 6.44
CA ASP A 41 7.19 18.02 7.25
C ASP A 41 8.21 18.55 8.26
N ASP A 42 8.20 18.00 9.46
CA ASP A 42 9.07 18.48 10.52
C ASP A 42 10.48 17.89 10.40
N PHE A 43 10.66 17.02 9.42
CA PHE A 43 11.99 16.52 9.08
C PHE A 43 12.37 17.03 7.68
N GLY A 44 11.71 18.11 7.26
CA GLY A 44 11.88 18.62 5.91
C GLY A 44 13.17 19.39 5.70
N ILE A 45 14.24 18.90 6.29
CA ILE A 45 15.57 19.45 6.09
C ILE A 45 16.44 18.37 5.46
N GLU A 46 15.76 17.44 4.77
CA GLU A 46 16.40 16.27 4.20
C GLU A 46 17.12 15.50 5.29
N THR A 47 16.42 15.31 6.40
CA THR A 47 16.96 14.57 7.52
C THR A 47 16.13 13.30 7.75
N PRO A 48 16.49 12.21 7.04
CA PRO A 48 15.74 10.96 7.12
C PRO A 48 15.92 10.25 8.46
N SER A 49 15.13 10.66 9.44
CA SER A 49 15.09 9.99 10.73
C SER A 49 13.93 9.02 10.76
N ALA A 50 12.73 9.50 10.49
CA ALA A 50 11.55 8.66 10.49
C ALA A 50 11.15 8.28 9.06
N LEU A 51 11.49 9.14 8.12
CA LEU A 51 11.11 8.94 6.73
C LEU A 51 12.13 8.08 5.98
N ASP A 52 13.21 7.72 6.66
CA ASP A 52 14.30 6.99 6.04
C ASP A 52 13.83 5.62 5.55
N ASN A 53 13.53 4.71 6.46
CA ASN A 53 13.02 3.38 6.09
C ASN A 53 11.65 3.51 5.43
N PHE A 54 10.97 4.61 5.74
CA PHE A 54 9.65 4.86 5.18
C PHE A 54 9.70 4.98 3.67
N THR A 55 10.57 5.85 3.16
CA THR A 55 10.68 6.07 1.72
C THR A 55 11.26 4.85 1.02
N GLN A 56 11.96 4.01 1.78
CA GLN A 56 12.54 2.78 1.25
C GLN A 56 11.43 1.75 1.01
N ALA A 57 10.49 1.70 1.93
CA ALA A 57 9.32 0.85 1.79
C ALA A 57 8.47 1.33 0.63
N ILE A 58 8.50 2.65 0.38
CA ILE A 58 7.79 3.24 -0.74
C ILE A 58 8.33 2.71 -2.06
N GLN A 59 9.65 2.56 -2.14
CA GLN A 59 10.30 2.03 -3.34
C GLN A 59 9.74 0.65 -3.67
N SER A 60 9.57 -0.18 -2.65
CA SER A 60 9.01 -1.52 -2.82
C SER A 60 7.59 -1.44 -3.38
N GLN A 61 6.79 -0.53 -2.82
CA GLN A 61 5.40 -0.40 -3.22
C GLN A 61 5.27 0.43 -4.49
N ILE A 62 6.41 0.73 -5.12
CA ILE A 62 6.42 1.30 -6.46
C ILE A 62 6.76 0.19 -7.45
N LEU A 63 7.89 -0.46 -7.23
CA LEU A 63 8.35 -1.55 -8.09
C LEU A 63 7.33 -2.67 -8.14
N GLY A 64 6.75 -3.00 -7.01
CA GLY A 64 5.74 -4.03 -6.95
C GLY A 64 4.36 -3.48 -6.70
N GLY A 65 4.27 -2.16 -6.56
CA GLY A 65 3.01 -1.53 -6.25
C GLY A 65 2.19 -1.25 -7.48
N LEU A 66 2.85 -1.16 -8.63
CA LEU A 66 2.16 -0.96 -9.90
C LEU A 66 1.19 -2.12 -10.15
N LEU A 67 1.55 -3.29 -9.63
CA LEU A 67 0.71 -4.49 -9.76
C LEU A 67 -0.58 -4.33 -8.97
N SER A 68 -0.50 -3.62 -7.85
CA SER A 68 -1.66 -3.38 -7.03
C SER A 68 -2.60 -2.37 -7.68
N ASN A 69 -2.01 -1.44 -8.43
CA ASN A 69 -2.78 -0.38 -9.06
C ASN A 69 -3.22 -0.77 -10.47
N ILE A 70 -3.06 -2.04 -10.81
CA ILE A 70 -3.54 -2.56 -12.08
C ILE A 70 -5.07 -2.53 -12.12
N ASN A 71 -5.68 -2.76 -10.96
CA ASN A 71 -7.13 -2.68 -10.82
C ASN A 71 -7.62 -1.27 -11.10
N THR A 72 -7.15 -0.31 -10.30
CA THR A 72 -7.46 1.11 -10.49
C THR A 72 -8.89 1.47 -10.09
N GLY A 73 -9.85 0.64 -10.49
CA GLY A 73 -11.26 0.95 -10.29
C GLY A 73 -11.75 0.72 -8.88
N LYS A 74 -10.82 0.52 -7.95
CA LYS A 74 -11.18 0.38 -6.54
C LYS A 74 -11.96 1.61 -6.07
N PRO A 75 -12.91 1.42 -5.14
CA PRO A 75 -13.81 2.49 -4.68
C PRO A 75 -13.06 3.69 -4.10
N GLY A 76 -12.23 3.45 -3.10
CA GLY A 76 -11.51 4.54 -2.48
C GLY A 76 -10.70 4.11 -1.28
N ARG A 77 -10.46 5.06 -0.39
CA ARG A 77 -9.60 4.84 0.76
C ARG A 77 -10.31 5.25 2.04
N MET A 78 -9.66 5.03 3.17
CA MET A 78 -10.21 5.46 4.44
C MET A 78 -9.15 6.20 5.23
N VAL A 79 -9.39 7.49 5.47
CA VAL A 79 -8.44 8.32 6.18
C VAL A 79 -8.67 8.24 7.69
N THR A 80 -7.72 7.64 8.38
CA THR A 80 -7.79 7.52 9.83
C THR A 80 -6.47 7.96 10.45
N ASN A 81 -6.54 8.70 11.55
CA ASN A 81 -5.33 9.18 12.23
C ASN A 81 -4.55 8.03 12.84
N ASP A 82 -5.23 6.92 13.09
CA ASP A 82 -4.60 5.77 13.72
C ASP A 82 -4.18 4.73 12.69
N TYR A 83 -4.76 4.80 11.49
CA TYR A 83 -4.57 3.75 10.50
C TYR A 83 -4.52 4.29 9.07
N ILE A 84 -3.57 3.77 8.30
CA ILE A 84 -3.54 4.03 6.86
C ILE A 84 -4.17 2.85 6.15
N VAL A 85 -5.37 3.02 5.65
CA VAL A 85 -6.09 1.91 5.05
C VAL A 85 -6.77 2.32 3.74
N ASP A 86 -6.64 1.46 2.75
CA ASP A 86 -7.22 1.69 1.44
C ASP A 86 -8.03 0.46 1.03
N ILE A 87 -9.16 0.67 0.35
CA ILE A 87 -9.99 -0.43 -0.10
C ILE A 87 -9.65 -0.77 -1.54
N ALA A 88 -8.65 -1.62 -1.70
CA ALA A 88 -8.15 -1.97 -3.03
C ALA A 88 -8.60 -3.36 -3.43
N ASN A 89 -9.19 -3.47 -4.61
CA ASN A 89 -9.56 -4.76 -5.16
C ASN A 89 -8.35 -5.35 -5.86
N ARG A 90 -7.86 -6.47 -5.35
CA ARG A 90 -6.75 -7.15 -5.96
C ARG A 90 -7.06 -8.62 -6.12
N ASP A 91 -6.80 -9.14 -7.31
CA ASP A 91 -7.03 -10.55 -7.64
C ASP A 91 -8.53 -10.87 -7.66
N GLY A 92 -9.33 -9.81 -7.63
CA GLY A 92 -10.78 -9.96 -7.66
C GLY A 92 -11.39 -9.90 -6.28
N GLN A 93 -10.56 -9.73 -5.27
CA GLN A 93 -11.03 -9.65 -3.90
C GLN A 93 -10.78 -8.26 -3.33
N LEU A 94 -11.79 -7.70 -2.67
CA LEU A 94 -11.63 -6.44 -1.97
C LEU A 94 -10.68 -6.64 -0.80
N GLN A 95 -9.49 -6.09 -0.91
CA GLN A 95 -8.45 -6.31 0.05
C GLN A 95 -8.25 -5.07 0.92
N LEU A 96 -8.64 -5.19 2.18
CA LEU A 96 -8.53 -4.07 3.12
C LEU A 96 -7.15 -4.09 3.77
N ASN A 97 -6.22 -3.35 3.20
CA ASN A 97 -4.87 -3.29 3.73
C ASN A 97 -4.77 -2.24 4.83
N VAL A 98 -4.75 -2.69 6.08
CA VAL A 98 -4.68 -1.81 7.22
C VAL A 98 -3.23 -1.62 7.69
N THR A 99 -2.79 -0.38 7.73
CA THR A 99 -1.49 -0.06 8.26
C THR A 99 -1.61 0.70 9.57
N ASP A 100 -1.28 0.03 10.67
CA ASP A 100 -1.34 0.62 12.00
C ASP A 100 -0.33 1.75 12.13
N ARG A 101 -0.77 2.90 12.63
CA ARG A 101 0.10 4.06 12.75
C ARG A 101 0.45 4.33 14.23
N LYS A 102 0.25 3.32 15.05
CA LYS A 102 0.62 3.39 16.46
C LYS A 102 1.84 2.52 16.69
N THR A 103 1.62 1.23 16.53
CA THR A 103 2.64 0.23 16.73
C THR A 103 3.34 -0.04 15.40
N GLY A 104 2.56 -0.08 14.34
CA GLY A 104 3.10 -0.27 13.01
C GLY A 104 3.04 -1.70 12.54
N GLN A 105 1.88 -2.07 12.01
CA GLN A 105 1.64 -3.40 11.50
C GLN A 105 0.76 -3.31 10.26
N THR A 106 1.02 -4.14 9.27
CA THR A 106 0.22 -4.14 8.07
C THR A 106 -0.70 -5.36 8.05
N SER A 107 -1.86 -5.20 8.67
CA SER A 107 -2.86 -6.24 8.73
C SER A 107 -3.73 -6.20 7.49
N THR A 108 -3.73 -7.28 6.74
CA THR A 108 -4.47 -7.31 5.49
C THR A 108 -5.74 -8.15 5.61
N ILE A 109 -6.88 -7.49 5.63
CA ILE A 109 -8.15 -8.17 5.75
C ILE A 109 -8.83 -8.22 4.39
N GLN A 110 -8.70 -9.35 3.70
CA GLN A 110 -9.36 -9.54 2.43
C GLN A 110 -10.81 -9.90 2.67
N VAL A 111 -11.73 -9.13 2.10
CA VAL A 111 -13.15 -9.31 2.32
C VAL A 111 -13.62 -10.66 1.77
N SER A 112 -13.79 -11.61 2.68
CA SER A 112 -14.27 -12.93 2.32
C SER A 112 -15.79 -12.94 2.18
N GLY A 113 -16.43 -12.04 2.89
CA GLY A 113 -17.87 -11.97 2.89
C GLY A 113 -18.43 -11.89 4.29
N LEU A 114 -18.65 -10.68 4.78
CA LEU A 114 -19.13 -10.48 6.13
C LEU A 114 -20.37 -9.59 6.12
N GLN A 115 -21.54 -10.21 6.13
CA GLN A 115 -22.79 -9.47 6.20
C GLN A 115 -23.40 -9.62 7.58
N ASN A 116 -23.11 -8.65 8.43
CA ASN A 116 -23.65 -8.62 9.78
C ASN A 116 -23.96 -7.18 10.18
N ASN A 117 -24.96 -7.03 11.05
CA ASN A 117 -25.38 -5.70 11.49
C ASN A 117 -26.39 -5.84 12.64
N SER A 118 -26.60 -4.75 13.36
CA SER A 118 -27.55 -4.72 14.47
C SER A 118 -27.20 -5.75 15.55
N THR A 119 -26.22 -5.43 16.36
CA THR A 119 -25.83 -6.30 17.47
C THR A 119 -26.84 -6.17 18.61
N ASP A 120 -27.51 -7.27 18.92
CA ASP A 120 -28.54 -7.28 19.95
C ASP A 120 -27.91 -7.24 21.34
N PHE A 121 -26.89 -8.08 21.53
CA PHE A 121 -26.20 -8.13 22.82
C PHE A 121 -25.33 -6.89 23.02
N HIS A 122 -25.87 -5.94 23.78
CA HIS A 122 -25.19 -4.68 24.01
C HIS A 122 -24.86 -4.51 25.48
N HIS A 123 -24.88 -5.63 26.21
CA HIS A 123 -24.48 -5.70 27.61
C HIS A 123 -25.48 -5.02 28.54
N HIS A 124 -26.30 -5.84 29.18
CA HIS A 124 -27.22 -5.36 30.21
C HIS A 124 -27.14 -6.29 31.42
N HIS A 125 -26.15 -7.17 31.37
CA HIS A 125 -25.96 -8.20 32.37
C HIS A 125 -24.59 -8.04 33.03
N HIS A 126 -24.59 -7.80 34.33
CA HIS A 126 -23.35 -7.55 35.07
C HIS A 126 -22.62 -8.86 35.40
N HIS A 127 -23.15 -9.97 34.89
CA HIS A 127 -22.65 -11.30 35.20
C HIS A 127 -22.77 -11.57 36.70
N MET A 1 -20.34 24.12 -41.64
CA MET A 1 -19.32 23.24 -41.02
C MET A 1 -18.08 23.18 -41.90
N ALA A 2 -16.96 22.74 -41.31
CA ALA A 2 -15.70 22.61 -42.03
C ALA A 2 -15.20 23.95 -42.53
N GLY A 3 -14.20 23.92 -43.40
CA GLY A 3 -13.65 25.15 -43.95
C GLY A 3 -12.29 25.46 -43.37
N THR A 4 -11.24 25.14 -44.12
CA THR A 4 -9.88 25.38 -43.68
C THR A 4 -9.57 26.87 -43.63
N MET A 5 -9.61 27.43 -42.44
CA MET A 5 -9.41 28.86 -42.24
C MET A 5 -8.51 29.09 -41.04
N THR A 6 -8.03 30.32 -40.88
CA THR A 6 -7.24 30.72 -39.73
C THR A 6 -5.81 30.17 -39.80
N PHE A 7 -4.84 31.05 -39.55
CA PHE A 7 -3.45 30.65 -39.57
C PHE A 7 -2.86 30.67 -38.16
N GLN A 8 -2.53 31.86 -37.66
CA GLN A 8 -1.95 32.07 -36.32
C GLN A 8 -0.76 31.14 -36.03
N PHE A 9 -0.16 30.59 -37.07
CA PHE A 9 0.98 29.68 -36.90
C PHE A 9 2.28 30.44 -37.06
N ARG A 10 3.40 29.73 -36.90
CA ARG A 10 4.73 30.33 -36.97
C ARG A 10 4.92 31.37 -35.87
N ASN A 11 5.23 30.87 -34.68
CA ASN A 11 5.41 31.72 -33.51
C ASN A 11 6.80 32.38 -33.57
N PRO A 12 6.91 33.66 -33.18
CA PRO A 12 8.18 34.40 -33.13
C PRO A 12 9.30 33.62 -32.43
N ASN A 13 10.54 33.90 -32.84
CA ASN A 13 11.72 33.22 -32.32
C ASN A 13 11.69 31.74 -32.65
N PHE A 14 12.21 31.39 -33.81
CA PHE A 14 12.25 30.01 -34.25
C PHE A 14 13.62 29.70 -34.86
N GLY A 15 14.29 28.71 -34.30
CA GLY A 15 15.61 28.33 -34.77
C GLY A 15 16.53 27.98 -33.62
N GLY A 16 16.33 28.65 -32.50
CA GLY A 16 17.12 28.36 -31.31
C GLY A 16 18.04 29.50 -30.93
N ASN A 17 18.50 29.49 -29.69
CA ASN A 17 19.47 30.46 -29.21
C ASN A 17 20.84 29.81 -29.09
N PRO A 18 21.92 30.56 -29.37
CA PRO A 18 23.29 30.05 -29.26
C PRO A 18 23.67 29.69 -27.82
N ASN A 19 23.92 28.41 -27.60
CA ASN A 19 24.27 27.91 -26.27
C ASN A 19 25.70 27.38 -26.26
N ASN A 20 26.24 27.16 -25.07
CA ASN A 20 27.58 26.62 -24.92
C ASN A 20 27.61 25.16 -25.36
N GLY A 21 28.65 24.80 -26.12
CA GLY A 21 28.75 23.45 -26.65
C GLY A 21 29.72 22.59 -25.86
N ALA A 22 29.58 21.28 -26.00
CA ALA A 22 30.45 20.33 -25.34
C ALA A 22 31.79 20.24 -26.07
N PHE A 23 32.87 20.12 -25.30
CA PHE A 23 34.20 20.03 -25.86
C PHE A 23 34.86 18.71 -25.48
N LEU A 24 34.93 17.80 -26.43
CA LEU A 24 35.52 16.49 -26.20
C LEU A 24 35.71 15.74 -27.52
N LEU A 25 36.88 15.15 -27.68
CA LEU A 25 37.17 14.32 -28.84
C LEU A 25 37.53 12.92 -28.39
N ASN A 26 36.54 12.21 -27.87
CA ASN A 26 36.78 10.90 -27.29
C ASN A 26 35.90 9.85 -27.94
N SER A 27 34.75 10.27 -28.46
CA SER A 27 33.81 9.36 -29.08
C SER A 27 33.90 9.45 -30.60
N ALA A 28 34.42 8.40 -31.22
CA ALA A 28 34.49 8.34 -32.67
C ALA A 28 33.37 7.45 -33.21
N GLN A 29 33.05 7.62 -34.48
CA GLN A 29 32.00 6.82 -35.11
C GLN A 29 32.57 5.51 -35.63
N ALA A 30 32.18 4.42 -34.98
CA ALA A 30 32.62 3.10 -35.39
C ALA A 30 31.88 2.65 -36.65
N GLN A 31 32.54 1.82 -37.44
CA GLN A 31 31.94 1.32 -38.66
C GLN A 31 31.08 0.09 -38.37
N ASN A 32 29.83 0.34 -38.02
CA ASN A 32 28.91 -0.73 -37.65
C ASN A 32 27.55 -0.51 -38.29
N SER A 33 27.54 0.14 -39.45
CA SER A 33 26.31 0.40 -40.18
C SER A 33 25.54 -0.90 -40.46
N TYR A 34 24.47 -1.09 -39.70
CA TYR A 34 23.71 -2.34 -39.71
C TYR A 34 22.22 -2.03 -39.68
N LYS A 35 21.89 -0.76 -39.90
CA LYS A 35 20.52 -0.26 -39.77
C LYS A 35 20.14 -0.28 -38.29
N ASP A 36 21.12 0.05 -37.46
CA ASP A 36 20.95 0.04 -36.02
C ASP A 36 20.27 1.33 -35.55
N PRO A 37 19.65 1.30 -34.36
CA PRO A 37 18.98 2.46 -33.78
C PRO A 37 19.96 3.59 -33.45
N SER A 38 21.19 3.21 -33.12
CA SER A 38 22.25 4.14 -32.72
C SER A 38 21.93 4.82 -31.39
N TYR A 39 20.94 5.68 -31.39
CA TYR A 39 20.52 6.38 -30.19
C TYR A 39 19.36 5.65 -29.52
N ASN A 40 19.28 5.79 -28.21
CA ASN A 40 18.19 5.23 -27.41
C ASN A 40 18.20 3.70 -27.48
N ASP A 41 19.15 3.11 -26.78
CA ASP A 41 19.32 1.65 -26.70
C ASP A 41 19.70 1.05 -28.05
N ASP A 42 20.88 0.44 -28.09
CA ASP A 42 21.41 -0.10 -29.34
C ASP A 42 20.86 -1.49 -29.62
N PHE A 43 19.96 -1.96 -28.77
CA PHE A 43 19.31 -3.24 -28.98
C PHE A 43 17.93 -3.05 -29.60
N GLY A 44 17.61 -1.81 -29.95
CA GLY A 44 16.30 -1.49 -30.49
C GLY A 44 16.15 -1.90 -31.95
N ILE A 45 16.55 -3.12 -32.26
CA ILE A 45 16.42 -3.67 -33.61
C ILE A 45 15.38 -4.80 -33.58
N GLU A 46 14.73 -4.93 -32.43
CA GLU A 46 13.84 -6.04 -32.13
C GLU A 46 14.58 -7.36 -32.36
N THR A 47 15.60 -7.57 -31.53
CA THR A 47 16.41 -8.76 -31.58
C THR A 47 16.69 -9.25 -30.16
N PRO A 48 15.79 -10.06 -29.61
CA PRO A 48 15.85 -10.50 -28.22
C PRO A 48 16.98 -11.48 -27.94
N SER A 49 18.18 -10.94 -27.71
CA SER A 49 19.32 -11.75 -27.32
C SER A 49 19.44 -11.79 -25.79
N ALA A 50 19.78 -10.64 -25.20
CA ALA A 50 19.92 -10.54 -23.76
C ALA A 50 18.77 -9.76 -23.14
N LEU A 51 17.90 -9.25 -24.00
CA LEU A 51 16.76 -8.45 -23.55
C LEU A 51 15.47 -9.24 -23.73
N ASP A 52 15.61 -10.51 -24.09
CA ASP A 52 14.48 -11.36 -24.41
C ASP A 52 13.64 -11.66 -23.18
N ASN A 53 14.27 -12.14 -22.12
CA ASN A 53 13.55 -12.44 -20.88
C ASN A 53 13.02 -11.16 -20.25
N PHE A 54 13.73 -10.06 -20.49
CA PHE A 54 13.36 -8.76 -19.95
C PHE A 54 12.03 -8.27 -20.53
N THR A 55 12.01 -8.05 -21.83
CA THR A 55 10.81 -7.52 -22.50
C THR A 55 9.67 -8.54 -22.44
N GLN A 56 10.01 -9.80 -22.26
CA GLN A 56 9.02 -10.87 -22.19
C GLN A 56 8.20 -10.74 -20.92
N ALA A 57 8.89 -10.46 -19.81
CA ALA A 57 8.24 -10.26 -18.53
C ALA A 57 7.38 -9.01 -18.56
N ILE A 58 7.83 -8.02 -19.33
CA ILE A 58 7.08 -6.77 -19.48
C ILE A 58 5.73 -7.02 -20.14
N GLN A 59 5.71 -7.91 -21.12
CA GLN A 59 4.48 -8.25 -21.81
C GLN A 59 3.50 -8.93 -20.87
N SER A 60 4.02 -9.56 -19.82
CA SER A 60 3.19 -10.28 -18.87
C SER A 60 2.74 -9.36 -17.73
N GLN A 61 3.62 -8.47 -17.29
CA GLN A 61 3.32 -7.57 -16.18
C GLN A 61 2.23 -6.58 -16.57
N ILE A 62 1.95 -6.50 -17.87
CA ILE A 62 0.85 -5.66 -18.35
C ILE A 62 -0.47 -6.16 -17.79
N LEU A 63 -0.55 -7.48 -17.62
CA LEU A 63 -1.74 -8.12 -17.10
C LEU A 63 -1.97 -7.75 -15.65
N GLY A 64 -0.88 -7.47 -14.94
CA GLY A 64 -0.98 -7.07 -13.55
C GLY A 64 -1.73 -5.76 -13.40
N GLY A 65 -1.37 -4.78 -14.22
CA GLY A 65 -2.06 -3.51 -14.21
C GLY A 65 -3.43 -3.61 -14.84
N LEU A 66 -3.55 -4.45 -15.86
CA LEU A 66 -4.81 -4.69 -16.53
C LEU A 66 -5.83 -5.25 -15.55
N LEU A 67 -5.43 -6.29 -14.81
CA LEU A 67 -6.28 -6.91 -13.81
C LEU A 67 -6.30 -6.10 -12.52
N SER A 68 -6.17 -4.79 -12.67
CA SER A 68 -6.28 -3.84 -11.58
C SER A 68 -7.14 -2.65 -12.01
N ASN A 69 -6.79 -2.07 -13.15
CA ASN A 69 -7.50 -0.90 -13.66
C ASN A 69 -8.90 -1.24 -14.13
N ILE A 70 -9.11 -2.49 -14.53
CA ILE A 70 -10.40 -2.93 -15.03
C ILE A 70 -11.34 -3.27 -13.87
N ASN A 71 -10.77 -3.53 -12.70
CA ASN A 71 -11.54 -3.93 -11.54
C ASN A 71 -12.45 -2.81 -11.06
N THR A 72 -11.84 -1.69 -10.69
CA THR A 72 -12.57 -0.55 -10.19
C THR A 72 -11.77 0.72 -10.43
N GLY A 73 -12.44 1.86 -10.61
CA GLY A 73 -11.76 3.11 -10.88
C GLY A 73 -11.26 3.78 -9.61
N LYS A 74 -12.11 3.82 -8.60
CA LYS A 74 -11.73 4.36 -7.30
C LYS A 74 -10.52 3.59 -6.75
N PRO A 75 -9.60 4.29 -6.05
CA PRO A 75 -8.40 3.67 -5.51
C PRO A 75 -8.70 2.75 -4.33
N GLY A 76 -9.72 3.10 -3.56
CA GLY A 76 -10.08 2.34 -2.39
C GLY A 76 -9.32 2.80 -1.16
N ARG A 77 -8.14 3.34 -1.38
CA ARG A 77 -7.29 3.86 -0.31
C ARG A 77 -7.95 5.06 0.34
N MET A 78 -8.20 4.97 1.63
CA MET A 78 -8.85 6.03 2.37
C MET A 78 -7.90 6.61 3.42
N VAL A 79 -7.65 7.89 3.34
CA VAL A 79 -6.74 8.54 4.28
C VAL A 79 -7.39 8.69 5.66
N THR A 80 -6.71 8.18 6.67
CA THR A 80 -7.18 8.27 8.04
C THR A 80 -5.98 8.58 8.95
N ASN A 81 -6.21 9.24 10.08
CA ASN A 81 -5.13 9.76 10.91
C ASN A 81 -4.27 8.66 11.52
N ASP A 82 -4.87 7.79 12.31
CA ASP A 82 -4.12 6.82 13.08
C ASP A 82 -4.14 5.44 12.43
N TYR A 83 -4.78 5.36 11.27
CA TYR A 83 -4.85 4.12 10.52
C TYR A 83 -4.84 4.41 9.03
N ILE A 84 -3.82 3.96 8.32
CA ILE A 84 -3.78 4.12 6.88
C ILE A 84 -4.54 2.97 6.24
N VAL A 85 -5.74 3.27 5.78
CA VAL A 85 -6.64 2.26 5.24
C VAL A 85 -6.51 2.16 3.72
N ASP A 86 -5.98 1.03 3.25
CA ASP A 86 -5.90 0.78 1.83
C ASP A 86 -6.84 -0.34 1.43
N ILE A 87 -7.99 0.03 0.88
CA ILE A 87 -8.94 -0.94 0.37
C ILE A 87 -8.64 -1.25 -1.09
N ALA A 88 -7.91 -2.32 -1.31
CA ALA A 88 -7.45 -2.66 -2.64
C ALA A 88 -8.26 -3.80 -3.25
N ASN A 89 -8.72 -3.60 -4.47
CA ASN A 89 -9.35 -4.67 -5.22
C ASN A 89 -8.43 -5.10 -6.34
N ARG A 90 -7.53 -6.01 -6.03
CA ARG A 90 -6.61 -6.55 -7.02
C ARG A 90 -7.04 -7.96 -7.36
N ASP A 91 -6.85 -8.37 -8.62
CA ASP A 91 -7.28 -9.68 -9.11
C ASP A 91 -8.80 -9.76 -9.18
N GLY A 92 -9.44 -9.79 -8.01
CA GLY A 92 -10.89 -9.79 -7.97
C GLY A 92 -11.41 -9.86 -6.54
N GLN A 93 -10.58 -9.46 -5.59
CA GLN A 93 -10.95 -9.57 -4.18
C GLN A 93 -10.80 -8.23 -3.48
N LEU A 94 -11.72 -7.92 -2.58
CA LEU A 94 -11.62 -6.73 -1.75
C LEU A 94 -10.70 -7.01 -0.58
N GLN A 95 -9.53 -6.40 -0.59
CA GLN A 95 -8.55 -6.64 0.44
C GLN A 95 -8.34 -5.38 1.26
N LEU A 96 -8.78 -5.43 2.51
CA LEU A 96 -8.63 -4.31 3.43
C LEU A 96 -7.27 -4.37 4.11
N ASN A 97 -6.32 -3.63 3.58
CA ASN A 97 -4.98 -3.56 4.16
C ASN A 97 -4.88 -2.34 5.07
N VAL A 98 -4.99 -2.58 6.36
CA VAL A 98 -4.92 -1.52 7.35
C VAL A 98 -3.51 -1.40 7.89
N THR A 99 -2.86 -0.31 7.55
CA THR A 99 -1.54 -0.03 8.07
C THR A 99 -1.66 0.77 9.37
N ASP A 100 -1.45 0.09 10.49
CA ASP A 100 -1.51 0.71 11.81
C ASP A 100 -0.50 1.86 11.91
N ARG A 101 -0.83 2.88 12.66
CA ARG A 101 0.03 4.04 12.78
C ARG A 101 0.60 4.17 14.20
N LYS A 102 0.09 3.37 15.13
CA LYS A 102 0.59 3.39 16.50
C LYS A 102 1.89 2.62 16.60
N THR A 103 1.89 1.41 16.07
CA THR A 103 3.08 0.57 16.04
C THR A 103 3.55 0.38 14.60
N GLY A 104 2.58 0.28 13.70
CA GLY A 104 2.87 0.15 12.29
C GLY A 104 2.95 -1.29 11.87
N GLN A 105 1.79 -1.88 11.64
CA GLN A 105 1.68 -3.26 11.22
C GLN A 105 0.62 -3.36 10.13
N THR A 106 0.89 -4.18 9.12
CA THR A 106 -0.05 -4.36 8.03
C THR A 106 -1.10 -5.41 8.37
N SER A 107 -2.25 -4.94 8.86
CA SER A 107 -3.36 -5.83 9.16
C SER A 107 -4.18 -6.08 7.90
N THR A 108 -4.00 -7.25 7.30
CA THR A 108 -4.70 -7.61 6.09
C THR A 108 -6.00 -8.33 6.41
N ILE A 109 -7.12 -7.67 6.16
CA ILE A 109 -8.43 -8.28 6.34
C ILE A 109 -9.15 -8.34 5.01
N GLN A 110 -9.09 -9.49 4.35
CA GLN A 110 -9.78 -9.67 3.08
C GLN A 110 -11.28 -9.83 3.29
N VAL A 111 -12.04 -9.46 2.28
CA VAL A 111 -13.48 -9.60 2.32
C VAL A 111 -13.87 -11.06 2.52
N SER A 112 -14.78 -11.30 3.44
CA SER A 112 -15.25 -12.65 3.70
C SER A 112 -16.31 -13.02 2.68
N GLY A 113 -15.89 -13.63 1.58
CA GLY A 113 -16.80 -14.01 0.52
C GLY A 113 -17.56 -15.28 0.84
N LEU A 114 -18.10 -15.35 2.05
CA LEU A 114 -18.83 -16.52 2.50
C LEU A 114 -20.23 -16.14 2.95
N GLN A 115 -21.14 -16.03 1.97
CA GLN A 115 -22.53 -15.75 2.27
C GLN A 115 -23.43 -16.75 1.53
N ASN A 116 -22.92 -17.26 0.40
CA ASN A 116 -23.58 -18.27 -0.44
C ASN A 116 -25.03 -17.91 -0.79
N ASN A 117 -25.68 -18.78 -1.57
CA ASN A 117 -27.06 -18.55 -1.96
C ASN A 117 -27.69 -19.82 -2.52
N SER A 118 -28.75 -20.26 -1.89
CA SER A 118 -29.55 -21.35 -2.39
C SER A 118 -31.03 -21.06 -2.08
N THR A 119 -31.69 -20.43 -3.03
CA THR A 119 -33.06 -19.98 -2.82
C THR A 119 -34.00 -20.61 -3.83
N ASP A 120 -34.67 -21.67 -3.42
CA ASP A 120 -35.64 -22.33 -4.29
C ASP A 120 -36.74 -22.99 -3.47
N PHE A 121 -37.90 -22.37 -3.47
CA PHE A 121 -39.09 -22.97 -2.88
C PHE A 121 -40.30 -22.62 -3.74
N HIS A 122 -40.68 -23.53 -4.60
CA HIS A 122 -41.68 -23.27 -5.62
C HIS A 122 -43.10 -23.28 -5.03
N HIS A 123 -43.68 -22.09 -4.88
CA HIS A 123 -45.08 -21.97 -4.50
C HIS A 123 -45.93 -22.21 -5.74
N HIS A 124 -46.67 -23.30 -5.76
CA HIS A 124 -47.47 -23.64 -6.95
C HIS A 124 -48.92 -23.96 -6.56
N HIS A 125 -49.12 -24.37 -5.31
CA HIS A 125 -50.44 -24.75 -4.80
C HIS A 125 -50.94 -26.02 -5.47
N HIS A 126 -52.00 -26.59 -4.92
CA HIS A 126 -52.67 -27.71 -5.57
C HIS A 126 -54.14 -27.34 -5.79
N HIS A 127 -54.66 -27.74 -6.94
CA HIS A 127 -56.06 -27.43 -7.31
C HIS A 127 -56.24 -25.92 -7.49
N MET A 1 64.34 -35.69 -35.57
CA MET A 1 65.25 -34.82 -36.32
C MET A 1 64.47 -34.02 -37.37
N ALA A 2 64.53 -32.69 -37.25
CA ALA A 2 63.88 -31.77 -38.19
C ALA A 2 62.35 -31.81 -38.08
N GLY A 3 61.76 -32.94 -38.45
CA GLY A 3 60.32 -33.07 -38.44
C GLY A 3 59.74 -33.20 -37.05
N THR A 4 59.66 -32.09 -36.35
CA THR A 4 59.11 -32.06 -34.99
C THR A 4 58.48 -30.69 -34.73
N MET A 5 57.92 -30.09 -35.77
CA MET A 5 57.35 -28.76 -35.66
C MET A 5 55.85 -28.80 -35.36
N THR A 6 55.45 -28.11 -34.31
CA THR A 6 54.04 -28.01 -33.93
C THR A 6 53.62 -26.54 -33.91
N PHE A 7 52.60 -26.20 -34.69
CA PHE A 7 52.18 -24.82 -34.81
C PHE A 7 50.76 -24.62 -34.33
N GLN A 8 49.79 -25.12 -35.08
CA GLN A 8 48.37 -24.89 -34.79
C GLN A 8 48.11 -23.38 -34.81
N PHE A 9 48.75 -22.73 -35.76
CA PHE A 9 48.80 -21.27 -35.84
C PHE A 9 47.51 -20.70 -36.41
N ARG A 10 46.83 -21.48 -37.23
CA ARG A 10 45.62 -21.01 -37.90
C ARG A 10 44.42 -21.07 -36.96
N ASN A 11 43.74 -19.95 -36.79
CA ASN A 11 42.57 -19.86 -35.93
C ASN A 11 41.33 -20.32 -36.70
N PRO A 12 40.28 -20.76 -35.98
CA PRO A 12 39.03 -21.23 -36.59
C PRO A 12 38.39 -20.19 -37.50
N ASN A 13 38.42 -18.93 -37.07
CA ASN A 13 37.85 -17.81 -37.82
C ASN A 13 36.32 -17.89 -37.89
N PHE A 14 35.67 -16.84 -37.42
CA PHE A 14 34.22 -16.76 -37.49
C PHE A 14 33.81 -15.49 -38.23
N GLY A 15 32.64 -15.51 -38.82
CA GLY A 15 32.17 -14.36 -39.57
C GLY A 15 31.73 -14.74 -40.96
N GLY A 16 30.44 -14.61 -41.22
CA GLY A 16 29.91 -14.91 -42.54
C GLY A 16 28.47 -14.46 -42.65
N ASN A 17 27.80 -14.85 -43.74
CA ASN A 17 26.41 -14.48 -43.97
C ASN A 17 26.26 -12.96 -44.15
N PRO A 18 25.11 -12.49 -44.66
CA PRO A 18 24.82 -11.06 -44.72
C PRO A 18 24.56 -10.48 -43.33
N ASN A 19 25.59 -10.55 -42.49
CA ASN A 19 25.53 -10.03 -41.13
C ASN A 19 26.58 -8.96 -40.98
N ASN A 20 26.18 -7.72 -41.23
CA ASN A 20 27.12 -6.61 -41.26
C ASN A 20 26.96 -5.76 -40.01
N GLY A 21 28.02 -5.70 -39.22
CA GLY A 21 28.00 -4.89 -38.02
C GLY A 21 28.06 -3.41 -38.35
N ALA A 22 26.90 -2.78 -38.38
CA ALA A 22 26.81 -1.38 -38.74
C ALA A 22 26.89 -0.49 -37.50
N PHE A 23 28.08 -0.40 -36.93
CA PHE A 23 28.32 0.44 -35.78
C PHE A 23 29.53 1.33 -36.01
N LEU A 24 29.42 2.58 -35.62
CA LEU A 24 30.51 3.53 -35.75
C LEU A 24 30.59 4.37 -34.48
N LEU A 25 31.69 5.13 -34.35
CA LEU A 25 31.93 6.03 -33.22
C LEU A 25 31.80 5.29 -31.87
N ASN A 26 31.86 6.04 -30.79
CA ASN A 26 31.69 5.47 -29.45
C ASN A 26 31.38 6.56 -28.43
N SER A 27 31.10 6.14 -27.21
CA SER A 27 30.79 7.08 -26.14
C SER A 27 31.08 6.45 -24.78
N ALA A 28 31.40 7.30 -23.81
CA ALA A 28 31.53 6.85 -22.42
C ALA A 28 30.15 6.77 -21.80
N GLN A 29 29.85 5.64 -21.17
CA GLN A 29 28.50 5.41 -20.68
C GLN A 29 28.42 5.69 -19.18
N ALA A 30 27.18 5.68 -18.67
CA ALA A 30 26.90 5.95 -17.25
C ALA A 30 27.21 7.40 -16.88
N GLN A 31 27.23 7.69 -15.59
CA GLN A 31 27.44 9.04 -15.07
C GLN A 31 26.39 9.99 -15.64
N ASN A 32 25.13 9.61 -15.47
CA ASN A 32 24.02 10.43 -15.93
C ASN A 32 23.97 11.76 -15.19
N SER A 33 24.04 11.68 -13.86
CA SER A 33 24.05 12.86 -12.99
C SER A 33 22.78 13.70 -13.13
N TYR A 34 22.70 14.47 -14.21
CA TYR A 34 21.59 15.39 -14.41
C TYR A 34 21.13 15.41 -15.87
N LYS A 35 21.74 14.59 -16.71
CA LYS A 35 21.36 14.56 -18.12
C LYS A 35 20.42 13.40 -18.40
N ASP A 36 20.04 12.70 -17.34
CA ASP A 36 19.17 11.54 -17.46
C ASP A 36 17.71 11.97 -17.56
N PRO A 37 16.92 11.23 -18.35
CA PRO A 37 15.51 11.51 -18.55
C PRO A 37 14.67 11.20 -17.33
N SER A 38 13.52 11.84 -17.23
CA SER A 38 12.59 11.60 -16.13
C SER A 38 11.16 11.86 -16.60
N TYR A 39 10.98 12.88 -17.42
CA TYR A 39 9.69 13.15 -18.02
C TYR A 39 9.87 13.97 -19.31
N ASN A 40 9.13 13.56 -20.34
CA ASN A 40 9.14 14.26 -21.64
C ASN A 40 10.46 14.02 -22.39
N ASP A 41 11.25 13.09 -21.88
CA ASP A 41 12.51 12.72 -22.53
C ASP A 41 12.84 11.27 -22.23
N ASP A 42 13.49 10.63 -23.18
CA ASP A 42 14.00 9.28 -22.99
C ASP A 42 15.22 9.06 -23.85
N PHE A 43 15.83 10.18 -24.26
CA PHE A 43 16.94 10.13 -25.20
C PHE A 43 18.26 10.39 -24.49
N GLY A 44 18.16 10.93 -23.28
CA GLY A 44 19.36 11.22 -22.49
C GLY A 44 19.89 9.99 -21.76
N ILE A 45 19.84 8.85 -22.41
CA ILE A 45 20.35 7.62 -21.83
C ILE A 45 21.41 7.02 -22.74
N GLU A 46 20.97 6.60 -23.93
CA GLU A 46 21.84 5.99 -24.95
C GLU A 46 22.35 4.62 -24.49
N THR A 47 23.24 4.61 -23.51
CA THR A 47 23.87 3.39 -23.06
C THR A 47 23.66 3.20 -21.55
N PRO A 48 22.55 2.55 -21.17
CA PRO A 48 22.20 2.35 -19.76
C PRO A 48 23.12 1.36 -19.05
N SER A 49 23.78 1.83 -17.99
CA SER A 49 24.65 0.98 -17.20
C SER A 49 23.93 0.44 -15.95
N ALA A 50 23.95 1.21 -14.87
CA ALA A 50 23.37 0.76 -13.61
C ALA A 50 21.94 1.27 -13.43
N LEU A 51 21.38 1.79 -14.51
CA LEU A 51 20.00 2.30 -14.48
C LEU A 51 19.12 1.52 -15.45
N ASP A 52 19.72 0.54 -16.12
CA ASP A 52 19.05 -0.22 -17.17
C ASP A 52 17.85 -0.98 -16.63
N ASN A 53 18.11 -1.88 -15.68
CA ASN A 53 17.07 -2.74 -15.16
C ASN A 53 16.19 -2.00 -14.16
N PHE A 54 16.67 -0.84 -13.72
CA PHE A 54 15.89 0.01 -12.84
C PHE A 54 14.65 0.54 -13.56
N THR A 55 14.87 1.24 -14.67
CA THR A 55 13.76 1.80 -15.43
C THR A 55 13.04 0.69 -16.20
N GLN A 56 13.66 -0.48 -16.26
CA GLN A 56 13.09 -1.63 -16.94
C GLN A 56 11.89 -2.15 -16.17
N ALA A 57 12.09 -2.32 -14.86
CA ALA A 57 11.03 -2.79 -13.97
C ALA A 57 9.92 -1.76 -13.84
N ILE A 58 10.29 -0.49 -14.00
CA ILE A 58 9.31 0.60 -13.91
C ILE A 58 8.26 0.48 -15.01
N GLN A 59 8.71 0.10 -16.19
CA GLN A 59 7.81 -0.07 -17.33
C GLN A 59 6.81 -1.19 -17.07
N SER A 60 7.24 -2.18 -16.30
CA SER A 60 6.41 -3.34 -16.01
C SER A 60 5.44 -3.04 -14.87
N GLN A 61 5.91 -2.34 -13.84
CA GLN A 61 5.10 -2.06 -12.66
C GLN A 61 3.93 -1.13 -12.99
N ILE A 62 4.04 -0.42 -14.11
CA ILE A 62 2.96 0.43 -14.58
C ILE A 62 1.73 -0.42 -14.87
N LEU A 63 1.96 -1.51 -15.59
CA LEU A 63 0.90 -2.46 -15.91
C LEU A 63 0.37 -3.11 -14.65
N GLY A 64 1.28 -3.50 -13.76
CA GLY A 64 0.88 -4.14 -12.51
C GLY A 64 -0.05 -3.27 -11.69
N GLY A 65 0.27 -1.99 -11.58
CA GLY A 65 -0.56 -1.08 -10.84
C GLY A 65 -1.83 -0.71 -11.59
N LEU A 66 -1.69 -0.42 -12.88
CA LEU A 66 -2.81 -0.01 -13.72
C LEU A 66 -3.90 -1.07 -13.74
N LEU A 67 -3.52 -2.32 -14.01
CA LEU A 67 -4.49 -3.40 -14.14
C LEU A 67 -5.23 -3.66 -12.83
N SER A 68 -4.69 -3.16 -11.73
CA SER A 68 -5.34 -3.32 -10.45
C SER A 68 -6.48 -2.31 -10.32
N ASN A 69 -6.20 -1.07 -10.70
CA ASN A 69 -7.18 0.02 -10.57
C ASN A 69 -8.21 -0.04 -11.69
N ILE A 70 -7.95 -0.86 -12.70
CA ILE A 70 -8.90 -1.05 -13.80
C ILE A 70 -10.21 -1.61 -13.28
N ASN A 71 -10.11 -2.53 -12.32
CA ASN A 71 -11.29 -3.19 -11.75
C ASN A 71 -12.18 -2.18 -11.06
N THR A 72 -11.74 -1.68 -9.92
CA THR A 72 -12.45 -0.62 -9.23
C THR A 72 -11.46 0.43 -8.76
N GLY A 73 -11.32 1.50 -9.54
CA GLY A 73 -10.27 2.47 -9.30
C GLY A 73 -10.68 3.60 -8.37
N LYS A 74 -11.78 3.42 -7.64
CA LYS A 74 -12.18 4.40 -6.65
C LYS A 74 -11.05 4.62 -5.63
N PRO A 75 -11.03 5.80 -4.96
CA PRO A 75 -9.94 6.25 -4.08
C PRO A 75 -9.05 5.15 -3.50
N GLY A 76 -9.67 4.19 -2.82
CA GLY A 76 -8.91 3.07 -2.28
C GLY A 76 -8.22 3.41 -0.97
N ARG A 77 -7.42 4.46 -1.00
CA ARG A 77 -6.74 4.95 0.20
C ARG A 77 -7.75 5.57 1.16
N MET A 78 -8.01 4.87 2.25
CA MET A 78 -8.93 5.34 3.27
C MET A 78 -8.19 6.16 4.31
N VAL A 79 -8.34 7.47 4.25
CA VAL A 79 -7.63 8.36 5.15
C VAL A 79 -8.40 8.53 6.45
N THR A 80 -8.34 7.51 7.29
CA THR A 80 -9.01 7.54 8.58
C THR A 80 -8.17 8.32 9.60
N ASN A 81 -8.61 8.34 10.85
CA ASN A 81 -7.91 9.11 11.88
C ASN A 81 -6.70 8.33 12.39
N ASP A 82 -6.89 7.02 12.62
CA ASP A 82 -5.80 6.18 13.10
C ASP A 82 -5.24 5.37 11.94
N TYR A 83 -5.97 4.32 11.55
CA TYR A 83 -5.48 3.40 10.54
C TYR A 83 -5.66 3.98 9.13
N ILE A 84 -4.56 4.24 8.45
CA ILE A 84 -4.61 4.60 7.04
C ILE A 84 -4.69 3.34 6.21
N VAL A 85 -5.88 3.04 5.72
CA VAL A 85 -6.15 1.76 5.09
C VAL A 85 -5.98 1.85 3.58
N ASP A 86 -5.39 0.81 3.00
CA ASP A 86 -5.26 0.72 1.55
C ASP A 86 -6.20 -0.36 1.03
N ILE A 87 -7.29 0.07 0.41
CA ILE A 87 -8.24 -0.87 -0.17
C ILE A 87 -7.74 -1.37 -1.51
N ALA A 88 -7.42 -2.66 -1.56
CA ALA A 88 -6.91 -3.26 -2.78
C ALA A 88 -7.94 -4.16 -3.43
N ASN A 89 -8.47 -3.70 -4.57
CA ASN A 89 -9.38 -4.52 -5.35
C ASN A 89 -8.71 -4.94 -6.65
N ARG A 90 -7.92 -6.00 -6.58
CA ARG A 90 -7.22 -6.48 -7.76
C ARG A 90 -7.90 -7.75 -8.26
N ASP A 91 -8.34 -7.70 -9.51
CA ASP A 91 -9.00 -8.82 -10.18
C ASP A 91 -10.38 -9.08 -9.57
N GLY A 92 -10.41 -9.82 -8.46
CA GLY A 92 -11.68 -10.15 -7.84
C GLY A 92 -11.58 -10.18 -6.32
N GLN A 93 -10.48 -9.68 -5.79
CA GLN A 93 -10.27 -9.68 -4.36
C GLN A 93 -10.51 -8.31 -3.76
N LEU A 94 -11.37 -8.25 -2.74
CA LEU A 94 -11.51 -7.06 -1.93
C LEU A 94 -10.65 -7.22 -0.67
N GLN A 95 -9.47 -6.64 -0.69
CA GLN A 95 -8.53 -6.81 0.40
C GLN A 95 -8.33 -5.48 1.13
N LEU A 96 -8.51 -5.51 2.44
CA LEU A 96 -8.43 -4.32 3.26
C LEU A 96 -7.11 -4.30 4.03
N ASN A 97 -6.16 -3.52 3.52
CA ASN A 97 -4.83 -3.44 4.13
C ASN A 97 -4.78 -2.35 5.19
N VAL A 98 -4.93 -2.76 6.45
CA VAL A 98 -4.92 -1.84 7.57
C VAL A 98 -3.51 -1.66 8.11
N THR A 99 -2.99 -0.46 7.99
CA THR A 99 -1.69 -0.13 8.53
C THR A 99 -1.87 0.71 9.80
N ASP A 100 -1.46 0.14 10.94
CA ASP A 100 -1.55 0.83 12.22
C ASP A 100 -0.73 2.12 12.22
N ARG A 101 -1.25 3.15 12.86
CA ARG A 101 -0.64 4.48 12.85
C ARG A 101 0.38 4.64 13.96
N LYS A 102 0.40 3.69 14.89
CA LYS A 102 1.20 3.83 16.10
C LYS A 102 2.41 2.91 16.09
N THR A 103 2.17 1.61 16.16
CA THR A 103 3.25 0.62 16.12
C THR A 103 3.60 0.30 14.67
N GLY A 104 2.59 0.34 13.81
CA GLY A 104 2.81 0.10 12.41
C GLY A 104 2.45 -1.30 11.99
N GLN A 105 1.59 -1.94 12.76
CA GLN A 105 1.10 -3.27 12.42
C GLN A 105 0.38 -3.25 11.08
N THR A 106 0.73 -4.18 10.21
CA THR A 106 0.07 -4.29 8.93
C THR A 106 -0.91 -5.46 8.94
N SER A 107 -2.13 -5.18 9.35
CA SER A 107 -3.16 -6.19 9.45
C SER A 107 -3.93 -6.27 8.14
N THR A 108 -3.68 -7.30 7.37
CA THR A 108 -4.32 -7.47 6.07
C THR A 108 -5.60 -8.28 6.22
N ILE A 109 -6.74 -7.61 6.10
CA ILE A 109 -8.03 -8.24 6.30
C ILE A 109 -8.78 -8.39 4.99
N GLN A 110 -9.02 -9.63 4.58
CA GLN A 110 -9.81 -9.91 3.39
C GLN A 110 -11.28 -9.60 3.63
N VAL A 111 -12.05 -9.60 2.54
CA VAL A 111 -13.46 -9.31 2.59
C VAL A 111 -14.24 -10.44 3.28
N SER A 112 -14.74 -10.16 4.47
CA SER A 112 -15.53 -11.13 5.20
C SER A 112 -17.00 -10.70 5.21
N GLY A 113 -17.78 -11.24 4.28
CA GLY A 113 -19.19 -10.89 4.19
C GLY A 113 -20.07 -12.01 4.69
N LEU A 114 -19.77 -12.52 5.87
CA LEU A 114 -20.55 -13.59 6.46
C LEU A 114 -21.13 -13.14 7.79
N GLN A 115 -22.45 -13.09 7.86
CA GLN A 115 -23.14 -12.64 9.06
C GLN A 115 -24.11 -13.70 9.56
N ASN A 116 -23.65 -14.55 10.47
CA ASN A 116 -24.51 -15.55 11.08
C ASN A 116 -25.19 -14.97 12.32
N ASN A 117 -26.34 -14.36 12.11
CA ASN A 117 -27.08 -13.72 13.20
C ASN A 117 -27.83 -14.76 14.02
N SER A 118 -27.74 -14.65 15.33
CA SER A 118 -28.41 -15.57 16.23
C SER A 118 -28.89 -14.82 17.47
N THR A 119 -29.97 -15.30 18.06
CA THR A 119 -30.54 -14.65 19.24
C THR A 119 -30.20 -15.45 20.49
N ASP A 120 -30.05 -14.75 21.61
CA ASP A 120 -29.68 -15.39 22.86
C ASP A 120 -30.93 -15.67 23.69
N PHE A 121 -31.24 -16.95 23.86
CA PHE A 121 -32.47 -17.36 24.54
C PHE A 121 -32.16 -18.03 25.86
N HIS A 122 -33.21 -18.40 26.59
CA HIS A 122 -33.10 -19.05 27.89
C HIS A 122 -32.36 -18.15 28.89
N HIS A 123 -33.09 -17.22 29.49
CA HIS A 123 -32.51 -16.31 30.46
C HIS A 123 -33.04 -16.57 31.84
N HIS A 124 -32.20 -16.38 32.84
CA HIS A 124 -32.61 -16.54 34.24
C HIS A 124 -32.86 -15.18 34.86
N HIS A 125 -34.03 -15.01 35.47
CA HIS A 125 -34.41 -13.72 36.00
C HIS A 125 -34.18 -13.63 37.50
N HIS A 126 -34.64 -14.62 38.23
CA HIS A 126 -34.61 -14.58 39.69
C HIS A 126 -34.54 -15.98 40.29
N HIS A 127 -34.53 -16.03 41.61
CA HIS A 127 -34.63 -17.30 42.32
C HIS A 127 -36.01 -17.41 42.96
N MET A 1 31.42 -49.70 -34.13
CA MET A 1 32.09 -51.01 -34.16
C MET A 1 31.29 -52.01 -33.33
N ALA A 2 30.99 -53.17 -33.94
CA ALA A 2 30.18 -54.22 -33.31
C ALA A 2 28.74 -53.74 -33.10
N GLY A 3 27.83 -54.28 -33.91
CA GLY A 3 26.44 -53.86 -33.85
C GLY A 3 25.69 -54.41 -32.65
N THR A 4 26.35 -55.25 -31.86
CA THR A 4 25.75 -55.80 -30.67
C THR A 4 25.55 -54.72 -29.61
N MET A 5 24.31 -54.26 -29.46
CA MET A 5 23.99 -53.21 -28.51
C MET A 5 22.59 -53.43 -27.94
N THR A 6 22.52 -53.90 -26.71
CA THR A 6 21.24 -54.24 -26.09
C THR A 6 21.07 -53.53 -24.75
N PHE A 7 19.94 -52.86 -24.58
CA PHE A 7 19.65 -52.14 -23.35
C PHE A 7 18.68 -52.93 -22.48
N GLN A 8 17.61 -53.42 -23.10
CA GLN A 8 16.51 -54.03 -22.36
C GLN A 8 15.92 -53.03 -21.39
N PHE A 9 15.67 -51.83 -21.90
CA PHE A 9 15.23 -50.72 -21.08
C PHE A 9 13.71 -50.73 -20.96
N ARG A 10 13.20 -50.20 -19.86
CA ARG A 10 11.77 -50.21 -19.58
C ARG A 10 11.20 -48.80 -19.63
N ASN A 11 9.87 -48.72 -19.72
CA ASN A 11 9.17 -47.44 -19.68
C ASN A 11 7.90 -47.59 -18.84
N PRO A 12 8.02 -47.42 -17.52
CA PRO A 12 6.89 -47.59 -16.60
C PRO A 12 5.83 -46.51 -16.75
N ASN A 13 6.29 -45.25 -16.84
CA ASN A 13 5.41 -44.07 -16.92
C ASN A 13 4.69 -43.85 -15.59
N PHE A 14 4.98 -42.73 -14.95
CA PHE A 14 4.44 -42.44 -13.62
C PHE A 14 2.99 -41.98 -13.71
N GLY A 15 2.33 -41.91 -12.56
CA GLY A 15 0.92 -41.58 -12.54
C GLY A 15 0.65 -40.11 -12.32
N GLY A 16 -0.55 -39.67 -12.66
CA GLY A 16 -0.91 -38.28 -12.49
C GLY A 16 -1.19 -37.93 -11.04
N ASN A 17 -2.37 -38.32 -10.56
CA ASN A 17 -2.78 -38.00 -9.19
C ASN A 17 -2.60 -39.23 -8.30
N PRO A 18 -2.22 -39.01 -7.03
CA PRO A 18 -2.09 -40.08 -6.04
C PRO A 18 -3.45 -40.56 -5.53
N ASN A 19 -4.24 -39.61 -5.03
CA ASN A 19 -5.57 -39.89 -4.51
C ASN A 19 -6.27 -38.55 -4.24
N ASN A 20 -7.57 -38.60 -3.95
CA ASN A 20 -8.36 -37.40 -3.63
C ASN A 20 -8.62 -36.57 -4.86
N GLY A 21 -9.88 -36.50 -5.26
CA GLY A 21 -10.24 -35.80 -6.46
C GLY A 21 -11.35 -34.79 -6.26
N ALA A 22 -12.56 -35.27 -6.04
CA ALA A 22 -13.71 -34.40 -5.93
C ALA A 22 -14.70 -34.91 -4.88
N PHE A 23 -15.37 -33.99 -4.20
CA PHE A 23 -16.40 -34.32 -3.24
C PHE A 23 -17.66 -33.51 -3.53
N LEU A 24 -18.70 -34.18 -3.99
CA LEU A 24 -19.94 -33.51 -4.34
C LEU A 24 -20.99 -33.74 -3.24
N LEU A 25 -22.24 -33.41 -3.55
CA LEU A 25 -23.38 -33.51 -2.61
C LEU A 25 -23.17 -32.66 -1.35
N ASN A 26 -24.12 -32.72 -0.44
CA ASN A 26 -24.09 -31.90 0.76
C ASN A 26 -24.66 -32.68 1.94
N SER A 27 -24.25 -32.32 3.14
CA SER A 27 -24.78 -32.96 4.34
C SER A 27 -26.24 -32.59 4.55
N ALA A 28 -26.48 -31.44 5.18
CA ALA A 28 -27.84 -30.97 5.44
C ALA A 28 -27.84 -29.53 5.95
N GLN A 29 -27.90 -28.58 5.04
CA GLN A 29 -27.97 -27.17 5.44
C GLN A 29 -29.42 -26.73 5.59
N ALA A 30 -30.29 -27.70 5.84
CA ALA A 30 -31.70 -27.43 6.05
C ALA A 30 -32.01 -27.27 7.53
N GLN A 31 -30.98 -27.38 8.35
CA GLN A 31 -31.13 -27.26 9.80
C GLN A 31 -30.50 -25.96 10.30
N ASN A 32 -31.18 -25.31 11.22
CA ASN A 32 -30.68 -24.08 11.83
C ASN A 32 -29.43 -24.39 12.66
N SER A 33 -28.29 -23.91 12.18
CA SER A 33 -27.00 -24.19 12.79
C SER A 33 -26.73 -25.70 12.79
N TYR A 34 -26.24 -26.18 11.66
CA TYR A 34 -25.99 -27.61 11.48
C TYR A 34 -24.65 -27.99 12.07
N LYS A 35 -23.82 -26.99 12.34
CA LYS A 35 -22.47 -27.19 12.86
C LYS A 35 -21.59 -27.77 11.76
N ASP A 36 -20.45 -28.34 12.10
CA ASP A 36 -19.56 -28.92 11.10
C ASP A 36 -20.15 -30.22 10.58
N PRO A 37 -19.97 -30.51 9.28
CA PRO A 37 -20.43 -31.75 8.67
C PRO A 37 -19.48 -32.90 8.95
N SER A 38 -20.03 -34.09 9.11
CA SER A 38 -19.23 -35.25 9.53
C SER A 38 -19.60 -36.50 8.74
N TYR A 39 -20.47 -36.36 7.74
CA TYR A 39 -20.92 -37.51 6.97
C TYR A 39 -20.70 -37.27 5.48
N ASN A 40 -19.53 -37.72 5.00
CA ASN A 40 -19.20 -37.70 3.56
C ASN A 40 -19.18 -36.29 2.98
N ASP A 41 -19.32 -35.29 3.84
CA ASP A 41 -19.34 -33.90 3.41
C ASP A 41 -18.66 -33.03 4.46
N ASP A 42 -18.10 -31.92 4.02
CA ASP A 42 -17.52 -30.94 4.91
C ASP A 42 -17.74 -29.53 4.34
N PHE A 43 -18.61 -29.46 3.33
CA PHE A 43 -18.91 -28.19 2.67
C PHE A 43 -20.23 -27.63 3.19
N GLY A 44 -20.98 -28.46 3.93
CA GLY A 44 -22.27 -28.04 4.46
C GLY A 44 -22.15 -27.05 5.62
N ILE A 45 -21.04 -26.33 5.68
CA ILE A 45 -20.84 -25.30 6.68
C ILE A 45 -21.59 -24.04 6.27
N GLU A 46 -21.70 -23.84 4.96
CA GLU A 46 -22.36 -22.66 4.43
C GLU A 46 -23.87 -22.80 4.53
N THR A 47 -24.53 -21.72 4.89
CA THR A 47 -25.98 -21.69 4.91
C THR A 47 -26.46 -20.26 4.64
N PRO A 48 -26.60 -19.91 3.36
CA PRO A 48 -27.03 -18.57 2.95
C PRO A 48 -28.42 -18.21 3.45
N SER A 49 -28.49 -17.29 4.41
CA SER A 49 -29.76 -16.82 4.93
C SER A 49 -29.87 -15.30 4.78
N ALA A 50 -28.73 -14.62 4.71
CA ALA A 50 -28.71 -13.18 4.56
C ALA A 50 -27.55 -12.73 3.69
N LEU A 51 -26.40 -13.39 3.83
CA LEU A 51 -25.21 -13.01 3.09
C LEU A 51 -25.32 -13.38 1.61
N ASP A 52 -26.31 -14.19 1.28
CA ASP A 52 -26.51 -14.65 -0.09
C ASP A 52 -26.83 -13.48 -1.01
N ASN A 53 -27.87 -12.73 -0.68
CA ASN A 53 -28.27 -11.58 -1.48
C ASN A 53 -27.18 -10.51 -1.45
N PHE A 54 -26.45 -10.49 -0.34
CA PHE A 54 -25.36 -9.54 -0.15
C PHE A 54 -24.22 -9.81 -1.14
N THR A 55 -23.79 -11.07 -1.22
CA THR A 55 -22.66 -11.44 -2.06
C THR A 55 -23.02 -11.40 -3.56
N GLN A 56 -24.31 -11.45 -3.85
CA GLN A 56 -24.79 -11.45 -5.24
C GLN A 56 -24.43 -10.14 -5.94
N ALA A 57 -24.64 -9.03 -5.24
CA ALA A 57 -24.37 -7.71 -5.82
C ALA A 57 -22.87 -7.45 -5.94
N ILE A 58 -22.09 -8.12 -5.09
CA ILE A 58 -20.65 -7.88 -5.05
C ILE A 58 -19.96 -8.55 -6.24
N GLN A 59 -20.64 -9.51 -6.86
CA GLN A 59 -20.07 -10.24 -7.98
C GLN A 59 -19.90 -9.32 -9.19
N SER A 60 -20.61 -8.20 -9.19
CA SER A 60 -20.50 -7.24 -10.28
C SER A 60 -19.19 -6.45 -10.20
N GLN A 61 -18.73 -6.15 -8.99
CA GLN A 61 -17.51 -5.35 -8.83
C GLN A 61 -16.27 -6.22 -8.97
N ILE A 62 -16.47 -7.53 -9.11
CA ILE A 62 -15.37 -8.45 -9.34
C ILE A 62 -14.74 -8.16 -10.71
N LEU A 63 -15.59 -7.80 -11.66
CA LEU A 63 -15.15 -7.46 -13.00
C LEU A 63 -14.24 -6.24 -12.98
N GLY A 64 -14.54 -5.30 -12.10
CA GLY A 64 -13.71 -4.13 -11.93
C GLY A 64 -12.34 -4.51 -11.38
N GLY A 65 -12.34 -5.44 -10.43
CA GLY A 65 -11.10 -5.93 -9.87
C GLY A 65 -10.27 -6.71 -10.88
N LEU A 66 -10.92 -7.16 -11.94
CA LEU A 66 -10.23 -7.87 -13.01
C LEU A 66 -9.43 -6.89 -13.87
N LEU A 67 -9.95 -5.67 -13.97
CA LEU A 67 -9.24 -4.61 -14.67
C LEU A 67 -8.11 -4.11 -13.79
N SER A 68 -8.41 -3.96 -12.50
CA SER A 68 -7.43 -3.53 -11.52
C SER A 68 -6.46 -4.66 -11.17
N ASN A 69 -6.57 -5.78 -11.88
CA ASN A 69 -5.74 -6.94 -11.63
C ASN A 69 -4.40 -6.81 -12.30
N ILE A 70 -4.35 -6.03 -13.38
CA ILE A 70 -3.14 -5.89 -14.16
C ILE A 70 -2.21 -4.83 -13.56
N ASN A 71 -2.74 -3.65 -13.29
CA ASN A 71 -1.91 -2.59 -12.71
C ASN A 71 -2.33 -2.31 -11.27
N THR A 72 -3.29 -1.40 -11.11
CA THR A 72 -3.80 -1.02 -9.79
C THR A 72 -5.07 -0.19 -9.97
N GLY A 73 -6.15 -0.59 -9.32
CA GLY A 73 -7.37 0.16 -9.41
C GLY A 73 -8.23 0.00 -8.19
N LYS A 74 -7.59 0.05 -7.03
CA LYS A 74 -8.28 -0.09 -5.75
C LYS A 74 -9.39 0.97 -5.61
N PRO A 75 -10.51 0.62 -4.97
CA PRO A 75 -11.68 1.50 -4.85
C PRO A 75 -11.36 2.83 -4.18
N GLY A 76 -10.60 2.77 -3.11
CA GLY A 76 -10.25 3.97 -2.39
C GLY A 76 -9.63 3.69 -1.04
N ARG A 77 -9.71 4.64 -0.15
CA ARG A 77 -9.11 4.52 1.17
C ARG A 77 -9.90 5.33 2.18
N MET A 78 -9.52 5.23 3.44
CA MET A 78 -10.09 6.06 4.48
C MET A 78 -8.98 6.86 5.16
N VAL A 79 -9.10 8.17 5.12
CA VAL A 79 -8.03 9.03 5.61
C VAL A 79 -8.19 9.33 7.10
N THR A 80 -7.44 8.58 7.89
CA THR A 80 -7.33 8.85 9.32
C THR A 80 -5.86 9.05 9.68
N ASN A 81 -5.60 9.75 10.77
CA ASN A 81 -4.23 10.08 11.14
C ASN A 81 -3.52 8.89 11.78
N ASP A 82 -4.25 8.17 12.63
CA ASP A 82 -3.66 7.07 13.41
C ASP A 82 -3.59 5.80 12.57
N TYR A 83 -4.41 5.72 11.54
CA TYR A 83 -4.46 4.53 10.71
C TYR A 83 -4.53 4.89 9.24
N ILE A 84 -3.75 4.19 8.43
CA ILE A 84 -3.84 4.32 7.00
C ILE A 84 -4.52 3.08 6.44
N VAL A 85 -5.84 3.11 6.45
CA VAL A 85 -6.62 1.97 5.99
C VAL A 85 -6.94 2.09 4.50
N ASP A 86 -6.26 1.27 3.71
CA ASP A 86 -6.35 1.32 2.26
C ASP A 86 -7.06 0.08 1.73
N ILE A 87 -8.08 0.29 0.91
CA ILE A 87 -8.88 -0.81 0.39
C ILE A 87 -8.39 -1.21 -0.99
N ALA A 88 -7.66 -2.31 -1.05
CA ALA A 88 -7.11 -2.78 -2.32
C ALA A 88 -8.09 -3.68 -3.05
N ASN A 89 -8.07 -3.62 -4.38
CA ASN A 89 -8.93 -4.45 -5.19
C ASN A 89 -8.16 -4.96 -6.40
N ARG A 90 -7.90 -6.26 -6.41
CA ARG A 90 -7.18 -6.87 -7.51
C ARG A 90 -7.68 -8.30 -7.70
N ASP A 91 -7.79 -8.71 -8.97
CA ASP A 91 -8.20 -10.08 -9.32
C ASP A 91 -9.69 -10.28 -9.03
N GLY A 92 -10.34 -9.22 -8.59
CA GLY A 92 -11.73 -9.31 -8.19
C GLY A 92 -11.87 -9.47 -6.70
N GLN A 93 -10.74 -9.70 -6.04
CA GLN A 93 -10.70 -9.87 -4.60
C GLN A 93 -10.51 -8.53 -3.91
N LEU A 94 -11.27 -8.29 -2.86
CA LEU A 94 -11.10 -7.11 -2.05
C LEU A 94 -10.16 -7.43 -0.90
N GLN A 95 -9.17 -6.57 -0.70
CA GLN A 95 -8.18 -6.77 0.34
C GLN A 95 -7.97 -5.47 1.12
N LEU A 96 -8.45 -5.46 2.35
CA LEU A 96 -8.34 -4.29 3.20
C LEU A 96 -7.03 -4.34 3.99
N ASN A 97 -6.11 -3.44 3.67
CA ASN A 97 -4.84 -3.38 4.39
C ASN A 97 -4.83 -2.20 5.34
N VAL A 98 -4.93 -2.49 6.63
CA VAL A 98 -4.84 -1.46 7.64
C VAL A 98 -3.40 -1.22 8.02
N THR A 99 -2.86 -0.10 7.59
CA THR A 99 -1.51 0.28 7.93
C THR A 99 -1.52 1.09 9.22
N ASP A 100 -1.11 0.44 10.30
CA ASP A 100 -1.11 1.05 11.62
C ASP A 100 -0.02 2.10 11.73
N ARG A 101 -0.41 3.29 12.15
CA ARG A 101 0.53 4.39 12.28
C ARG A 101 0.98 4.54 13.74
N LYS A 102 0.49 3.65 14.59
CA LYS A 102 0.80 3.71 16.01
C LYS A 102 2.06 2.91 16.30
N THR A 103 2.03 1.63 15.95
CA THR A 103 3.16 0.75 16.13
C THR A 103 3.70 0.27 14.79
N GLY A 104 2.78 0.17 13.83
CA GLY A 104 3.17 -0.23 12.49
C GLY A 104 2.67 -1.62 12.14
N GLN A 105 1.55 -1.99 12.75
CA GLN A 105 0.86 -3.22 12.38
C GLN A 105 0.37 -3.14 10.93
N THR A 106 0.09 -4.29 10.35
CA THR A 106 -0.49 -4.34 9.02
C THR A 106 -1.52 -5.45 8.96
N SER A 107 -2.74 -5.10 9.34
CA SER A 107 -3.83 -6.06 9.38
C SER A 107 -4.46 -6.16 7.99
N THR A 108 -4.33 -7.33 7.39
CA THR A 108 -4.87 -7.55 6.06
C THR A 108 -6.17 -8.34 6.12
N ILE A 109 -7.25 -7.70 5.71
CA ILE A 109 -8.56 -8.34 5.67
C ILE A 109 -8.93 -8.65 4.22
N GLN A 110 -8.67 -9.87 3.79
CA GLN A 110 -9.01 -10.31 2.45
C GLN A 110 -10.38 -10.98 2.45
N VAL A 111 -11.15 -10.74 1.39
CA VAL A 111 -12.45 -11.39 1.25
C VAL A 111 -12.27 -12.88 1.03
N SER A 112 -12.91 -13.67 1.88
CA SER A 112 -12.79 -15.13 1.83
C SER A 112 -13.26 -15.67 0.48
N GLY A 113 -14.46 -15.28 0.07
CA GLY A 113 -14.99 -15.76 -1.19
C GLY A 113 -16.41 -15.30 -1.42
N LEU A 114 -16.80 -15.19 -2.68
CA LEU A 114 -18.13 -14.77 -3.05
C LEU A 114 -18.80 -15.87 -3.87
N GLN A 115 -19.52 -16.76 -3.19
CA GLN A 115 -20.08 -17.93 -3.85
C GLN A 115 -21.55 -18.14 -3.48
N ASN A 116 -22.44 -17.74 -4.40
CA ASN A 116 -23.88 -17.90 -4.23
C ASN A 116 -24.62 -17.22 -5.39
N ASN A 117 -25.56 -17.93 -6.00
CA ASN A 117 -26.35 -17.36 -7.08
C ASN A 117 -27.76 -17.05 -6.60
N SER A 118 -28.56 -18.10 -6.37
CA SER A 118 -29.92 -17.97 -5.83
C SER A 118 -30.90 -17.35 -6.84
N THR A 119 -32.13 -17.81 -6.79
CA THR A 119 -33.18 -17.31 -7.67
C THR A 119 -34.53 -17.31 -6.95
N ASP A 120 -35.37 -16.32 -7.25
CA ASP A 120 -36.72 -16.30 -6.69
C ASP A 120 -37.73 -15.92 -7.76
N PHE A 121 -38.85 -16.61 -7.76
CA PHE A 121 -39.99 -16.23 -8.57
C PHE A 121 -41.14 -15.84 -7.66
N HIS A 122 -41.92 -14.87 -8.08
CA HIS A 122 -42.98 -14.35 -7.23
C HIS A 122 -44.21 -13.94 -8.06
N HIS A 123 -45.32 -14.58 -7.76
CA HIS A 123 -46.59 -14.29 -8.41
C HIS A 123 -47.47 -13.43 -7.50
N HIS A 124 -48.76 -13.38 -7.81
CA HIS A 124 -49.78 -12.62 -7.06
C HIS A 124 -49.42 -11.14 -6.93
N HIS A 125 -50.23 -10.39 -6.17
CA HIS A 125 -50.08 -8.95 -6.05
C HIS A 125 -50.30 -8.25 -7.39
N HIS A 126 -51.39 -8.60 -8.05
CA HIS A 126 -51.73 -7.97 -9.31
C HIS A 126 -52.69 -6.81 -9.04
N HIS A 127 -53.03 -6.63 -7.79
CA HIS A 127 -53.87 -5.54 -7.35
C HIS A 127 -53.24 -4.86 -6.14
N MET A 1 -29.17 2.93 54.22
CA MET A 1 -29.30 3.56 55.56
C MET A 1 -28.59 4.91 55.58
N ALA A 2 -27.27 4.87 55.59
CA ALA A 2 -26.48 6.10 55.63
C ALA A 2 -25.56 6.19 54.42
N GLY A 3 -25.23 7.42 54.03
CA GLY A 3 -24.33 7.63 52.92
C GLY A 3 -25.06 8.17 51.71
N THR A 4 -26.23 7.60 51.43
CA THR A 4 -27.03 8.03 50.29
C THR A 4 -28.29 8.74 50.79
N MET A 5 -28.14 9.49 51.86
CA MET A 5 -29.25 10.26 52.42
C MET A 5 -29.26 11.66 51.80
N THR A 6 -30.43 12.09 51.34
CA THR A 6 -30.54 13.34 50.60
C THR A 6 -30.47 14.57 51.51
N PHE A 7 -29.25 15.05 51.73
CA PHE A 7 -29.03 16.28 52.48
C PHE A 7 -27.91 17.11 51.87
N GLN A 8 -26.68 16.63 52.01
CA GLN A 8 -25.50 17.37 51.54
C GLN A 8 -25.19 17.06 50.10
N PHE A 9 -25.19 15.77 49.76
CA PHE A 9 -24.82 15.29 48.42
C PHE A 9 -23.33 15.50 48.15
N ARG A 10 -22.78 14.73 47.23
CA ARG A 10 -21.39 14.90 46.83
C ARG A 10 -21.24 16.13 45.93
N ASN A 11 -22.24 16.33 45.07
CA ASN A 11 -22.28 17.48 44.15
C ASN A 11 -21.13 17.42 43.15
N PRO A 12 -21.34 16.71 42.02
CA PRO A 12 -20.32 16.53 40.99
C PRO A 12 -19.92 17.83 40.30
N ASN A 13 -18.62 17.97 40.04
CA ASN A 13 -18.07 19.12 39.32
C ASN A 13 -18.09 20.40 40.17
N PHE A 14 -17.46 21.44 39.64
CA PHE A 14 -17.35 22.70 40.36
C PHE A 14 -17.69 23.86 39.42
N GLY A 15 -18.26 24.92 39.97
CA GLY A 15 -18.60 26.10 39.19
C GLY A 15 -17.39 26.99 38.96
N GLY A 16 -16.40 26.48 38.24
CA GLY A 16 -15.20 27.25 37.93
C GLY A 16 -14.51 26.71 36.69
N ASN A 17 -15.04 27.08 35.54
CA ASN A 17 -14.55 26.56 34.26
C ASN A 17 -13.48 27.46 33.68
N PRO A 18 -12.60 26.91 32.82
CA PRO A 18 -11.57 27.70 32.12
C PRO A 18 -12.19 28.80 31.27
N ASN A 19 -11.58 29.97 31.31
CA ASN A 19 -12.12 31.14 30.61
C ASN A 19 -11.00 31.96 29.97
N ASN A 20 -11.29 32.52 28.80
CA ASN A 20 -10.35 33.37 28.05
C ASN A 20 -9.17 32.58 27.51
N GLY A 21 -9.18 32.33 26.21
CA GLY A 21 -8.09 31.64 25.57
C GLY A 21 -7.68 32.33 24.29
N ALA A 22 -7.32 33.60 24.40
CA ALA A 22 -6.93 34.40 23.24
C ALA A 22 -5.50 34.08 22.81
N PHE A 23 -5.32 32.88 22.30
CA PHE A 23 -4.02 32.45 21.79
C PHE A 23 -4.22 31.16 21.01
N LEU A 24 -4.26 31.26 19.70
CA LEU A 24 -4.67 30.14 18.86
C LEU A 24 -3.50 29.56 18.08
N LEU A 25 -2.32 30.15 18.21
CA LEU A 25 -1.15 29.68 17.47
C LEU A 25 -0.24 28.85 18.37
N ASN A 26 0.39 29.51 19.34
CA ASN A 26 1.39 28.89 20.22
C ASN A 26 2.63 28.49 19.41
N SER A 27 3.64 29.33 19.49
CA SER A 27 4.84 29.15 18.70
C SER A 27 5.80 28.18 19.38
N ALA A 28 5.74 26.91 18.99
CA ALA A 28 6.61 25.90 19.55
C ALA A 28 8.04 26.09 19.08
N GLN A 29 8.22 26.21 17.76
CA GLN A 29 9.54 26.39 17.15
C GLN A 29 10.46 25.20 17.45
N ALA A 30 9.85 24.06 17.75
CA ALA A 30 10.59 22.86 18.10
C ALA A 30 9.97 21.64 17.46
N GLN A 31 10.79 20.64 17.21
CA GLN A 31 10.34 19.41 16.60
C GLN A 31 10.13 18.35 17.67
N ASN A 32 11.21 17.70 18.05
CA ASN A 32 11.23 16.68 19.10
C ASN A 32 12.65 16.16 19.24
N SER A 33 13.21 16.27 20.42
CA SER A 33 14.60 15.92 20.62
C SER A 33 14.77 14.44 20.91
N TYR A 34 13.66 13.71 21.02
CA TYR A 34 13.71 12.30 21.38
C TYR A 34 12.66 11.51 20.60
N LYS A 35 13.09 10.89 19.52
CA LYS A 35 12.22 10.07 18.70
C LYS A 35 12.31 8.63 19.16
N ASP A 36 13.10 8.42 20.20
CA ASP A 36 13.41 7.09 20.69
C ASP A 36 12.65 6.82 21.98
N PRO A 37 12.21 5.57 22.20
CA PRO A 37 11.50 5.20 23.42
C PRO A 37 12.39 5.29 24.66
N SER A 38 11.80 5.71 25.76
CA SER A 38 12.52 5.86 27.01
C SER A 38 11.89 4.94 28.05
N TYR A 39 10.57 4.85 28.01
CA TYR A 39 9.82 3.95 28.87
C TYR A 39 9.41 2.72 28.08
N ASN A 40 10.02 2.56 26.91
CA ASN A 40 9.78 1.42 26.01
C ASN A 40 8.36 1.50 25.41
N ASP A 41 7.66 2.58 25.71
CA ASP A 41 6.32 2.81 25.18
C ASP A 41 6.14 4.30 24.91
N ASP A 42 6.87 4.79 23.91
CA ASP A 42 6.86 6.21 23.59
C ASP A 42 6.65 6.45 22.11
N PHE A 43 7.75 6.41 21.36
CA PHE A 43 7.70 6.68 19.92
C PHE A 43 8.66 5.74 19.19
N GLY A 44 8.83 4.54 19.74
CA GLY A 44 9.74 3.56 19.14
C GLY A 44 9.17 2.89 17.91
N ILE A 45 8.64 3.71 17.01
CA ILE A 45 8.01 3.23 15.79
C ILE A 45 8.91 3.50 14.60
N GLU A 46 9.54 4.67 14.62
CA GLU A 46 10.45 5.06 13.56
C GLU A 46 11.79 4.35 13.73
N THR A 47 12.02 3.87 14.94
CA THR A 47 13.23 3.17 15.28
C THR A 47 12.89 1.75 15.78
N PRO A 48 12.79 0.79 14.84
CA PRO A 48 12.32 -0.56 15.13
C PRO A 48 13.28 -1.37 16.00
N SER A 49 13.04 -1.34 17.31
CA SER A 49 13.79 -2.18 18.24
C SER A 49 12.90 -3.34 18.72
N ALA A 50 11.90 -3.02 19.54
CA ALA A 50 11.02 -4.03 20.11
C ALA A 50 10.21 -4.74 19.04
N LEU A 51 9.77 -3.99 18.03
CA LEU A 51 8.90 -4.53 16.99
C LEU A 51 9.70 -4.98 15.76
N ASP A 52 11.02 -5.06 15.90
CA ASP A 52 11.90 -5.44 14.79
C ASP A 52 11.50 -6.80 14.23
N ASN A 53 11.22 -7.74 15.13
CA ASN A 53 10.89 -9.11 14.72
C ASN A 53 9.39 -9.27 14.48
N PHE A 54 8.70 -8.14 14.34
CA PHE A 54 7.26 -8.16 14.13
C PHE A 54 6.91 -7.42 12.84
N THR A 55 7.17 -6.12 12.82
CA THR A 55 6.80 -5.27 11.70
C THR A 55 7.59 -5.63 10.43
N GLN A 56 8.79 -6.16 10.61
CA GLN A 56 9.62 -6.55 9.48
C GLN A 56 9.04 -7.76 8.77
N ALA A 57 8.34 -8.60 9.52
CA ALA A 57 7.68 -9.76 8.95
C ALA A 57 6.44 -9.33 8.17
N ILE A 58 5.89 -8.18 8.57
CA ILE A 58 4.70 -7.64 7.93
C ILE A 58 5.05 -7.12 6.53
N GLN A 59 6.30 -6.74 6.32
CA GLN A 59 6.74 -6.23 5.03
C GLN A 59 6.42 -7.22 3.91
N SER A 60 6.49 -8.51 4.23
CA SER A 60 6.19 -9.57 3.26
C SER A 60 4.74 -9.49 2.78
N GLN A 61 3.80 -9.39 3.72
CA GLN A 61 2.39 -9.39 3.36
C GLN A 61 1.97 -8.08 2.70
N ILE A 62 2.71 -7.01 3.00
CA ILE A 62 2.42 -5.71 2.42
C ILE A 62 2.91 -5.66 0.98
N LEU A 63 4.20 -5.91 0.79
CA LEU A 63 4.83 -5.81 -0.51
C LEU A 63 4.22 -6.80 -1.51
N GLY A 64 3.80 -7.95 -1.02
CA GLY A 64 3.19 -8.94 -1.88
C GLY A 64 1.75 -8.60 -2.23
N GLY A 65 1.11 -7.81 -1.37
CA GLY A 65 -0.29 -7.50 -1.57
C GLY A 65 -0.50 -6.20 -2.30
N LEU A 66 0.53 -5.34 -2.31
CA LEU A 66 0.43 -4.01 -2.91
C LEU A 66 0.10 -4.07 -4.40
N LEU A 67 0.25 -5.24 -5.01
CA LEU A 67 -0.08 -5.41 -6.41
C LEU A 67 -1.56 -5.07 -6.65
N SER A 68 -2.41 -5.50 -5.73
CA SER A 68 -3.84 -5.27 -5.84
C SER A 68 -4.16 -3.80 -5.56
N ASN A 69 -3.29 -3.14 -4.83
CA ASN A 69 -3.49 -1.75 -4.43
C ASN A 69 -3.10 -0.79 -5.57
N ILE A 70 -2.25 -1.27 -6.47
CA ILE A 70 -1.71 -0.42 -7.53
C ILE A 70 -2.43 -0.64 -8.86
N ASN A 71 -2.78 -1.89 -9.16
CA ASN A 71 -3.30 -2.25 -10.48
C ASN A 71 -4.57 -1.51 -10.87
N THR A 72 -5.73 -2.08 -10.51
CA THR A 72 -7.02 -1.56 -10.93
C THR A 72 -8.13 -2.28 -10.17
N GLY A 73 -9.19 -1.55 -9.84
CA GLY A 73 -10.34 -2.16 -9.21
C GLY A 73 -10.97 -1.25 -8.18
N LYS A 74 -10.24 -0.99 -7.10
CA LYS A 74 -10.69 -0.11 -6.04
C LYS A 74 -11.11 1.26 -6.60
N PRO A 75 -12.16 1.86 -6.03
CA PRO A 75 -12.58 3.22 -6.40
C PRO A 75 -11.71 4.29 -5.75
N GLY A 76 -11.10 3.94 -4.62
CA GLY A 76 -10.25 4.88 -3.92
C GLY A 76 -9.58 4.27 -2.71
N ARG A 77 -8.58 4.97 -2.19
CA ARG A 77 -7.85 4.52 -1.01
C ARG A 77 -7.96 5.60 0.08
N MET A 78 -8.07 5.16 1.33
CA MET A 78 -8.26 6.10 2.43
C MET A 78 -6.92 6.44 3.08
N VAL A 79 -6.42 7.62 2.80
CA VAL A 79 -5.16 8.07 3.36
C VAL A 79 -5.41 9.09 4.46
N THR A 80 -5.21 8.67 5.70
CA THR A 80 -5.31 9.57 6.83
C THR A 80 -4.05 9.46 7.70
N ASN A 81 -3.80 10.49 8.50
CA ASN A 81 -2.59 10.55 9.32
C ASN A 81 -2.55 9.42 10.33
N ASP A 82 -3.66 9.18 11.00
CA ASP A 82 -3.70 8.23 12.10
C ASP A 82 -3.76 6.78 11.61
N TYR A 83 -4.28 6.57 10.40
CA TYR A 83 -4.37 5.22 9.84
C TYR A 83 -4.28 5.24 8.32
N ILE A 84 -3.50 4.31 7.79
CA ILE A 84 -3.39 4.15 6.35
C ILE A 84 -4.31 3.02 5.90
N VAL A 85 -5.47 3.37 5.39
CA VAL A 85 -6.45 2.39 4.98
C VAL A 85 -6.46 2.26 3.46
N ASP A 86 -5.60 1.40 2.95
CA ASP A 86 -5.47 1.22 1.51
C ASP A 86 -6.39 0.10 1.06
N ILE A 87 -7.26 0.42 0.12
CA ILE A 87 -8.26 -0.54 -0.35
C ILE A 87 -7.80 -1.21 -1.63
N ALA A 88 -7.62 -2.52 -1.56
CA ALA A 88 -7.14 -3.28 -2.70
C ALA A 88 -8.23 -4.17 -3.26
N ASN A 89 -9.02 -3.63 -4.17
CA ASN A 89 -9.98 -4.43 -4.91
C ASN A 89 -9.38 -4.79 -6.24
N ARG A 90 -9.01 -6.05 -6.40
CA ARG A 90 -8.34 -6.51 -7.60
C ARG A 90 -8.47 -8.02 -7.73
N ASP A 91 -8.55 -8.50 -8.97
CA ASP A 91 -8.54 -9.93 -9.28
C ASP A 91 -9.87 -10.58 -8.88
N GLY A 92 -10.76 -9.76 -8.33
CA GLY A 92 -12.06 -10.26 -7.92
C GLY A 92 -12.26 -10.18 -6.43
N GLN A 93 -11.16 -10.17 -5.69
CA GLN A 93 -11.21 -10.21 -4.24
C GLN A 93 -11.14 -8.81 -3.63
N LEU A 94 -11.61 -8.70 -2.40
CA LEU A 94 -11.52 -7.46 -1.65
C LEU A 94 -10.45 -7.58 -0.57
N GLN A 95 -9.41 -6.78 -0.68
CA GLN A 95 -8.33 -6.82 0.27
C GLN A 95 -8.16 -5.47 0.94
N LEU A 96 -8.14 -5.46 2.25
CA LEU A 96 -7.98 -4.23 3.01
C LEU A 96 -6.61 -4.21 3.67
N ASN A 97 -5.82 -3.18 3.35
CA ASN A 97 -4.50 -3.02 3.97
C ASN A 97 -4.49 -1.78 4.84
N VAL A 98 -4.59 -1.97 6.14
CA VAL A 98 -4.62 -0.85 7.07
C VAL A 98 -3.37 -0.83 7.96
N THR A 99 -2.58 0.22 7.81
CA THR A 99 -1.36 0.39 8.59
C THR A 99 -1.64 1.20 9.85
N ASP A 100 -1.31 0.61 10.99
CA ASP A 100 -1.44 1.27 12.29
C ASP A 100 -0.33 2.30 12.49
N ARG A 101 -0.55 3.27 13.37
CA ARG A 101 0.41 4.35 13.59
C ARG A 101 1.00 4.33 15.01
N LYS A 102 0.63 3.34 15.81
CA LYS A 102 1.14 3.25 17.18
C LYS A 102 2.12 2.08 17.29
N THR A 103 1.82 1.03 16.55
CA THR A 103 2.68 -0.15 16.49
C THR A 103 3.09 -0.42 15.04
N GLY A 104 2.29 0.09 14.11
CA GLY A 104 2.56 -0.11 12.71
C GLY A 104 2.04 -1.44 12.21
N GLN A 105 1.17 -2.06 13.01
CA GLN A 105 0.54 -3.31 12.64
C GLN A 105 -0.34 -3.12 11.41
N THR A 106 0.17 -3.53 10.26
CA THR A 106 -0.60 -3.45 9.04
C THR A 106 -1.47 -4.70 8.89
N SER A 107 -2.77 -4.52 9.05
CA SER A 107 -3.71 -5.62 8.95
C SER A 107 -4.11 -5.82 7.49
N THR A 108 -3.57 -6.86 6.89
CA THR A 108 -3.90 -7.21 5.51
C THR A 108 -5.04 -8.22 5.50
N ILE A 109 -6.26 -7.72 5.33
CA ILE A 109 -7.45 -8.55 5.41
C ILE A 109 -8.01 -8.86 4.02
N GLN A 110 -7.96 -10.14 3.64
CA GLN A 110 -8.60 -10.60 2.42
C GLN A 110 -9.98 -11.14 2.76
N VAL A 111 -11.00 -10.55 2.15
CA VAL A 111 -12.39 -10.92 2.44
C VAL A 111 -12.72 -12.35 2.02
N SER A 112 -13.20 -13.14 2.98
CA SER A 112 -13.56 -14.52 2.75
C SER A 112 -15.04 -14.64 2.40
N GLY A 113 -15.53 -15.86 2.28
CA GLY A 113 -16.95 -16.05 2.03
C GLY A 113 -17.61 -16.86 3.12
N LEU A 114 -18.75 -17.47 2.81
CA LEU A 114 -19.48 -18.28 3.78
C LEU A 114 -20.15 -19.47 3.10
N GLN A 115 -21.07 -19.17 2.18
CA GLN A 115 -21.88 -20.20 1.52
C GLN A 115 -22.74 -20.91 2.57
N ASN A 116 -23.91 -20.34 2.85
CA ASN A 116 -24.83 -20.92 3.83
C ASN A 116 -26.16 -20.19 3.77
N ASN A 117 -27.11 -20.77 3.08
CA ASN A 117 -28.44 -20.19 2.95
C ASN A 117 -29.45 -20.93 3.83
N SER A 118 -29.31 -22.24 3.91
CA SER A 118 -30.22 -23.10 4.68
C SER A 118 -31.64 -23.00 4.12
N THR A 119 -31.96 -23.91 3.20
CA THR A 119 -33.26 -23.93 2.57
C THR A 119 -34.33 -24.51 3.50
N ASP A 120 -34.89 -23.64 4.32
CA ASP A 120 -35.91 -24.05 5.29
C ASP A 120 -37.30 -23.70 4.78
N PHE A 121 -37.61 -22.40 4.81
CA PHE A 121 -38.86 -21.86 4.27
C PHE A 121 -40.09 -22.37 5.03
N HIS A 122 -40.56 -23.56 4.67
CA HIS A 122 -41.82 -24.13 5.20
C HIS A 122 -43.03 -23.33 4.75
N HIS A 123 -43.74 -23.86 3.77
CA HIS A 123 -45.00 -23.25 3.34
C HIS A 123 -46.11 -23.70 4.26
N HIS A 124 -46.34 -22.93 5.31
CA HIS A 124 -47.33 -23.29 6.30
C HIS A 124 -48.63 -22.53 6.06
N HIS A 125 -49.70 -23.27 5.87
CA HIS A 125 -51.02 -22.69 5.67
C HIS A 125 -51.92 -23.17 6.78
N HIS A 126 -53.04 -22.49 6.99
CA HIS A 126 -54.01 -22.77 8.06
C HIS A 126 -53.35 -22.68 9.45
N HIS A 127 -54.18 -22.72 10.48
CA HIS A 127 -53.67 -22.68 11.84
C HIS A 127 -54.10 -23.92 12.60
N MET A 1 5.48 70.45 42.38
CA MET A 1 5.82 69.25 43.17
C MET A 1 4.54 68.54 43.61
N ALA A 2 4.71 67.48 44.40
CA ALA A 2 3.58 66.71 44.94
C ALA A 2 2.81 66.01 43.84
N GLY A 3 3.50 65.15 43.11
CA GLY A 3 2.88 64.38 42.07
C GLY A 3 3.18 62.90 42.21
N THR A 4 2.15 62.08 42.28
CA THR A 4 2.32 60.65 42.46
C THR A 4 2.63 59.97 41.13
N MET A 5 3.48 58.95 41.18
CA MET A 5 3.82 58.16 40.01
C MET A 5 3.06 56.83 40.05
N THR A 6 2.31 56.55 39.00
CA THR A 6 1.52 55.33 38.94
C THR A 6 1.27 54.90 37.49
N PHE A 7 0.84 55.84 36.66
CA PHE A 7 0.53 55.56 35.26
C PHE A 7 1.79 55.13 34.48
N GLN A 8 2.59 56.12 34.06
CA GLN A 8 3.87 55.86 33.38
C GLN A 8 3.71 54.86 32.23
N PHE A 9 2.89 55.22 31.25
CA PHE A 9 2.56 54.30 30.17
C PHE A 9 3.11 54.80 28.84
N ARG A 10 3.00 53.97 27.82
CA ARG A 10 3.48 54.29 26.48
C ARG A 10 2.88 53.32 25.47
N ASN A 11 1.95 53.82 24.64
CA ASN A 11 1.29 53.00 23.61
C ASN A 11 0.45 51.89 24.25
N PRO A 12 -0.83 52.19 24.56
CA PRO A 12 -1.75 51.23 25.19
C PRO A 12 -1.86 49.92 24.38
N ASN A 13 -1.76 50.05 23.06
CA ASN A 13 -1.74 48.90 22.13
C ASN A 13 -3.11 48.26 22.00
N PHE A 14 -3.74 48.49 20.85
CA PHE A 14 -4.98 47.83 20.51
C PHE A 14 -4.82 47.08 19.18
N GLY A 15 -4.71 45.77 19.27
CA GLY A 15 -4.53 44.96 18.07
C GLY A 15 -4.29 43.51 18.39
N GLY A 16 -5.16 42.93 19.19
CA GLY A 16 -5.04 41.53 19.54
C GLY A 16 -6.00 40.68 18.74
N ASN A 17 -5.47 39.99 17.73
CA ASN A 17 -6.30 39.18 16.84
C ASN A 17 -5.91 37.71 16.96
N PRO A 18 -6.86 36.78 16.77
CA PRO A 18 -6.65 35.34 16.92
C PRO A 18 -5.92 34.70 15.75
N ASN A 19 -4.59 34.60 15.88
CA ASN A 19 -3.72 33.88 14.94
C ASN A 19 -3.98 34.18 13.46
N ASN A 20 -4.89 33.42 12.86
CA ASN A 20 -5.09 33.47 11.42
C ASN A 20 -6.24 32.55 11.02
N GLY A 21 -6.51 32.50 9.72
CA GLY A 21 -7.52 31.59 9.21
C GLY A 21 -6.93 30.63 8.20
N ALA A 22 -6.14 31.19 7.28
CA ALA A 22 -5.41 30.41 6.27
C ALA A 22 -6.35 29.69 5.32
N PHE A 23 -5.80 28.78 4.52
CA PHE A 23 -6.58 28.06 3.53
C PHE A 23 -6.30 26.56 3.63
N LEU A 24 -7.31 25.76 3.38
CA LEU A 24 -7.16 24.31 3.41
C LEU A 24 -7.30 23.72 2.01
N LEU A 25 -6.21 23.15 1.51
CA LEU A 25 -6.17 22.50 0.19
C LEU A 25 -6.78 23.39 -0.91
N ASN A 26 -7.05 22.79 -2.07
CA ASN A 26 -7.77 23.47 -3.15
C ASN A 26 -8.09 22.49 -4.26
N SER A 27 -7.13 22.31 -5.16
CA SER A 27 -7.24 21.37 -6.27
C SER A 27 -6.01 21.49 -7.17
N ALA A 28 -5.46 20.37 -7.59
CA ALA A 28 -4.26 20.38 -8.41
C ALA A 28 -4.32 19.28 -9.47
N GLN A 29 -4.15 19.68 -10.73
CA GLN A 29 -4.16 18.72 -11.83
C GLN A 29 -2.91 18.92 -12.69
N ALA A 30 -2.18 17.84 -12.91
CA ALA A 30 -0.89 17.91 -13.59
C ALA A 30 -1.01 17.54 -15.06
N GLN A 31 -2.25 17.35 -15.52
CA GLN A 31 -2.47 16.99 -16.90
C GLN A 31 -2.66 18.24 -17.77
N ASN A 32 -1.53 18.82 -18.18
CA ASN A 32 -1.52 20.00 -19.04
C ASN A 32 -0.15 20.14 -19.70
N SER A 33 0.04 21.22 -20.46
CA SER A 33 1.31 21.48 -21.14
C SER A 33 1.61 20.37 -22.16
N TYR A 34 0.56 19.89 -22.82
CA TYR A 34 0.70 18.86 -23.85
C TYR A 34 0.81 19.49 -25.24
N LYS A 35 1.01 20.80 -25.26
CA LYS A 35 1.13 21.53 -26.51
C LYS A 35 2.59 21.96 -26.69
N ASP A 36 2.89 22.59 -27.84
CA ASP A 36 4.27 22.97 -28.19
C ASP A 36 5.01 23.59 -27.01
N PRO A 37 6.32 23.29 -26.91
CA PRO A 37 7.16 23.71 -25.79
C PRO A 37 7.23 25.22 -25.62
N SER A 38 7.48 25.63 -24.39
CA SER A 38 7.54 27.03 -24.03
C SER A 38 8.56 27.19 -22.91
N TYR A 39 9.65 26.42 -23.04
CA TYR A 39 10.70 26.34 -22.02
C TYR A 39 10.19 25.55 -20.81
N ASN A 40 11.13 25.05 -19.99
CA ASN A 40 10.81 24.23 -18.82
C ASN A 40 10.32 22.85 -19.22
N ASP A 41 10.35 22.60 -20.52
CA ASP A 41 10.02 21.30 -21.10
C ASP A 41 10.28 21.37 -22.59
N ASP A 42 11.01 20.38 -23.10
CA ASP A 42 11.37 20.36 -24.51
C ASP A 42 10.97 19.05 -25.15
N PHE A 43 10.03 18.36 -24.52
CA PHE A 43 9.56 17.08 -25.03
C PHE A 43 8.12 17.21 -25.54
N GLY A 44 7.41 18.23 -25.06
CA GLY A 44 6.03 18.44 -25.47
C GLY A 44 5.91 19.01 -26.87
N ILE A 45 6.64 18.43 -27.81
CA ILE A 45 6.58 18.87 -29.19
C ILE A 45 5.68 17.92 -29.97
N GLU A 46 5.25 16.85 -29.29
CA GLU A 46 4.47 15.77 -29.90
C GLU A 46 5.31 15.07 -30.97
N THR A 47 6.62 15.16 -30.80
CA THR A 47 7.56 14.46 -31.67
C THR A 47 8.30 13.40 -30.86
N PRO A 48 7.70 12.20 -30.75
CA PRO A 48 8.24 11.14 -29.89
C PRO A 48 9.58 10.60 -30.35
N SER A 49 10.64 11.08 -29.72
CA SER A 49 11.98 10.58 -29.96
C SER A 49 12.63 10.20 -28.64
N ALA A 50 12.76 11.17 -27.75
CA ALA A 50 13.35 10.94 -26.45
C ALA A 50 12.33 10.32 -25.51
N LEU A 51 11.13 10.89 -25.49
CA LEU A 51 10.05 10.38 -24.65
C LEU A 51 9.48 9.08 -25.22
N ASP A 52 9.83 8.79 -26.47
CA ASP A 52 9.34 7.59 -27.14
C ASP A 52 9.82 6.35 -26.42
N ASN A 53 11.11 6.32 -26.10
CA ASN A 53 11.70 5.19 -25.38
C ASN A 53 11.40 5.28 -23.89
N PHE A 54 10.51 6.19 -23.52
CA PHE A 54 10.14 6.36 -22.13
C PHE A 54 8.72 5.89 -21.90
N THR A 55 7.76 6.57 -22.52
CA THR A 55 6.34 6.30 -22.28
C THR A 55 5.89 4.99 -22.93
N GLN A 56 6.67 4.50 -23.90
CA GLN A 56 6.31 3.28 -24.60
C GLN A 56 6.56 2.06 -23.72
N ALA A 57 7.53 2.17 -22.83
CA ALA A 57 7.79 1.11 -21.87
C ALA A 57 6.77 1.18 -20.73
N ILE A 58 6.14 2.34 -20.61
CA ILE A 58 5.14 2.56 -19.58
C ILE A 58 3.81 1.95 -19.99
N GLN A 59 3.57 1.88 -21.29
CA GLN A 59 2.32 1.34 -21.83
C GLN A 59 2.04 -0.05 -21.28
N SER A 60 3.09 -0.84 -21.12
CA SER A 60 2.98 -2.19 -20.58
C SER A 60 2.43 -2.17 -19.15
N GLN A 61 2.99 -1.31 -18.32
CA GLN A 61 2.56 -1.24 -16.93
C GLN A 61 1.24 -0.48 -16.79
N ILE A 62 0.86 0.25 -17.83
CA ILE A 62 -0.45 0.89 -17.89
C ILE A 62 -1.52 -0.18 -18.07
N LEU A 63 -1.24 -1.12 -18.97
CA LEU A 63 -2.13 -2.26 -19.19
C LEU A 63 -2.28 -3.07 -17.92
N GLY A 64 -1.16 -3.27 -17.22
CA GLY A 64 -1.20 -3.94 -15.93
C GLY A 64 -1.95 -3.13 -14.89
N GLY A 65 -1.80 -1.81 -14.95
CA GLY A 65 -2.53 -0.94 -14.07
C GLY A 65 -4.03 -1.05 -14.28
N LEU A 66 -4.43 -1.21 -15.54
CA LEU A 66 -5.84 -1.37 -15.88
C LEU A 66 -6.45 -2.55 -15.13
N LEU A 67 -5.90 -3.75 -15.35
CA LEU A 67 -6.47 -4.96 -14.76
C LEU A 67 -6.34 -4.94 -13.23
N SER A 68 -5.59 -3.99 -12.70
CA SER A 68 -5.44 -3.87 -11.26
C SER A 68 -6.41 -2.85 -10.68
N ASN A 69 -6.52 -1.69 -11.32
CA ASN A 69 -7.30 -0.58 -10.77
C ASN A 69 -8.74 -0.58 -11.27
N ILE A 70 -8.98 -1.14 -12.46
CA ILE A 70 -10.33 -1.17 -13.02
C ILE A 70 -11.25 -2.06 -12.17
N ASN A 71 -10.64 -2.96 -11.40
CA ASN A 71 -11.40 -3.82 -10.49
C ASN A 71 -11.99 -2.98 -9.36
N THR A 72 -11.31 -1.88 -9.02
CA THR A 72 -11.75 -1.01 -7.95
C THR A 72 -12.54 0.18 -8.52
N GLY A 73 -11.96 0.83 -9.53
CA GLY A 73 -12.60 1.98 -10.14
C GLY A 73 -12.27 3.25 -9.38
N LYS A 74 -13.11 3.56 -8.40
CA LYS A 74 -12.87 4.69 -7.49
C LYS A 74 -11.52 4.52 -6.79
N PRO A 75 -10.89 5.63 -6.36
CA PRO A 75 -9.63 5.57 -5.62
C PRO A 75 -9.75 4.70 -4.38
N GLY A 76 -8.89 3.70 -4.28
CA GLY A 76 -8.96 2.77 -3.16
C GLY A 76 -8.01 3.13 -2.05
N ARG A 77 -8.24 4.27 -1.42
CA ARG A 77 -7.41 4.70 -0.30
C ARG A 77 -8.07 5.84 0.46
N MET A 78 -8.23 5.65 1.76
CA MET A 78 -8.83 6.66 2.62
C MET A 78 -7.78 7.20 3.58
N VAL A 79 -7.36 8.42 3.35
CA VAL A 79 -6.31 9.03 4.15
C VAL A 79 -6.84 9.43 5.53
N THR A 80 -6.49 8.62 6.52
CA THR A 80 -6.88 8.87 7.90
C THR A 80 -5.63 8.98 8.76
N ASN A 81 -5.65 9.89 9.73
CA ASN A 81 -4.46 10.18 10.53
C ASN A 81 -4.14 9.02 11.47
N ASP A 82 -5.17 8.38 11.97
CA ASP A 82 -5.00 7.30 12.94
C ASP A 82 -4.69 5.98 12.24
N TYR A 83 -5.36 5.73 11.14
CA TYR A 83 -5.15 4.50 10.38
C TYR A 83 -5.15 4.78 8.89
N ILE A 84 -4.05 4.45 8.23
CA ILE A 84 -3.97 4.66 6.79
C ILE A 84 -4.61 3.47 6.08
N VAL A 85 -5.85 3.66 5.66
CA VAL A 85 -6.62 2.59 5.06
C VAL A 85 -6.44 2.55 3.54
N ASP A 86 -5.69 1.56 3.07
CA ASP A 86 -5.49 1.37 1.64
C ASP A 86 -6.32 0.19 1.16
N ILE A 87 -7.18 0.43 0.19
CA ILE A 87 -8.09 -0.59 -0.30
C ILE A 87 -7.58 -1.18 -1.60
N ALA A 88 -7.29 -2.48 -1.59
CA ALA A 88 -6.83 -3.16 -2.78
C ALA A 88 -7.87 -4.15 -3.27
N ASN A 89 -8.78 -3.68 -4.11
CA ASN A 89 -9.76 -4.56 -4.72
C ASN A 89 -9.27 -4.99 -6.08
N ARG A 90 -8.51 -6.08 -6.10
CA ARG A 90 -7.92 -6.58 -7.32
C ARG A 90 -8.21 -8.07 -7.46
N ASP A 91 -8.44 -8.52 -8.70
CA ASP A 91 -8.61 -9.94 -9.00
C ASP A 91 -9.89 -10.48 -8.35
N GLY A 92 -10.83 -9.57 -8.09
CA GLY A 92 -12.09 -9.96 -7.49
C GLY A 92 -12.00 -10.14 -5.99
N GLN A 93 -10.84 -9.81 -5.43
CA GLN A 93 -10.63 -9.94 -3.99
C GLN A 93 -10.67 -8.58 -3.31
N LEU A 94 -11.39 -8.51 -2.21
CA LEU A 94 -11.41 -7.30 -1.39
C LEU A 94 -10.33 -7.38 -0.33
N GLN A 95 -9.19 -6.78 -0.60
CA GLN A 95 -8.08 -6.80 0.33
C GLN A 95 -7.91 -5.44 1.00
N LEU A 96 -8.24 -5.39 2.28
CA LEU A 96 -8.16 -4.16 3.04
C LEU A 96 -6.82 -4.08 3.75
N ASN A 97 -5.97 -3.18 3.29
CA ASN A 97 -4.64 -3.02 3.88
C ASN A 97 -4.64 -1.86 4.88
N VAL A 98 -4.86 -2.18 6.13
CA VAL A 98 -4.83 -1.18 7.19
C VAL A 98 -3.40 -0.97 7.67
N THR A 99 -2.81 0.12 7.24
CA THR A 99 -1.48 0.48 7.70
C THR A 99 -1.58 1.06 9.10
N ASP A 100 -1.19 0.26 10.08
CA ASP A 100 -1.33 0.64 11.48
C ASP A 100 -0.37 1.76 11.85
N ARG A 101 -0.87 2.70 12.62
CA ARG A 101 -0.09 3.84 13.07
C ARG A 101 0.23 3.69 14.56
N LYS A 102 -0.46 2.75 15.21
CA LYS A 102 -0.31 2.55 16.64
C LYS A 102 0.96 1.79 16.95
N THR A 103 1.11 0.62 16.35
CA THR A 103 2.30 -0.20 16.53
C THR A 103 3.05 -0.35 15.20
N GLY A 104 2.32 -0.17 14.11
CA GLY A 104 2.91 -0.23 12.79
C GLY A 104 2.81 -1.62 12.18
N GLN A 105 1.79 -2.35 12.58
CA GLN A 105 1.54 -3.67 12.04
C GLN A 105 0.44 -3.62 10.98
N THR A 106 0.83 -3.63 9.72
CA THR A 106 -0.11 -3.55 8.62
C THR A 106 -1.10 -4.71 8.68
N SER A 107 -2.34 -4.39 9.00
CA SER A 107 -3.38 -5.39 9.12
C SER A 107 -4.07 -5.60 7.78
N THR A 108 -3.54 -6.52 6.99
CA THR A 108 -4.11 -6.84 5.69
C THR A 108 -5.26 -7.85 5.87
N ILE A 109 -6.47 -7.37 5.65
CA ILE A 109 -7.66 -8.19 5.81
C ILE A 109 -8.28 -8.54 4.46
N GLN A 110 -8.21 -9.81 4.09
CA GLN A 110 -8.84 -10.29 2.87
C GLN A 110 -10.27 -10.72 3.15
N VAL A 111 -11.21 -10.06 2.50
CA VAL A 111 -12.62 -10.39 2.63
C VAL A 111 -12.93 -11.67 1.85
N SER A 112 -14.07 -12.30 2.18
CA SER A 112 -14.48 -13.56 1.55
C SER A 112 -13.67 -14.73 2.09
N GLY A 113 -13.15 -14.56 3.30
CA GLY A 113 -12.39 -15.63 3.94
C GLY A 113 -13.29 -16.64 4.62
N LEU A 114 -14.28 -16.15 5.34
CA LEU A 114 -15.22 -17.03 6.03
C LEU A 114 -16.47 -17.25 5.19
N GLN A 115 -16.49 -18.33 4.44
CA GLN A 115 -17.64 -18.69 3.63
C GLN A 115 -18.43 -19.79 4.33
N ASN A 116 -19.74 -19.79 4.14
CA ASN A 116 -20.61 -20.75 4.78
C ASN A 116 -21.75 -21.12 3.86
N ASN A 117 -21.79 -22.37 3.42
CA ASN A 117 -22.80 -22.84 2.49
C ASN A 117 -24.09 -23.21 3.22
N SER A 118 -25.17 -22.53 2.87
CA SER A 118 -26.48 -22.82 3.45
C SER A 118 -27.57 -22.63 2.39
N THR A 119 -28.59 -23.48 2.43
CA THR A 119 -29.67 -23.39 1.47
C THR A 119 -30.90 -24.15 1.95
N ASP A 120 -32.07 -23.72 1.51
CA ASP A 120 -33.31 -24.42 1.80
C ASP A 120 -34.08 -24.60 0.49
N PHE A 121 -34.43 -25.84 0.20
CA PHE A 121 -34.98 -26.18 -1.11
C PHE A 121 -36.50 -26.10 -1.12
N HIS A 122 -37.15 -27.12 -0.54
CA HIS A 122 -38.62 -27.23 -0.52
C HIS A 122 -39.17 -27.52 -1.91
N HIS A 123 -40.38 -28.08 -1.94
CA HIS A 123 -41.09 -28.30 -3.19
C HIS A 123 -42.38 -27.51 -3.17
N HIS A 124 -43.19 -27.73 -2.14
CA HIS A 124 -44.44 -26.99 -1.96
C HIS A 124 -45.04 -27.35 -0.59
N HIS A 125 -45.35 -28.63 -0.42
CA HIS A 125 -45.88 -29.17 0.85
C HIS A 125 -47.25 -28.59 1.20
N HIS A 126 -47.88 -29.19 2.21
CA HIS A 126 -49.12 -28.69 2.80
C HIS A 126 -49.50 -29.56 3.99
N HIS A 127 -50.23 -28.97 4.93
CA HIS A 127 -50.77 -29.73 6.05
C HIS A 127 -52.29 -29.73 5.96
N MET A 1 -15.00 72.82 29.15
CA MET A 1 -15.40 74.20 29.49
C MET A 1 -14.53 75.20 28.74
N ALA A 2 -15.16 76.23 28.20
CA ALA A 2 -14.45 77.27 27.47
C ALA A 2 -15.23 78.56 27.49
N GLY A 3 -14.56 79.64 27.84
CA GLY A 3 -15.20 80.93 27.87
C GLY A 3 -14.86 81.76 26.66
N THR A 4 -15.84 82.02 25.81
CA THR A 4 -15.62 82.84 24.65
C THR A 4 -16.08 84.27 24.92
N MET A 5 -15.16 85.09 25.44
CA MET A 5 -15.43 86.49 25.73
C MET A 5 -15.78 87.23 24.44
N THR A 6 -15.02 86.95 23.39
CA THR A 6 -15.30 87.47 22.06
C THR A 6 -14.47 86.75 20.99
N PHE A 7 -13.14 86.90 21.04
CA PHE A 7 -12.22 86.30 20.07
C PHE A 7 -12.49 86.80 18.65
N GLN A 8 -11.56 87.55 18.09
CA GLN A 8 -11.70 88.05 16.74
C GLN A 8 -10.47 87.67 15.91
N PHE A 9 -10.53 86.49 15.30
CA PHE A 9 -9.44 85.98 14.50
C PHE A 9 -9.97 85.07 13.40
N ARG A 10 -9.60 85.36 12.17
CA ARG A 10 -10.06 84.58 11.03
C ARG A 10 -8.96 83.64 10.57
N ASN A 11 -8.99 82.42 11.09
CA ASN A 11 -7.98 81.43 10.71
C ASN A 11 -8.45 80.64 9.49
N PRO A 12 -7.50 80.25 8.62
CA PRO A 12 -7.80 79.43 7.45
C PRO A 12 -8.09 77.98 7.81
N ASN A 13 -7.64 77.58 9.01
CA ASN A 13 -7.84 76.23 9.53
C ASN A 13 -7.09 75.19 8.68
N PHE A 14 -5.96 74.74 9.19
CA PHE A 14 -5.16 73.74 8.50
C PHE A 14 -5.00 72.49 9.34
N GLY A 15 -5.06 71.34 8.70
CA GLY A 15 -4.82 70.09 9.37
C GLY A 15 -3.35 69.71 9.32
N GLY A 16 -3.08 68.43 9.17
CA GLY A 16 -1.71 67.98 9.11
C GLY A 16 -1.55 66.75 8.24
N ASN A 17 -1.35 65.60 8.87
CA ASN A 17 -1.14 64.35 8.17
C ASN A 17 -2.21 63.34 8.55
N PRO A 18 -2.61 62.46 7.61
CA PRO A 18 -3.57 61.40 7.88
C PRO A 18 -2.97 60.34 8.81
N ASN A 19 -1.65 60.16 8.70
CA ASN A 19 -0.89 59.20 9.51
C ASN A 19 -1.24 57.76 9.12
N ASN A 20 -0.22 56.98 8.81
CA ASN A 20 -0.42 55.59 8.39
C ASN A 20 -0.60 54.68 9.59
N GLY A 21 -1.32 53.58 9.39
CA GLY A 21 -1.51 52.62 10.45
C GLY A 21 -0.41 51.58 10.47
N ALA A 22 -0.52 50.62 11.37
CA ALA A 22 0.49 49.58 11.50
C ALA A 22 0.17 48.39 10.61
N PHE A 23 1.21 47.63 10.28
CA PHE A 23 1.05 46.42 9.50
C PHE A 23 1.83 45.29 10.15
N LEU A 24 1.20 44.14 10.31
CA LEU A 24 1.82 43.02 10.98
C LEU A 24 2.02 41.85 10.03
N LEU A 25 3.29 41.51 9.79
CA LEU A 25 3.64 40.39 8.94
C LEU A 25 4.68 39.51 9.63
N ASN A 26 4.26 38.34 10.07
CA ASN A 26 5.15 37.44 10.78
C ASN A 26 5.76 36.42 9.83
N SER A 27 6.83 35.77 10.29
CA SER A 27 7.55 34.82 9.46
C SER A 27 7.60 33.44 10.13
N ALA A 28 6.62 33.20 11.01
CA ALA A 28 6.50 31.93 11.74
C ALA A 28 7.66 31.75 12.72
N GLN A 29 7.86 30.53 13.17
CA GLN A 29 8.86 30.23 14.20
C GLN A 29 9.94 29.31 13.64
N ALA A 30 11.01 29.14 14.39
CA ALA A 30 12.10 28.25 13.98
C ALA A 30 11.69 26.79 14.17
N GLN A 31 11.86 25.99 13.13
CA GLN A 31 11.45 24.60 13.18
C GLN A 31 12.65 23.68 13.42
N ASN A 32 12.39 22.54 14.07
CA ASN A 32 13.39 21.52 14.33
C ASN A 32 12.77 20.29 14.99
N SER A 33 12.92 19.13 14.34
CA SER A 33 12.43 17.85 14.88
C SER A 33 10.95 17.95 15.28
N TYR A 34 10.14 18.49 14.38
CA TYR A 34 8.74 18.75 14.65
C TYR A 34 7.89 17.47 14.68
N LYS A 35 8.46 16.38 14.16
CA LYS A 35 7.76 15.09 14.07
C LYS A 35 6.65 15.18 13.02
N ASP A 36 5.71 14.24 13.06
CA ASP A 36 4.64 14.18 12.09
C ASP A 36 3.55 15.21 12.40
N PRO A 37 2.71 15.55 11.39
CA PRO A 37 1.69 16.60 11.49
C PRO A 37 0.87 16.58 12.79
N SER A 38 0.55 17.79 13.24
CA SER A 38 -0.26 17.98 14.44
C SER A 38 -1.57 18.70 14.08
N TYR A 39 -1.94 18.62 12.81
CA TYR A 39 -3.15 19.26 12.27
C TYR A 39 -2.96 20.78 12.12
N ASN A 40 -3.88 21.41 11.37
CA ASN A 40 -3.78 22.83 10.99
C ASN A 40 -2.66 22.99 9.96
N ASP A 41 -2.36 24.21 9.55
CA ASP A 41 -1.20 24.45 8.69
C ASP A 41 0.04 24.01 9.45
N ASP A 42 0.64 22.93 8.98
CA ASP A 42 1.56 22.16 9.81
C ASP A 42 2.90 21.92 9.11
N PHE A 43 2.84 21.39 7.90
CA PHE A 43 4.03 21.06 7.11
C PHE A 43 4.99 20.09 7.83
N GLY A 44 4.47 19.30 8.76
CA GLY A 44 5.28 18.30 9.45
C GLY A 44 5.59 17.09 8.58
N ILE A 45 5.44 17.27 7.27
CA ILE A 45 5.74 16.20 6.32
C ILE A 45 7.19 16.31 5.87
N GLU A 46 7.77 17.49 6.06
CA GLU A 46 9.17 17.73 5.71
C GLU A 46 10.08 17.33 6.86
N THR A 47 9.47 16.84 7.93
CA THR A 47 10.19 16.34 9.08
C THR A 47 10.09 14.81 9.14
N PRO A 48 11.00 14.10 8.47
CA PRO A 48 10.98 12.63 8.44
C PRO A 48 11.37 12.06 9.81
N SER A 49 10.40 11.97 10.70
CA SER A 49 10.62 11.44 12.03
C SER A 49 9.79 10.18 12.26
N ALA A 50 8.88 9.89 11.32
CA ALA A 50 7.98 8.75 11.47
C ALA A 50 7.30 8.40 10.15
N LEU A 51 7.04 9.41 9.32
CA LEU A 51 6.34 9.19 8.05
C LEU A 51 7.31 8.86 6.92
N ASP A 52 8.61 9.02 7.19
CA ASP A 52 9.65 8.89 6.16
C ASP A 52 9.60 7.53 5.48
N ASN A 53 9.80 6.48 6.26
CA ASN A 53 9.90 5.12 5.71
C ASN A 53 8.58 4.71 5.06
N PHE A 54 7.48 5.18 5.62
CA PHE A 54 6.17 4.81 5.14
C PHE A 54 5.86 5.41 3.78
N THR A 55 5.88 6.74 3.69
CA THR A 55 5.47 7.42 2.47
C THR A 55 6.42 7.13 1.31
N GLN A 56 7.66 6.77 1.63
CA GLN A 56 8.64 6.41 0.62
C GLN A 56 8.46 4.96 0.19
N ALA A 57 8.07 4.10 1.12
CA ALA A 57 7.78 2.71 0.79
C ALA A 57 6.57 2.64 -0.13
N ILE A 58 5.70 3.63 -0.02
CA ILE A 58 4.54 3.73 -0.91
C ILE A 58 4.99 3.91 -2.35
N GLN A 59 6.09 4.63 -2.54
CA GLN A 59 6.64 4.86 -3.86
C GLN A 59 7.21 3.57 -4.44
N SER A 60 7.73 2.71 -3.57
CA SER A 60 8.30 1.46 -3.99
C SER A 60 7.21 0.42 -4.25
N GLN A 61 6.14 0.47 -3.45
CA GLN A 61 5.06 -0.50 -3.54
C GLN A 61 4.13 -0.20 -4.71
N ILE A 62 4.41 0.88 -5.42
CA ILE A 62 3.63 1.25 -6.60
C ILE A 62 3.71 0.15 -7.66
N LEU A 63 4.82 -0.57 -7.67
CA LEU A 63 5.07 -1.62 -8.65
C LEU A 63 4.02 -2.74 -8.57
N GLY A 64 3.33 -2.82 -7.44
CA GLY A 64 2.25 -3.76 -7.28
C GLY A 64 0.91 -3.06 -7.18
N GLY A 65 0.94 -1.87 -6.59
CA GLY A 65 -0.26 -1.07 -6.44
C GLY A 65 -0.86 -0.66 -7.77
N LEU A 66 0.00 -0.53 -8.78
CA LEU A 66 -0.46 -0.21 -10.13
C LEU A 66 -1.55 -1.16 -10.59
N LEU A 67 -1.32 -2.45 -10.38
CA LEU A 67 -2.25 -3.48 -10.84
C LEU A 67 -3.61 -3.33 -10.16
N SER A 68 -3.60 -2.82 -8.94
CA SER A 68 -4.84 -2.60 -8.19
C SER A 68 -5.56 -1.36 -8.71
N ASN A 69 -4.79 -0.34 -9.08
CA ASN A 69 -5.37 0.92 -9.56
C ASN A 69 -5.83 0.77 -11.01
N ILE A 70 -5.21 -0.17 -11.73
CA ILE A 70 -5.60 -0.45 -13.10
C ILE A 70 -7.01 -1.02 -13.15
N ASN A 71 -7.35 -1.83 -12.15
CA ASN A 71 -8.68 -2.42 -12.06
C ASN A 71 -9.73 -1.32 -12.05
N THR A 72 -9.55 -0.34 -11.17
CA THR A 72 -10.48 0.77 -11.03
C THR A 72 -11.82 0.28 -10.46
N GLY A 73 -12.10 0.68 -9.22
CA GLY A 73 -13.32 0.25 -8.57
C GLY A 73 -13.37 0.68 -7.12
N LYS A 74 -12.26 0.47 -6.42
CA LYS A 74 -12.17 0.84 -5.01
C LYS A 74 -12.46 2.33 -4.83
N PRO A 75 -13.11 2.69 -3.71
CA PRO A 75 -13.42 4.09 -3.38
C PRO A 75 -12.17 4.91 -3.07
N GLY A 76 -11.03 4.23 -3.03
CA GLY A 76 -9.79 4.90 -2.71
C GLY A 76 -9.32 4.55 -1.32
N ARG A 77 -8.08 4.88 -1.01
CA ARG A 77 -7.56 4.66 0.33
C ARG A 77 -8.31 5.56 1.31
N MET A 78 -8.81 4.97 2.38
CA MET A 78 -9.55 5.72 3.37
C MET A 78 -8.58 6.46 4.27
N VAL A 79 -8.47 7.76 4.04
CA VAL A 79 -7.57 8.60 4.82
C VAL A 79 -8.13 8.77 6.23
N THR A 80 -7.57 8.04 7.16
CA THR A 80 -7.99 8.14 8.55
C THR A 80 -7.08 9.12 9.27
N ASN A 81 -7.49 9.56 10.46
CA ASN A 81 -6.74 10.54 11.24
C ASN A 81 -5.28 10.09 11.45
N ASP A 82 -5.07 8.78 11.52
CA ASP A 82 -3.74 8.23 11.73
C ASP A 82 -3.53 7.00 10.86
N TYR A 83 -4.54 6.14 10.81
CA TYR A 83 -4.46 4.88 10.08
C TYR A 83 -4.59 5.09 8.58
N ILE A 84 -3.86 4.30 7.81
CA ILE A 84 -3.96 4.34 6.36
C ILE A 84 -4.61 3.05 5.86
N VAL A 85 -5.89 3.13 5.56
CA VAL A 85 -6.64 1.94 5.17
C VAL A 85 -6.93 1.96 3.68
N ASP A 86 -6.14 1.24 2.90
CA ASP A 86 -6.35 1.18 1.46
C ASP A 86 -7.14 -0.07 1.10
N ILE A 87 -8.22 0.14 0.36
CA ILE A 87 -9.05 -0.96 -0.09
C ILE A 87 -8.41 -1.62 -1.31
N ALA A 88 -7.50 -2.56 -1.07
CA ALA A 88 -6.76 -3.18 -2.15
C ALA A 88 -7.62 -4.19 -2.91
N ASN A 89 -8.41 -3.69 -3.85
CA ASN A 89 -9.21 -4.54 -4.72
C ASN A 89 -8.46 -4.76 -6.03
N ARG A 90 -7.85 -5.92 -6.17
CA ARG A 90 -7.06 -6.21 -7.36
C ARG A 90 -7.59 -7.45 -8.08
N ASP A 91 -8.40 -7.19 -9.11
CA ASP A 91 -8.95 -8.22 -9.97
C ASP A 91 -9.79 -9.22 -9.19
N GLY A 92 -11.05 -8.85 -8.95
CA GLY A 92 -11.97 -9.72 -8.26
C GLY A 92 -11.83 -9.65 -6.75
N GLN A 93 -10.70 -10.13 -6.23
CA GLN A 93 -10.53 -10.25 -4.78
C GLN A 93 -10.07 -8.92 -4.18
N LEU A 94 -10.28 -8.80 -2.88
CA LEU A 94 -10.01 -7.55 -2.18
C LEU A 94 -9.28 -7.84 -0.88
N GLN A 95 -8.23 -7.08 -0.60
CA GLN A 95 -7.51 -7.19 0.65
C GLN A 95 -7.54 -5.87 1.40
N LEU A 96 -8.34 -5.81 2.44
CA LEU A 96 -8.48 -4.59 3.22
C LEU A 96 -7.37 -4.49 4.25
N ASN A 97 -6.46 -3.55 4.05
CA ASN A 97 -5.33 -3.38 4.95
C ASN A 97 -5.44 -2.07 5.72
N VAL A 98 -5.49 -2.17 7.02
CA VAL A 98 -5.46 -1.00 7.87
C VAL A 98 -4.04 -0.78 8.40
N THR A 99 -3.35 0.18 7.80
CA THR A 99 -1.97 0.45 8.16
C THR A 99 -1.89 1.32 9.39
N ASP A 100 -1.52 0.70 10.52
CA ASP A 100 -1.26 1.42 11.75
C ASP A 100 0.06 2.17 11.64
N ARG A 101 0.10 3.35 12.24
CA ARG A 101 1.30 4.17 12.16
C ARG A 101 2.02 4.23 13.51
N LYS A 102 1.37 3.76 14.56
CA LYS A 102 2.00 3.79 15.88
C LYS A 102 2.95 2.61 16.03
N THR A 103 2.45 1.41 15.86
CA THR A 103 3.27 0.21 15.95
C THR A 103 3.51 -0.37 14.56
N GLY A 104 2.56 -0.12 13.66
CA GLY A 104 2.70 -0.54 12.29
C GLY A 104 2.11 -1.91 12.04
N GLN A 105 1.23 -2.35 12.92
CA GLN A 105 0.55 -3.62 12.75
C GLN A 105 -0.53 -3.49 11.69
N THR A 106 -0.19 -3.86 10.47
CA THR A 106 -1.11 -3.72 9.36
C THR A 106 -2.06 -4.91 9.28
N SER A 107 -3.21 -4.79 9.92
CA SER A 107 -4.22 -5.83 9.87
C SER A 107 -4.78 -5.90 8.45
N THR A 108 -4.32 -6.88 7.70
CA THR A 108 -4.74 -7.05 6.32
C THR A 108 -5.73 -8.20 6.22
N ILE A 109 -6.99 -7.86 6.02
CA ILE A 109 -8.06 -8.84 5.96
C ILE A 109 -8.53 -9.04 4.53
N GLN A 110 -8.31 -10.22 3.99
CA GLN A 110 -8.82 -10.56 2.68
C GLN A 110 -10.34 -10.62 2.72
N VAL A 111 -10.97 -9.74 1.96
CA VAL A 111 -12.42 -9.58 2.00
C VAL A 111 -13.10 -10.75 1.29
N SER A 112 -13.54 -11.70 2.10
CA SER A 112 -14.30 -12.83 1.61
C SER A 112 -15.23 -13.30 2.73
N GLY A 113 -14.63 -13.60 3.88
CA GLY A 113 -15.40 -13.93 5.06
C GLY A 113 -16.18 -15.22 4.90
N LEU A 114 -15.52 -16.25 4.41
CA LEU A 114 -16.17 -17.54 4.21
C LEU A 114 -15.89 -18.45 5.39
N GLN A 115 -14.60 -18.68 5.65
CA GLN A 115 -14.17 -19.64 6.67
C GLN A 115 -14.77 -21.01 6.41
N ASN A 116 -14.01 -21.86 5.74
CA ASN A 116 -14.51 -23.14 5.24
C ASN A 116 -15.04 -24.02 6.36
N ASN A 117 -16.35 -23.98 6.51
CA ASN A 117 -17.08 -24.75 7.50
C ASN A 117 -18.56 -24.50 7.28
N SER A 118 -19.19 -25.35 6.50
CA SER A 118 -20.54 -25.10 6.01
C SER A 118 -21.58 -25.50 7.05
N THR A 119 -22.65 -24.75 7.08
CA THR A 119 -23.75 -25.00 7.99
C THR A 119 -25.04 -25.26 7.22
N ASP A 120 -26.03 -25.85 7.86
CA ASP A 120 -27.32 -26.06 7.23
C ASP A 120 -28.34 -25.10 7.81
N PHE A 121 -28.78 -24.16 6.98
CA PHE A 121 -29.80 -23.20 7.39
C PHE A 121 -31.06 -23.94 7.80
N HIS A 122 -31.48 -24.86 6.92
CA HIS A 122 -32.52 -25.83 7.22
C HIS A 122 -33.91 -25.20 7.34
N HIS A 123 -34.80 -25.59 6.45
CA HIS A 123 -36.20 -25.21 6.56
C HIS A 123 -36.95 -26.27 7.32
N HIS A 124 -37.97 -25.87 8.07
CA HIS A 124 -38.71 -26.81 8.90
C HIS A 124 -40.16 -26.90 8.44
N HIS A 125 -40.62 -28.11 8.15
CA HIS A 125 -41.98 -28.31 7.69
C HIS A 125 -42.70 -29.36 8.54
N HIS A 126 -42.24 -30.60 8.44
CA HIS A 126 -42.89 -31.73 9.09
C HIS A 126 -44.36 -31.77 8.73
N HIS A 127 -44.64 -32.15 7.48
CA HIS A 127 -45.99 -32.10 6.92
C HIS A 127 -46.49 -30.65 6.88
#